data_8EE8
#
_entry.id   8EE8
#
_cell.length_a   101.840
_cell.length_b   126.680
_cell.length_c   140.480
_cell.angle_alpha   90.000
_cell.angle_beta   89.970
_cell.angle_gamma   90.000
#
_symmetry.space_group_name_H-M   'P 1 21 1'
#
loop_
_entity.id
_entity.type
_entity.pdbx_description
1 polymer 'Envelope protein E'
2 polymer 'rhMZ100-C antibody heavy chain'
3 polymer 'rhMZ100-C antibody light chain'
4 water water
#
loop_
_entity_poly.entity_id
_entity_poly.type
_entity_poly.pdbx_seq_one_letter_code
_entity_poly.pdbx_strand_id
1 'polypeptide(L)'
;IRCIGVSNRDFVEGMSGGTWVDVVLEHGGCVTVMAQDKPTVDIELVTTTVSNMAEVRSYCYEASISDMASDSRCPTQGEA
YLDKQSDTQYVCKRTLVDRGWGNGCGLFGKGSLVTCAKFACSKKMTGKSIQPENLEYRIMLSVHGSQHSGMIVNDTGHET
DENRAKVEITPNSPRAEATLGGFGSLGLDCEPRTGLDFSDLYYLTMNNKHWLVHKEWFHDIPLPWHAGADTGTPHWNNKE
ALVEFKDAHAKRQTVVVLGSQEGAVHTALAGALEAEMDGAKGRLSSGHLKCRLKMDKLRLKGVSYSLCTAAFTFTKIPAE
TLHGTVTVEVQYAGTDGPCKVPAQMAVDMQTLTPVGRLITANPVITESTENSKMMLELDPPFGDSYIVIGVGEKKITHHW
HRSGS
;
Z,E,B,A
2 'polypeptide(L)'
;EVQLVESGGGLVQPGGSLRLSCAASGFTFSSDGMSWVRQAPGKGLEWVSYISSGGATTYYADSVKGRFTISRDNSKNTLS
LQMNSLRGEDTAVYYCAKDITAPGRNGLDSWGQGVVVTVSSASTKGPSVFPLAPSSRSTSESTAALGCLVKDYFPEPVTV
SWNSGSLTSGVHTFPAVLQSSGLYSLSSVVTVPSSSLGTQTYVCNVNHKPSNTKVDKRVEIK
;
H,D
3 'polypeptide(L)'
;QSVLTQPPSLSASPGASARLPCTLSSDLNVGTKNMYWYQQKPGSAPRLFLYYYSDSDKQLGPGVPNRVSGSKETSSNTAF
LLISGLQPEDEADYYCQVYDNSARVFGGGTRLTVLGQPKAAPSVTLFPPSSEELQANKATLVCLISDFYPGAVEVAWKAD
GSAVNAGVETTKPSKQSNNKYAASSYLSLTSDQWKSHKSYSCQVTHEGSTVEKTVAPAE
;
L,C
#
# COMPACT_ATOMS: atom_id res chain seq x y z
N ARG A 2 68.20 14.39 8.11
CA ARG A 2 67.24 13.54 7.43
C ARG A 2 68.00 12.52 6.59
N CYS A 3 67.41 11.32 6.47
CA CYS A 3 67.84 10.31 5.51
C CYS A 3 69.15 9.63 5.89
N ILE A 4 69.82 10.11 6.92
CA ILE A 4 71.09 9.52 7.35
C ILE A 4 70.79 8.43 8.36
N GLY A 5 71.36 7.25 8.14
CA GLY A 5 71.05 6.09 8.96
C GLY A 5 69.80 5.35 8.55
N VAL A 6 69.09 5.81 7.52
CA VAL A 6 67.92 5.10 7.03
C VAL A 6 68.34 3.85 6.30
N SER A 7 67.70 2.72 6.64
CA SER A 7 68.06 1.45 6.03
C SER A 7 67.68 1.40 4.56
N ASN A 8 66.42 1.74 4.25
CA ASN A 8 65.93 1.72 2.87
C ASN A 8 66.24 3.06 2.20
N ARG A 9 67.52 3.25 1.89
CA ARG A 9 68.01 4.47 1.27
C ARG A 9 68.34 4.20 -0.19
N ASP A 10 68.15 5.24 -1.01
CA ASP A 10 68.49 5.21 -2.42
C ASP A 10 69.29 6.40 -2.87
N PHE A 11 70.39 6.09 -3.52
CA PHE A 11 71.24 7.13 -4.09
C PHE A 11 70.98 7.25 -5.59
N VAL A 12 69.82 7.82 -5.94
CA VAL A 12 69.52 8.05 -7.35
C VAL A 12 70.35 9.21 -7.85
N GLU A 13 71.01 9.02 -9.00
CA GLU A 13 71.90 10.03 -9.53
C GLU A 13 71.09 11.04 -10.35
N GLY A 14 71.41 12.31 -10.17
CA GLY A 14 70.75 13.36 -10.93
C GLY A 14 71.30 13.63 -12.31
N MET A 15 72.27 12.82 -12.77
CA MET A 15 72.80 12.91 -14.13
C MET A 15 73.37 14.31 -14.40
N SER A 16 74.54 14.54 -13.81
CA SER A 16 75.21 15.84 -13.79
C SER A 16 75.05 16.56 -15.12
N GLY A 17 74.47 17.76 -15.06
CA GLY A 17 74.18 18.56 -16.23
C GLY A 17 72.71 18.85 -16.43
N GLY A 18 71.85 17.84 -16.23
CA GLY A 18 70.43 18.01 -16.44
C GLY A 18 69.64 17.51 -15.25
N THR A 19 68.42 18.05 -15.10
CA THR A 19 67.68 17.74 -13.89
C THR A 19 66.91 16.41 -13.99
N TRP A 20 65.74 16.44 -14.65
CA TRP A 20 65.05 15.29 -15.23
C TRP A 20 65.28 13.94 -14.52
N VAL A 21 64.95 13.84 -13.24
CA VAL A 21 65.11 12.60 -12.49
C VAL A 21 63.74 12.05 -12.13
N ASP A 22 63.58 10.73 -12.30
CA ASP A 22 62.43 10.00 -11.81
C ASP A 22 62.82 9.23 -10.56
N VAL A 23 61.95 9.26 -9.54
CA VAL A 23 62.23 8.59 -8.28
C VAL A 23 60.99 7.81 -7.83
N VAL A 24 61.22 6.69 -7.16
CA VAL A 24 60.18 5.93 -6.49
C VAL A 24 60.26 6.23 -5.00
N LEU A 25 59.19 6.76 -4.44
CA LEU A 25 59.13 7.14 -3.03
C LEU A 25 58.40 6.05 -2.26
N GLU A 26 59.13 5.34 -1.41
CA GLU A 26 58.57 4.32 -0.55
C GLU A 26 58.31 4.86 0.84
N HIS A 27 57.35 4.24 1.53
CA HIS A 27 57.08 4.57 2.91
C HIS A 27 58.14 3.94 3.81
N GLY A 28 58.75 4.75 4.67
CA GLY A 28 59.86 4.28 5.47
C GLY A 28 61.18 4.20 4.73
N GLY A 29 61.28 4.80 3.55
CA GLY A 29 62.50 4.81 2.79
C GLY A 29 62.81 6.17 2.20
N CYS A 30 64.08 6.54 2.15
CA CYS A 30 64.49 7.85 1.68
C CYS A 30 65.17 7.77 0.32
N VAL A 31 65.29 8.92 -0.32
CA VAL A 31 65.92 9.06 -1.64
C VAL A 31 66.79 10.31 -1.62
N THR A 32 68.06 10.15 -2.00
CA THR A 32 69.03 11.24 -2.04
C THR A 32 69.31 11.59 -3.49
N VAL A 33 69.00 12.83 -3.88
CA VAL A 33 69.14 13.29 -5.26
C VAL A 33 70.32 14.25 -5.35
N MET A 34 71.26 13.96 -6.25
CA MET A 34 72.49 14.73 -6.40
C MET A 34 72.61 15.21 -7.84
N ALA A 35 72.81 16.51 -8.02
CA ALA A 35 72.90 17.12 -9.34
C ALA A 35 74.29 17.74 -9.54
N GLN A 36 74.44 18.47 -10.65
CA GLN A 36 75.75 18.92 -11.13
C GLN A 36 76.37 20.03 -10.28
N ASP A 37 75.73 21.19 -10.28
CA ASP A 37 76.17 22.33 -9.48
C ASP A 37 75.02 22.77 -8.59
N LYS A 38 74.28 21.80 -8.08
CA LYS A 38 73.05 22.01 -7.34
C LYS A 38 73.16 21.38 -5.96
N PRO A 39 72.45 21.91 -4.98
CA PRO A 39 72.51 21.34 -3.63
C PRO A 39 71.80 19.99 -3.58
N THR A 40 72.43 19.04 -2.88
CA THR A 40 71.83 17.73 -2.70
C THR A 40 70.70 17.81 -1.66
N VAL A 41 69.59 17.15 -1.97
CA VAL A 41 68.40 17.21 -1.14
C VAL A 41 67.94 15.78 -0.83
N ASP A 42 67.57 15.55 0.43
CA ASP A 42 66.98 14.29 0.85
C ASP A 42 65.46 14.39 0.79
N ILE A 43 64.81 13.36 0.25
CA ILE A 43 63.38 13.37 -0.01
C ILE A 43 62.77 12.11 0.60
N GLU A 44 61.74 12.30 1.43
CA GLU A 44 61.08 11.20 2.12
C GLU A 44 59.57 11.39 2.10
N LEU A 45 58.85 10.32 1.76
CA LEU A 45 57.40 10.28 1.92
C LEU A 45 57.12 9.78 3.33
N VAL A 46 56.58 10.67 4.17
CA VAL A 46 56.44 10.36 5.58
C VAL A 46 55.01 9.92 5.91
N THR A 47 54.03 10.48 5.21
CA THR A 47 52.64 10.30 5.59
C THR A 47 51.75 10.21 4.36
N THR A 48 50.87 9.21 4.35
CA THR A 48 49.78 9.09 3.38
C THR A 48 48.48 9.07 4.18
N THR A 49 47.56 9.97 3.86
CA THR A 49 46.36 10.16 4.66
C THR A 49 45.11 10.21 3.77
N VAL A 50 44.11 9.42 4.12
CA VAL A 50 42.76 9.57 3.59
C VAL A 50 41.97 10.45 4.56
N SER A 51 41.16 11.35 4.02
CA SER A 51 40.51 12.37 4.82
C SER A 51 38.99 12.18 4.81
N ASN A 52 38.39 12.19 5.99
CA ASN A 52 36.95 12.36 6.18
C ASN A 52 36.15 11.32 5.37
N MET A 53 36.31 10.07 5.79
CA MET A 53 35.49 9.01 5.23
C MET A 53 34.19 8.90 6.02
N ALA A 54 33.14 8.45 5.32
CA ALA A 54 31.83 8.27 5.92
C ALA A 54 31.68 6.82 6.38
N GLU A 55 31.19 6.66 7.60
CA GLU A 55 30.87 5.33 8.12
C GLU A 55 29.82 4.67 7.25
N VAL A 56 30.14 3.50 6.71
CA VAL A 56 29.26 2.79 5.79
C VAL A 56 28.41 1.80 6.56
N ARG A 57 29.05 0.87 7.24
CA ARG A 57 28.37 -0.24 7.88
C ARG A 57 29.17 -0.68 9.10
N SER A 58 28.48 -1.00 10.17
CA SER A 58 29.11 -1.44 11.41
C SER A 58 28.70 -2.88 11.71
N TYR A 59 29.65 -3.66 12.22
CA TYR A 59 29.41 -5.04 12.61
C TYR A 59 29.64 -5.19 14.11
N CYS A 60 28.86 -6.07 14.73
CA CYS A 60 29.04 -6.43 16.13
C CYS A 60 29.83 -7.73 16.23
N TYR A 61 30.83 -7.75 17.10
CA TYR A 61 31.65 -8.93 17.28
C TYR A 61 31.63 -9.49 18.70
N GLU A 62 30.91 -8.86 19.62
CA GLU A 62 30.71 -9.41 20.96
C GLU A 62 29.46 -8.79 21.54
N ALA A 63 28.52 -9.63 21.96
CA ALA A 63 27.18 -9.17 22.30
C ALA A 63 26.75 -9.73 23.66
N SER A 64 25.58 -9.30 24.11
CA SER A 64 25.00 -9.74 25.37
C SER A 64 23.53 -10.00 25.15
N ILE A 65 22.99 -11.00 25.86
CA ILE A 65 21.58 -11.34 25.79
C ILE A 65 20.95 -11.09 27.15
N SER A 66 19.63 -10.86 27.13
CA SER A 66 18.89 -10.59 28.35
C SER A 66 17.41 -10.87 28.10
N ASP A 67 16.70 -11.15 29.19
CA ASP A 67 15.26 -11.39 29.18
C ASP A 67 14.89 -12.54 28.22
N MET A 68 15.42 -13.71 28.52
CA MET A 68 15.05 -14.91 27.77
C MET A 68 13.65 -15.35 28.19
N ALA A 69 12.83 -15.72 27.21
CA ALA A 69 11.48 -16.17 27.48
C ALA A 69 11.03 -17.10 26.36
N SER A 70 10.07 -17.97 26.71
CA SER A 70 9.54 -18.95 25.76
C SER A 70 8.04 -19.06 25.95
N ASP A 71 7.34 -19.31 24.84
CA ASP A 71 5.93 -19.62 24.84
C ASP A 71 5.70 -20.90 24.06
N SER A 72 4.83 -21.76 24.57
CA SER A 72 4.57 -23.07 23.99
C SER A 72 3.08 -23.25 23.77
N ARG A 73 2.73 -24.10 22.81
CA ARG A 73 1.34 -24.41 22.49
C ARG A 73 1.21 -25.88 22.12
N CYS A 74 0.06 -26.46 22.48
CA CYS A 74 -0.29 -27.85 22.16
C CYS A 74 -0.42 -28.03 20.65
N PRO A 75 -0.45 -29.26 20.14
CA PRO A 75 -0.54 -29.46 18.68
C PRO A 75 -1.79 -28.89 18.05
N THR A 76 -2.91 -28.80 18.78
CA THR A 76 -4.18 -28.37 18.21
C THR A 76 -4.62 -27.01 18.77
N GLN A 77 -3.66 -26.15 19.10
CA GLN A 77 -3.96 -24.80 19.57
C GLN A 77 -3.17 -23.75 18.80
N GLY A 78 -2.79 -24.07 17.56
CA GLY A 78 -2.21 -23.08 16.67
C GLY A 78 -0.72 -22.85 16.92
N GLU A 79 -0.30 -21.62 16.61
CA GLU A 79 1.11 -21.24 16.70
C GLU A 79 1.40 -20.57 18.03
N ALA A 80 2.62 -20.78 18.52
CA ALA A 80 3.08 -20.10 19.72
C ALA A 80 3.32 -18.63 19.42
N TYR A 81 3.28 -17.81 20.47
CA TYR A 81 3.35 -16.37 20.30
C TYR A 81 3.95 -15.72 21.53
N LEU A 82 4.82 -14.75 21.31
CA LEU A 82 5.40 -13.92 22.36
C LEU A 82 5.25 -12.47 21.93
N ASP A 83 4.98 -11.60 22.90
CA ASP A 83 4.70 -10.20 22.58
C ASP A 83 5.91 -9.48 21.97
N LYS A 84 7.12 -10.02 22.15
CA LYS A 84 8.33 -9.40 21.62
C LYS A 84 8.90 -10.15 20.42
N GLN A 85 8.15 -11.09 19.84
CA GLN A 85 8.67 -11.86 18.71
C GLN A 85 8.78 -11.02 17.44
N SER A 86 8.06 -9.90 17.37
CA SER A 86 8.17 -8.96 16.26
C SER A 86 8.96 -7.71 16.64
N ASP A 87 9.69 -7.76 17.76
CA ASP A 87 10.46 -6.62 18.20
C ASP A 87 11.81 -6.60 17.49
N THR A 88 12.25 -5.38 17.14
CA THR A 88 13.48 -5.24 16.36
C THR A 88 14.71 -5.67 17.15
N GLN A 89 14.73 -5.40 18.45
CA GLN A 89 15.90 -5.69 19.26
C GLN A 89 15.96 -7.13 19.74
N TYR A 90 14.93 -7.93 19.47
CA TYR A 90 14.85 -9.29 20.00
C TYR A 90 15.17 -10.31 18.91
N VAL A 91 15.87 -11.37 19.30
CA VAL A 91 16.13 -12.51 18.44
C VAL A 91 15.19 -13.63 18.87
N CYS A 92 14.67 -14.38 17.91
CA CYS A 92 13.68 -15.41 18.21
C CYS A 92 13.91 -16.62 17.33
N LYS A 93 13.19 -17.70 17.63
CA LYS A 93 13.23 -18.91 16.83
C LYS A 93 12.00 -19.75 17.15
N ARG A 94 11.33 -20.23 16.11
CA ARG A 94 10.16 -21.09 16.25
C ARG A 94 10.51 -22.51 15.82
N THR A 95 10.02 -23.49 16.57
CA THR A 95 10.31 -24.89 16.30
C THR A 95 9.10 -25.72 16.70
N LEU A 96 9.12 -26.99 16.30
CA LEU A 96 8.06 -27.94 16.62
C LEU A 96 8.62 -29.02 17.52
N VAL A 97 8.16 -29.06 18.76
CA VAL A 97 8.65 -30.02 19.75
C VAL A 97 7.59 -31.09 19.96
N ASP A 98 8.04 -32.23 20.50
CA ASP A 98 7.13 -33.33 20.82
C ASP A 98 6.34 -32.99 22.09
N ARG A 99 5.02 -33.17 22.01
CA ARG A 99 4.16 -32.94 23.15
C ARG A 99 3.17 -34.09 23.29
N GLY A 100 2.78 -34.37 24.52
CA GLY A 100 1.86 -35.45 24.81
C GLY A 100 1.31 -35.37 26.22
N TRP A 101 0.96 -36.53 26.80
CA TRP A 101 0.37 -36.53 28.13
C TRP A 101 1.39 -36.22 29.21
N GLY A 102 2.64 -36.66 29.04
CA GLY A 102 3.68 -36.30 29.99
C GLY A 102 3.99 -34.82 30.03
N ASN A 103 3.70 -34.11 28.95
CA ASN A 103 3.93 -32.67 28.86
C ASN A 103 2.70 -31.86 29.24
N GLY A 104 1.67 -32.52 29.79
CA GLY A 104 0.44 -31.82 30.13
C GLY A 104 -0.31 -31.36 28.90
N CYS A 105 -0.48 -32.25 27.92
CA CYS A 105 -1.25 -31.94 26.73
C CYS A 105 -2.16 -33.11 26.39
N GLY A 106 -3.28 -32.80 25.75
CA GLY A 106 -4.29 -33.82 25.51
C GLY A 106 -3.97 -34.81 24.41
N LEU A 107 -3.23 -34.40 23.40
CA LEU A 107 -2.94 -35.25 22.25
C LEU A 107 -1.44 -35.35 22.02
N PHE A 108 -1.01 -36.48 21.46
CA PHE A 108 0.40 -36.70 21.12
C PHE A 108 0.68 -36.13 19.74
N GLY A 109 1.51 -35.11 19.67
CA GLY A 109 1.85 -34.51 18.40
C GLY A 109 2.96 -33.51 18.53
N LYS A 110 3.17 -32.73 17.47
CA LYS A 110 4.21 -31.71 17.41
C LYS A 110 3.59 -30.37 17.82
N GLY A 111 4.02 -29.84 18.95
CA GLY A 111 3.55 -28.56 19.43
C GLY A 111 4.47 -27.43 19.04
N SER A 112 3.89 -26.25 18.86
CA SER A 112 4.66 -25.07 18.47
C SER A 112 5.33 -24.44 19.67
N LEU A 113 6.59 -24.05 19.51
CA LEU A 113 7.38 -23.43 20.56
C LEU A 113 8.11 -22.22 19.99
N VAL A 114 8.02 -21.09 20.68
CA VAL A 114 8.78 -19.90 20.33
C VAL A 114 9.58 -19.45 21.54
N THR A 115 10.76 -18.89 21.28
CA THR A 115 11.64 -18.42 22.34
C THR A 115 12.38 -17.19 21.84
N CYS A 116 12.61 -16.23 22.73
CA CYS A 116 13.23 -14.98 22.34
C CYS A 116 14.18 -14.51 23.44
N ALA A 117 15.02 -13.54 23.07
CA ALA A 117 15.90 -12.86 23.99
C ALA A 117 16.28 -11.52 23.39
N LYS A 118 16.45 -10.52 24.25
CA LYS A 118 16.80 -9.18 23.79
C LYS A 118 18.29 -9.13 23.43
N PHE A 119 18.58 -8.69 22.21
CA PHE A 119 19.95 -8.61 21.72
C PHE A 119 20.54 -7.25 22.06
N ALA A 120 21.78 -7.27 22.54
CA ALA A 120 22.49 -6.04 22.89
C ALA A 120 23.95 -6.19 22.50
N CYS A 121 24.45 -5.26 21.69
CA CYS A 121 25.83 -5.30 21.24
C CYS A 121 26.73 -4.64 22.27
N SER A 122 27.86 -5.28 22.57
CA SER A 122 28.81 -4.80 23.55
C SER A 122 30.03 -4.12 22.93
N LYS A 123 30.58 -4.71 21.86
CA LYS A 123 31.73 -4.14 21.15
C LYS A 123 31.48 -4.26 19.65
N LYS A 124 31.90 -3.24 18.90
CA LYS A 124 31.54 -3.12 17.50
C LYS A 124 32.74 -2.66 16.68
N MET A 125 32.69 -2.96 15.38
CA MET A 125 33.65 -2.49 14.40
C MET A 125 32.92 -1.70 13.33
N THR A 126 33.65 -0.84 12.64
CA THR A 126 33.04 0.07 11.67
C THR A 126 33.88 0.14 10.41
N GLY A 127 33.23 0.04 9.25
CA GLY A 127 33.89 0.19 7.96
C GLY A 127 33.43 1.46 7.27
N LYS A 128 34.40 2.26 6.84
CA LYS A 128 34.13 3.55 6.23
C LYS A 128 34.50 3.55 4.75
N SER A 129 33.72 4.25 3.94
CA SER A 129 33.94 4.27 2.50
C SER A 129 35.19 5.04 2.16
N ILE A 130 35.91 4.57 1.13
CA ILE A 130 37.09 5.30 0.70
C ILE A 130 36.91 5.76 -0.74
N GLN A 131 35.65 5.97 -1.13
CA GLN A 131 35.34 6.46 -2.48
C GLN A 131 36.05 7.76 -2.84
N PRO A 132 36.12 8.79 -1.99
CA PRO A 132 36.57 10.11 -2.47
C PRO A 132 37.89 10.09 -3.23
N GLU A 133 38.90 9.41 -2.71
CA GLU A 133 40.19 9.31 -3.37
C GLU A 133 40.80 10.69 -3.60
N ASN A 134 40.72 11.55 -2.58
CA ASN A 134 41.40 12.83 -2.56
C ASN A 134 42.78 12.73 -1.91
N LEU A 135 43.45 11.58 -2.04
CA LEU A 135 44.56 11.16 -1.17
C LEU A 135 45.52 12.28 -0.85
N GLU A 136 45.98 12.31 0.39
CA GLU A 136 46.88 13.34 0.90
C GLU A 136 48.24 12.70 1.19
N TYR A 137 49.19 12.91 0.30
CA TYR A 137 50.59 12.54 0.52
C TYR A 137 51.36 13.73 1.10
N ARG A 138 52.24 13.45 2.06
CA ARG A 138 53.07 14.47 2.66
C ARG A 138 54.53 14.06 2.54
N ILE A 139 55.34 14.93 1.95
CA ILE A 139 56.74 14.64 1.64
C ILE A 139 57.62 15.66 2.35
N MET A 140 58.71 15.17 2.94
CA MET A 140 59.66 16.01 3.66
C MET A 140 60.96 16.10 2.85
N LEU A 141 61.41 17.33 2.63
CA LEU A 141 62.61 17.60 1.85
C LEU A 141 63.66 18.20 2.77
N SER A 142 64.87 17.64 2.74
CA SER A 142 65.98 18.16 3.52
C SER A 142 67.19 18.30 2.61
N VAL A 143 67.57 19.54 2.31
CA VAL A 143 68.85 19.78 1.67
C VAL A 143 69.95 19.29 2.60
N HIS A 144 71.06 18.85 2.03
CA HIS A 144 72.20 18.47 2.84
C HIS A 144 72.85 19.69 3.50
N GLY A 145 73.14 20.71 2.69
CA GLY A 145 73.35 22.08 3.16
C GLY A 145 74.02 22.34 4.50
N SER A 146 75.19 21.74 4.74
CA SER A 146 76.11 22.19 5.79
C SER A 146 75.50 22.09 7.19
N GLN A 147 74.71 21.04 7.41
CA GLN A 147 74.02 20.82 8.68
C GLN A 147 74.75 19.72 9.45
N HIS A 148 75.04 19.99 10.72
CA HIS A 148 75.72 19.00 11.54
C HIS A 148 74.78 17.83 11.85
N SER A 149 75.31 16.81 12.54
CA SER A 149 74.54 15.58 12.77
C SER A 149 73.24 15.83 13.52
N GLY A 150 73.14 16.94 14.25
CA GLY A 150 71.91 17.23 14.97
C GLY A 150 70.71 17.49 14.08
N MET A 151 70.94 17.79 12.81
CA MET A 151 69.87 18.04 11.86
C MET A 151 69.36 16.77 11.18
N ILE A 152 69.92 15.61 11.52
CA ILE A 152 69.46 14.37 10.90
C ILE A 152 68.02 14.08 11.31
N VAL A 153 67.73 14.19 12.60
CA VAL A 153 66.37 14.03 13.12
C VAL A 153 65.99 15.33 13.81
N ASN A 154 65.29 16.20 13.08
CA ASN A 154 64.62 17.37 13.65
C ASN A 154 63.64 17.97 12.65
N ASP A 155 62.44 18.32 13.13
CA ASP A 155 61.36 18.79 12.26
C ASP A 155 60.86 20.19 12.63
N THR A 156 61.56 20.88 13.52
CA THR A 156 61.11 22.17 14.06
C THR A 156 61.88 23.31 13.41
N GLY A 157 61.15 24.38 13.08
CA GLY A 157 61.77 25.53 12.46
C GLY A 157 62.14 25.33 11.01
N HIS A 158 61.42 24.48 10.29
CA HIS A 158 61.79 24.18 8.91
C HIS A 158 61.30 25.24 7.92
N GLU A 159 60.40 26.14 8.33
CA GLU A 159 60.00 27.23 7.45
C GLU A 159 61.05 28.33 7.39
N THR A 160 61.67 28.63 8.54
CA THR A 160 62.72 29.65 8.58
C THR A 160 64.03 29.11 8.03
N ASP A 161 64.52 28.00 8.58
CA ASP A 161 65.63 27.30 7.96
C ASP A 161 65.27 26.92 6.54
N GLU A 162 66.13 27.27 5.59
CA GLU A 162 66.01 26.73 4.25
C GLU A 162 66.18 25.22 4.22
N ASN A 163 66.49 24.59 5.35
CA ASN A 163 67.01 23.23 5.33
C ASN A 163 65.93 22.19 5.07
N ARG A 164 64.68 22.47 5.44
CA ARG A 164 63.63 21.45 5.41
C ARG A 164 62.33 22.06 4.90
N ALA A 165 61.79 21.51 3.83
CA ALA A 165 60.49 21.88 3.30
C ALA A 165 59.51 20.73 3.44
N LYS A 166 58.25 21.07 3.68
CA LYS A 166 57.17 20.09 3.72
C LYS A 166 56.26 20.29 2.51
N VAL A 167 55.89 19.19 1.87
CA VAL A 167 55.13 19.23 0.63
C VAL A 167 53.89 18.37 0.79
N GLU A 168 52.80 18.80 0.16
CA GLU A 168 51.54 18.06 0.13
C GLU A 168 51.19 17.74 -1.31
N ILE A 169 50.82 16.48 -1.57
CA ILE A 169 50.44 16.01 -2.89
C ILE A 169 49.02 15.46 -2.81
N THR A 170 48.24 15.73 -3.87
CA THR A 170 46.82 15.40 -3.93
C THR A 170 46.49 14.96 -5.35
N PRO A 171 45.64 13.96 -5.55
CA PRO A 171 45.25 13.58 -6.92
C PRO A 171 44.71 14.74 -7.75
N ASN A 172 44.04 15.70 -7.10
CA ASN A 172 43.57 16.90 -7.80
C ASN A 172 44.67 17.93 -8.00
N SER A 173 45.83 17.76 -7.37
CA SER A 173 46.97 18.67 -7.55
C SER A 173 48.25 17.85 -7.56
N PRO A 174 48.51 17.13 -8.65
CA PRO A 174 49.73 16.29 -8.69
C PRO A 174 51.01 17.09 -8.77
N ARG A 175 50.95 18.35 -9.15
CA ARG A 175 52.13 19.21 -9.21
C ARG A 175 52.33 19.92 -7.88
N ALA A 176 53.59 20.21 -7.57
CA ALA A 176 53.93 20.93 -6.36
C ALA A 176 55.35 21.46 -6.49
N GLU A 177 55.65 22.52 -5.74
CA GLU A 177 56.97 23.12 -5.73
C GLU A 177 57.23 23.70 -4.35
N ALA A 178 58.35 23.30 -3.75
CA ALA A 178 58.67 23.68 -2.38
C ALA A 178 59.68 24.81 -2.36
N THR A 179 59.50 25.74 -1.43
CA THR A 179 60.40 26.86 -1.26
C THR A 179 61.54 26.49 -0.32
N LEU A 180 62.77 26.72 -0.76
CA LEU A 180 63.96 26.40 0.03
C LEU A 180 64.79 27.66 0.30
N GLY A 181 64.12 28.81 0.42
CA GLY A 181 64.78 30.06 0.75
C GLY A 181 65.97 30.41 -0.12
N GLY A 182 67.16 30.44 0.49
CA GLY A 182 68.36 30.79 -0.24
C GLY A 182 68.85 29.74 -1.22
N PHE A 183 68.34 28.52 -1.13
CA PHE A 183 68.67 27.49 -2.11
C PHE A 183 67.78 27.57 -3.35
N GLY A 184 66.76 28.41 -3.34
CA GLY A 184 65.84 28.48 -4.45
C GLY A 184 64.59 27.66 -4.20
N SER A 185 64.17 26.90 -5.21
CA SER A 185 62.97 26.08 -5.10
C SER A 185 63.17 24.77 -5.83
N LEU A 186 62.47 23.73 -5.38
CA LEU A 186 62.52 22.41 -5.99
C LEU A 186 61.10 22.02 -6.38
N GLY A 187 60.91 21.73 -7.66
CA GLY A 187 59.62 21.30 -8.17
C GLY A 187 59.57 19.79 -8.33
N LEU A 188 58.38 19.23 -8.22
CA LEU A 188 58.19 17.79 -8.32
C LEU A 188 56.75 17.51 -8.71
N ASP A 189 56.57 16.70 -9.76
CA ASP A 189 55.26 16.30 -10.24
C ASP A 189 55.09 14.81 -9.93
N CYS A 190 54.07 14.48 -9.14
CA CYS A 190 54.07 13.20 -8.42
C CYS A 190 52.65 12.66 -8.31
N GLU A 191 52.30 11.71 -9.18
CA GLU A 191 51.15 10.85 -8.93
C GLU A 191 51.24 9.63 -9.82
N PRO A 192 51.18 8.43 -9.25
CA PRO A 192 51.13 7.24 -10.10
C PRO A 192 49.71 6.90 -10.53
N ARG A 193 48.79 7.21 -9.60
CA ARG A 193 47.39 6.87 -9.74
C ARG A 193 47.54 5.40 -10.03
N THR A 194 47.83 4.66 -8.96
CA THR A 194 48.17 3.24 -9.04
C THR A 194 46.96 2.33 -8.84
N GLY A 195 47.27 1.04 -8.71
CA GLY A 195 46.27 0.03 -8.52
C GLY A 195 45.50 0.13 -7.23
N LEU A 196 46.09 0.74 -6.20
CA LEU A 196 45.40 0.76 -4.91
C LEU A 196 44.08 1.48 -5.07
N ASP A 197 43.00 0.70 -5.13
CA ASP A 197 41.68 1.19 -5.47
C ASP A 197 40.98 1.56 -4.18
N PHE A 198 40.92 2.85 -3.90
CA PHE A 198 40.10 3.31 -2.78
C PHE A 198 38.62 3.31 -3.13
N SER A 199 38.29 3.25 -4.43
CA SER A 199 36.90 3.01 -4.83
C SER A 199 36.42 1.63 -4.42
N ASP A 200 37.35 0.67 -4.29
CA ASP A 200 37.01 -0.71 -4.01
C ASP A 200 37.41 -1.15 -2.61
N LEU A 201 37.73 -0.21 -1.73
CA LEU A 201 38.18 -0.55 -0.39
C LEU A 201 37.34 0.19 0.64
N TYR A 202 37.33 -0.35 1.86
CA TYR A 202 36.75 0.28 3.05
C TYR A 202 37.82 0.40 4.12
N TYR A 203 37.62 1.33 5.05
CA TYR A 203 38.52 1.52 6.18
C TYR A 203 37.86 0.91 7.41
N LEU A 204 38.47 -0.15 7.94
CA LEU A 204 37.89 -0.95 9.01
C LEU A 204 38.65 -0.71 10.31
N THR A 205 37.96 -0.18 11.32
CA THR A 205 38.50 0.00 12.66
C THR A 205 37.84 -1.00 13.59
N MET A 206 38.66 -1.77 14.32
CA MET A 206 38.09 -2.81 15.17
C MET A 206 37.90 -2.39 16.61
N ASN A 207 38.99 -2.24 17.36
CA ASN A 207 38.93 -1.77 18.74
C ASN A 207 39.84 -0.56 18.88
N ASN A 208 41.11 -0.78 18.57
CA ASN A 208 42.09 0.27 18.35
C ASN A 208 43.03 -0.10 17.20
N LYS A 209 42.75 -1.19 16.50
CA LYS A 209 43.48 -1.60 15.32
C LYS A 209 42.66 -1.23 14.08
N HIS A 210 43.37 -0.91 13.00
CA HIS A 210 42.73 -0.39 11.80
C HIS A 210 43.30 -1.07 10.58
N TRP A 211 42.44 -1.41 9.62
CA TRP A 211 42.84 -2.12 8.42
C TRP A 211 42.21 -1.48 7.19
N LEU A 212 42.73 -1.86 6.03
CA LEU A 212 42.19 -1.48 4.73
C LEU A 212 41.51 -2.71 4.14
N VAL A 213 40.20 -2.61 3.91
CA VAL A 213 39.35 -3.76 3.64
C VAL A 213 38.54 -3.50 2.38
N HIS A 214 38.35 -4.58 1.62
CA HIS A 214 37.62 -4.68 0.36
C HIS A 214 36.10 -4.80 0.56
N LYS A 215 35.28 -4.43 -0.45
CA LYS A 215 33.84 -4.35 -0.23
C LYS A 215 33.17 -5.74 -0.24
N GLU A 216 33.44 -6.54 -1.27
CA GLU A 216 32.73 -7.81 -1.42
C GLU A 216 32.94 -8.72 -0.22
N TRP A 217 34.16 -8.73 0.34
CA TRP A 217 34.41 -9.52 1.54
C TRP A 217 33.78 -8.87 2.76
N PHE A 218 33.85 -7.54 2.85
CA PHE A 218 33.24 -6.84 3.97
C PHE A 218 31.73 -7.00 3.98
N HIS A 219 31.12 -7.00 2.79
CA HIS A 219 29.67 -7.19 2.70
C HIS A 219 29.24 -8.62 3.01
N ASP A 220 30.18 -9.56 3.01
CA ASP A 220 29.87 -10.97 3.26
C ASP A 220 30.44 -11.44 4.60
N ILE A 221 30.56 -10.53 5.56
CA ILE A 221 31.03 -10.88 6.90
C ILE A 221 29.85 -11.41 7.71
N PRO A 222 29.88 -12.66 8.16
CA PRO A 222 28.72 -13.25 8.87
C PRO A 222 28.63 -12.81 10.32
N LEU A 223 28.26 -11.56 10.52
CA LEU A 223 28.12 -10.96 11.84
C LEU A 223 26.93 -10.01 11.83
N PRO A 224 26.35 -9.73 13.00
CA PRO A 224 25.27 -8.73 13.06
C PRO A 224 25.76 -7.36 12.60
N TRP A 225 24.92 -6.65 11.86
CA TRP A 225 25.33 -5.40 11.25
C TRP A 225 24.18 -4.40 11.22
N HIS A 226 24.55 -3.12 11.19
CA HIS A 226 23.62 -2.02 10.95
C HIS A 226 24.30 -1.01 10.04
N ALA A 227 23.49 -0.15 9.42
CA ALA A 227 24.00 0.85 8.49
C ALA A 227 24.22 2.18 9.18
N GLY A 228 25.21 2.93 8.69
CA GLY A 228 25.52 4.23 9.24
C GLY A 228 26.07 4.17 10.66
N ALA A 229 26.04 5.32 11.31
CA ALA A 229 26.52 5.47 12.68
C ALA A 229 25.37 5.27 13.66
N ASP A 230 25.60 5.62 14.92
CA ASP A 230 24.59 5.48 15.97
C ASP A 230 23.95 6.84 16.27
N THR A 231 22.65 6.81 16.50
CA THR A 231 21.93 7.98 17.00
C THR A 231 20.91 7.58 18.07
N GLY A 232 21.13 6.45 18.75
CA GLY A 232 20.15 5.89 19.64
C GLY A 232 19.47 4.68 19.03
N THR A 233 19.48 3.55 19.74
CA THR A 233 18.93 2.24 19.37
C THR A 233 19.12 1.91 17.88
N PRO A 234 20.34 1.62 17.45
CA PRO A 234 20.54 1.11 16.09
C PRO A 234 19.92 -0.27 15.93
N HIS A 235 19.34 -0.52 14.75
CA HIS A 235 18.66 -1.77 14.46
C HIS A 235 19.65 -2.76 13.85
N TRP A 236 19.88 -3.87 14.54
CA TRP A 236 20.83 -4.88 14.09
C TRP A 236 20.14 -5.91 13.21
N ASN A 237 20.85 -6.37 12.18
CA ASN A 237 20.35 -7.40 11.28
C ASN A 237 21.16 -8.67 11.43
N ASN A 238 20.55 -9.79 11.01
CA ASN A 238 21.09 -11.14 11.14
C ASN A 238 21.73 -11.37 12.51
N LYS A 239 21.08 -10.86 13.56
CA LYS A 239 21.56 -11.07 14.92
C LYS A 239 21.75 -12.54 15.26
N GLU A 240 21.12 -13.43 14.48
CA GLU A 240 21.32 -14.87 14.62
C GLU A 240 22.78 -15.30 14.47
N ALA A 241 23.63 -14.44 13.89
CA ALA A 241 25.01 -14.81 13.64
C ALA A 241 25.81 -14.98 14.93
N LEU A 242 25.43 -14.28 15.99
CA LEU A 242 26.19 -14.28 17.23
C LEU A 242 25.42 -14.92 18.38
N VAL A 243 24.28 -15.54 18.12
CA VAL A 243 23.46 -16.14 19.16
C VAL A 243 22.81 -17.40 18.60
N GLU A 244 22.76 -18.45 19.41
CA GLU A 244 22.29 -19.75 18.96
C GLU A 244 21.30 -20.35 19.96
N PHE A 245 20.21 -20.90 19.43
CA PHE A 245 19.21 -21.62 20.21
C PHE A 245 19.46 -23.11 20.07
N LYS A 246 19.19 -23.87 21.14
CA LYS A 246 19.55 -25.27 21.12
C LYS A 246 18.70 -26.06 22.10
N ASP A 247 18.33 -27.28 21.69
CA ASP A 247 17.75 -28.30 22.56
C ASP A 247 16.48 -27.81 23.25
N ALA A 248 15.48 -27.56 22.42
CA ALA A 248 14.14 -27.22 22.89
C ALA A 248 13.43 -28.49 23.36
N HIS A 249 13.05 -28.53 24.64
CA HIS A 249 12.44 -29.75 25.20
C HIS A 249 10.93 -29.81 24.93
N ALA A 250 10.14 -29.03 25.68
CA ALA A 250 8.72 -28.91 25.40
C ALA A 250 8.23 -27.48 25.60
N LYS A 251 8.73 -26.85 26.67
CA LYS A 251 8.27 -25.55 27.13
C LYS A 251 9.43 -24.58 27.31
N ARG A 252 10.63 -24.95 26.86
CA ARG A 252 11.78 -24.08 27.05
C ARG A 252 12.83 -24.45 26.01
N GLN A 253 13.52 -23.44 25.51
CA GLN A 253 14.67 -23.61 24.63
C GLN A 253 15.81 -22.73 25.13
N THR A 254 17.02 -23.28 25.12
CA THR A 254 18.17 -22.57 25.64
C THR A 254 18.79 -21.70 24.54
N VAL A 255 19.30 -20.54 24.95
CA VAL A 255 19.88 -19.58 24.02
C VAL A 255 21.13 -18.98 24.64
N VAL A 256 22.23 -18.98 23.88
CA VAL A 256 23.53 -18.50 24.36
C VAL A 256 24.18 -17.67 23.27
N VAL A 257 25.01 -16.71 23.69
CA VAL A 257 25.84 -15.94 22.77
C VAL A 257 27.10 -16.73 22.45
N LEU A 258 27.66 -16.48 21.27
CA LEU A 258 28.82 -17.23 20.81
C LEU A 258 30.12 -16.77 21.47
N GLY A 259 30.17 -15.56 21.99
CA GLY A 259 31.41 -14.99 22.49
C GLY A 259 32.05 -14.07 21.45
N SER A 260 33.17 -13.50 21.87
CA SER A 260 33.86 -12.52 21.02
C SER A 260 34.37 -13.17 19.75
N GLN A 261 34.18 -12.48 18.62
CA GLN A 261 34.74 -12.89 17.35
C GLN A 261 35.96 -12.06 16.95
N GLU A 262 36.66 -11.48 17.93
CA GLU A 262 37.81 -10.64 17.62
C GLU A 262 38.95 -11.46 17.05
N GLY A 263 39.20 -12.65 17.58
CA GLY A 263 40.21 -13.51 17.01
C GLY A 263 39.85 -14.00 15.62
N ALA A 264 38.56 -14.16 15.35
CA ALA A 264 38.12 -14.64 14.05
C ALA A 264 38.39 -13.62 12.95
N VAL A 265 38.06 -12.35 13.21
CA VAL A 265 38.27 -11.31 12.20
C VAL A 265 39.76 -11.00 12.07
N HIS A 266 40.49 -10.97 13.19
CA HIS A 266 41.93 -10.72 13.14
C HIS A 266 42.65 -11.79 12.34
N THR A 267 42.17 -13.04 12.42
CA THR A 267 42.76 -14.11 11.62
C THR A 267 42.40 -13.95 10.15
N ALA A 268 41.17 -13.54 9.86
CA ALA A 268 40.79 -13.32 8.47
C ALA A 268 41.53 -12.14 7.85
N LEU A 269 41.91 -11.16 8.66
CA LEU A 269 42.63 -9.98 8.21
C LEU A 269 44.15 -10.15 8.29
N ALA A 270 44.63 -11.40 8.22
CA ALA A 270 45.99 -11.73 8.62
C ALA A 270 47.04 -11.01 7.81
N GLY A 271 46.74 -10.61 6.59
CA GLY A 271 47.77 -10.03 5.76
C GLY A 271 47.40 -8.71 5.14
N ALA A 272 46.24 -8.15 5.52
CA ALA A 272 45.69 -6.98 4.84
C ALA A 272 46.61 -5.77 4.91
N LEU A 273 46.28 -4.76 4.10
CA LEU A 273 46.96 -3.47 4.15
C LEU A 273 46.64 -2.79 5.47
N GLU A 274 47.67 -2.57 6.29
CA GLU A 274 47.48 -2.09 7.65
C GLU A 274 47.33 -0.57 7.66
N ALA A 275 46.93 -0.06 8.83
CA ALA A 275 46.56 1.34 8.95
C ALA A 275 46.51 1.73 10.43
N GLU A 276 46.90 2.97 10.71
CA GLU A 276 46.81 3.56 12.03
C GLU A 276 46.12 4.92 11.92
N MET A 277 45.77 5.53 13.05
CA MET A 277 45.02 6.77 12.97
C MET A 277 45.33 7.66 14.17
N ASP A 278 45.27 8.96 13.91
CA ASP A 278 45.27 9.96 14.97
C ASP A 278 44.45 11.16 14.50
N GLY A 279 43.86 11.86 15.47
CA GLY A 279 42.81 12.79 15.13
C GLY A 279 41.57 11.99 14.75
N ALA A 280 40.75 12.58 13.89
CA ALA A 280 39.64 11.88 13.28
C ALA A 280 39.96 11.42 11.86
N LYS A 281 41.22 11.54 11.41
CA LYS A 281 41.53 11.41 9.98
C LYS A 281 42.83 10.70 9.64
N GLY A 282 43.75 10.45 10.57
CA GLY A 282 44.99 9.75 10.23
C GLY A 282 44.72 8.36 9.68
N ARG A 283 45.49 7.97 8.66
CA ARG A 283 45.11 6.78 7.91
C ARG A 283 46.11 5.63 7.85
N LEU A 284 47.27 5.78 7.20
CA LEU A 284 47.90 4.57 6.69
C LEU A 284 49.41 4.65 6.47
N SER A 285 50.00 3.48 6.21
CA SER A 285 51.43 3.27 5.99
C SER A 285 51.64 2.47 4.70
N SER A 286 51.73 3.17 3.58
CA SER A 286 52.01 2.54 2.28
C SER A 286 52.71 3.56 1.39
N GLY A 287 53.53 3.06 0.47
CA GLY A 287 54.34 3.95 -0.34
C GLY A 287 54.04 3.91 -1.83
N HIS A 288 55.08 3.65 -2.63
CA HIS A 288 54.98 3.58 -4.10
C HIS A 288 54.46 4.91 -4.66
N LEU A 289 55.29 5.94 -4.50
CA LEU A 289 55.01 7.27 -5.06
C LEU A 289 56.00 7.54 -6.19
N LYS A 290 55.51 7.43 -7.43
CA LYS A 290 56.32 7.74 -8.61
C LYS A 290 56.38 9.25 -8.80
N CYS A 291 57.59 9.77 -8.96
CA CYS A 291 57.81 11.20 -9.07
C CYS A 291 58.73 11.52 -10.24
N ARG A 292 58.63 12.77 -10.69
CA ARG A 292 59.60 13.35 -11.60
C ARG A 292 59.79 14.80 -11.20
N LEU A 293 61.01 15.16 -10.83
CA LEU A 293 61.28 16.46 -10.20
C LEU A 293 62.39 17.19 -10.95
N LYS A 294 62.23 18.51 -11.07
CA LYS A 294 63.24 19.39 -11.65
C LYS A 294 63.82 20.26 -10.55
N MET A 295 65.14 20.37 -10.59
CA MET A 295 65.95 21.15 -9.66
C MET A 295 66.48 22.45 -10.30
N ASP A 296 65.91 22.89 -11.43
CA ASP A 296 66.44 24.05 -12.14
C ASP A 296 66.45 25.28 -11.25
N LYS A 297 65.37 25.52 -10.53
CA LYS A 297 65.25 26.69 -9.65
C LYS A 297 66.01 26.51 -8.34
N LEU A 298 66.77 25.43 -8.19
CA LEU A 298 67.58 25.22 -6.99
C LEU A 298 68.95 25.82 -7.22
N ARG A 299 69.32 26.79 -6.38
CA ARG A 299 70.61 27.45 -6.45
C ARG A 299 71.44 27.08 -5.23
N LEU A 300 72.76 27.03 -5.41
CA LEU A 300 73.64 26.89 -4.26
C LEU A 300 73.69 28.21 -3.50
N LYS A 301 74.03 28.11 -2.21
CA LYS A 301 73.96 29.27 -1.32
C LYS A 301 75.26 30.05 -1.26
N GLY A 302 76.38 29.36 -1.08
CA GLY A 302 77.64 30.04 -0.85
C GLY A 302 78.66 29.87 -1.95
N VAL A 303 78.23 29.97 -3.22
CA VAL A 303 79.16 29.85 -4.34
C VAL A 303 80.23 30.93 -4.28
N SER A 304 79.90 32.09 -3.71
CA SER A 304 80.82 33.21 -3.63
C SER A 304 81.61 33.24 -2.32
N TYR A 305 81.50 32.20 -1.50
CA TYR A 305 82.33 32.08 -0.33
C TYR A 305 83.75 31.69 -0.72
N SER A 306 84.71 32.11 0.11
CA SER A 306 86.09 31.66 -0.02
C SER A 306 86.33 30.48 0.91
N LEU A 307 87.50 29.86 0.78
CA LEU A 307 87.81 28.70 1.59
C LEU A 307 88.16 29.11 3.01
N CYS A 308 87.63 28.36 3.98
CA CYS A 308 87.91 28.65 5.39
C CYS A 308 89.38 28.44 5.68
N THR A 309 89.97 29.36 6.46
CA THR A 309 91.41 29.35 6.67
C THR A 309 91.83 28.63 7.94
N ALA A 310 91.02 28.68 9.00
CA ALA A 310 91.43 28.15 10.29
C ALA A 310 91.35 26.63 10.29
N ALA A 311 91.69 26.05 11.44
CA ALA A 311 91.80 24.60 11.57
C ALA A 311 90.47 23.97 11.95
N PHE A 312 90.29 22.73 11.53
CA PHE A 312 89.16 21.90 11.92
C PHE A 312 89.62 20.82 12.89
N THR A 313 88.65 20.21 13.57
CA THR A 313 88.90 19.03 14.38
C THR A 313 87.67 18.15 14.35
N PHE A 314 87.88 16.83 14.30
CA PHE A 314 86.78 15.89 14.33
C PHE A 314 86.03 16.00 15.66
N THR A 315 84.70 16.08 15.58
CA THR A 315 83.86 15.82 16.73
C THR A 315 83.27 14.41 16.69
N LYS A 316 83.20 13.81 15.50
CA LYS A 316 82.80 12.41 15.34
C LYS A 316 83.69 11.78 14.28
N ILE A 317 84.29 10.64 14.63
CA ILE A 317 85.20 9.90 13.74
C ILE A 317 84.41 9.50 12.50
N PRO A 318 85.06 9.43 11.32
CA PRO A 318 84.37 8.91 10.13
C PRO A 318 83.74 7.55 10.35
N ALA A 319 82.43 7.44 10.13
CA ALA A 319 81.69 6.22 10.35
C ALA A 319 81.04 5.77 9.05
N GLU A 320 81.19 4.49 8.72
CA GLU A 320 80.65 3.95 7.49
C GLU A 320 79.16 3.65 7.64
N THR A 321 78.40 3.91 6.58
CA THR A 321 76.99 3.58 6.57
C THR A 321 76.77 2.21 5.95
N LEU A 322 75.50 1.81 5.85
CA LEU A 322 75.17 0.51 5.29
C LEU A 322 75.48 0.40 3.80
N HIS A 323 75.55 1.53 3.09
CA HIS A 323 75.77 1.53 1.66
C HIS A 323 77.19 1.93 1.28
N GLY A 324 78.13 1.84 2.22
CA GLY A 324 79.51 2.22 1.97
C GLY A 324 79.79 3.70 2.08
N THR A 325 78.77 4.53 2.26
CA THR A 325 78.96 5.95 2.45
C THR A 325 79.46 6.23 3.86
N VAL A 326 80.25 7.30 4.01
CA VAL A 326 80.87 7.64 5.28
C VAL A 326 80.37 9.02 5.71
N THR A 327 80.13 9.17 7.02
CA THR A 327 79.69 10.43 7.58
C THR A 327 80.81 11.06 8.40
N VAL A 328 80.80 12.38 8.48
CA VAL A 328 81.83 13.15 9.18
C VAL A 328 81.19 14.40 9.76
N GLU A 329 81.52 14.70 11.01
CA GLU A 329 81.17 15.98 11.63
C GLU A 329 82.42 16.59 12.24
N VAL A 330 82.63 17.88 11.99
CA VAL A 330 83.83 18.58 12.41
C VAL A 330 83.45 19.91 13.03
N GLN A 331 84.31 20.40 13.92
CA GLN A 331 84.21 21.74 14.47
C GLN A 331 85.29 22.62 13.85
N TYR A 332 85.01 23.92 13.77
CA TYR A 332 85.87 24.86 13.07
C TYR A 332 86.17 26.04 13.98
N ALA A 333 87.45 26.27 14.26
CA ALA A 333 87.88 27.24 15.27
C ALA A 333 88.17 28.62 14.68
N GLY A 334 87.48 29.01 13.60
CA GLY A 334 87.76 30.28 12.98
C GLY A 334 86.59 31.24 12.90
N THR A 335 86.90 32.52 12.74
CA THR A 335 85.91 33.56 12.51
C THR A 335 85.72 33.85 11.02
N ASP A 336 86.42 33.11 10.16
CA ASP A 336 86.33 33.32 8.71
C ASP A 336 84.90 33.19 8.21
N GLY A 337 84.07 32.39 8.90
CA GLY A 337 82.72 32.13 8.49
C GLY A 337 81.90 33.38 8.25
N PRO A 338 80.93 33.29 7.33
CA PRO A 338 80.65 32.08 6.55
C PRO A 338 81.64 31.87 5.41
N CYS A 339 81.99 30.61 5.13
CA CYS A 339 83.03 30.30 4.16
C CYS A 339 82.80 28.86 3.65
N LYS A 340 83.64 28.46 2.70
CA LYS A 340 83.58 27.12 2.12
C LYS A 340 84.52 26.18 2.86
N VAL A 341 84.04 24.97 3.12
CA VAL A 341 84.81 23.95 3.82
C VAL A 341 85.61 23.17 2.78
N PRO A 342 86.95 23.16 2.86
CA PRO A 342 87.72 22.33 1.94
C PRO A 342 87.66 20.86 2.32
N ALA A 343 86.90 20.08 1.55
CA ALA A 343 86.75 18.65 1.78
C ALA A 343 87.18 17.91 0.53
N GLN A 344 87.82 16.76 0.71
CA GLN A 344 88.44 16.07 -0.41
C GLN A 344 88.85 14.67 0.00
N MET A 345 88.82 13.76 -0.96
CA MET A 345 89.41 12.43 -0.83
C MET A 345 90.63 12.36 -1.73
N ALA A 346 91.61 11.55 -1.32
CA ALA A 346 92.84 11.45 -2.09
C ALA A 346 93.59 10.19 -1.70
N VAL A 347 93.95 9.38 -2.71
CA VAL A 347 94.97 8.35 -2.52
C VAL A 347 96.35 8.99 -2.51
N ASP A 348 96.50 10.13 -3.19
CA ASP A 348 97.81 10.71 -3.49
C ASP A 348 98.49 11.23 -2.23
N MET A 349 97.86 12.19 -1.56
CA MET A 349 98.38 12.99 -0.45
C MET A 349 99.39 14.02 -0.93
N GLN A 350 99.93 13.83 -2.14
CA GLN A 350 100.87 14.76 -2.77
C GLN A 350 101.03 14.46 -4.26
N THR A 351 100.59 15.35 -5.15
CA THR A 351 99.80 16.56 -4.85
C THR A 351 98.89 16.86 -6.05
N LEU A 352 97.57 16.78 -5.90
CA LEU A 352 96.87 16.21 -4.75
C LEU A 352 95.66 15.44 -5.29
N THR A 353 95.90 14.64 -6.34
CA THR A 353 94.89 14.04 -7.21
C THR A 353 93.66 13.55 -6.46
N PRO A 354 92.47 14.06 -6.80
CA PRO A 354 91.24 13.66 -6.11
C PRO A 354 90.60 12.42 -6.72
N VAL A 355 90.15 11.54 -5.83
CA VAL A 355 89.33 10.38 -6.17
C VAL A 355 88.12 10.43 -5.25
N GLY A 356 87.01 9.85 -5.69
CA GLY A 356 85.78 9.87 -4.90
C GLY A 356 84.75 10.84 -5.46
N ARG A 357 83.64 10.95 -4.72
CA ARG A 357 82.45 11.61 -5.25
C ARG A 357 81.90 12.74 -4.37
N LEU A 358 82.07 12.67 -3.05
CA LEU A 358 81.68 13.77 -2.17
C LEU A 358 80.20 14.12 -2.20
N ILE A 359 79.37 13.31 -1.54
CA ILE A 359 77.99 13.66 -1.25
C ILE A 359 77.96 14.94 -0.41
N THR A 360 76.80 15.58 -0.30
CA THR A 360 76.65 16.89 0.37
C THR A 360 77.52 17.94 -0.34
N ALA A 361 77.16 18.19 -1.60
CA ALA A 361 77.92 19.12 -2.43
C ALA A 361 77.92 20.51 -1.82
N ASN A 362 79.00 21.24 -2.08
CA ASN A 362 79.25 22.58 -1.53
C ASN A 362 79.07 22.59 -0.02
N PRO A 363 79.98 21.96 0.73
CA PRO A 363 79.94 22.09 2.19
C PRO A 363 80.42 23.46 2.62
N VAL A 364 79.66 24.09 3.53
CA VAL A 364 79.97 25.43 4.00
C VAL A 364 79.78 25.47 5.51
N ILE A 365 80.10 26.62 6.10
CA ILE A 365 79.81 26.92 7.49
C ILE A 365 79.06 28.24 7.52
N THR A 366 78.00 28.30 8.33
CA THR A 366 77.12 29.47 8.37
C THR A 366 77.45 30.41 9.52
N GLU A 367 77.60 29.87 10.73
CA GLU A 367 77.89 30.70 11.89
C GLU A 367 79.32 31.23 11.81
N SER A 368 79.48 32.53 12.07
CA SER A 368 80.80 33.15 11.96
C SER A 368 81.67 32.85 13.18
N THR A 369 81.20 33.23 14.37
CA THR A 369 82.00 33.15 15.58
C THR A 369 81.32 32.22 16.59
N GLU A 370 82.11 31.33 17.18
CA GLU A 370 83.50 31.12 16.78
C GLU A 370 83.81 29.68 16.35
N ASN A 371 83.48 28.70 17.21
CA ASN A 371 83.82 27.30 16.97
C ASN A 371 82.53 26.52 16.71
N SER A 372 82.12 26.51 15.44
CA SER A 372 80.87 25.91 15.01
C SER A 372 81.09 24.49 14.51
N LYS A 373 80.01 23.71 14.51
CA LYS A 373 80.04 22.33 14.07
C LYS A 373 79.25 22.16 12.77
N MET A 374 79.52 21.06 12.07
CA MET A 374 78.98 20.84 10.73
C MET A 374 79.25 19.40 10.33
N MET A 375 78.28 18.80 9.62
CA MET A 375 78.38 17.40 9.21
C MET A 375 78.57 17.29 7.70
N LEU A 376 79.32 16.28 7.29
CA LEU A 376 79.71 16.07 5.92
C LEU A 376 79.56 14.59 5.58
N GLU A 377 79.12 14.30 4.36
CA GLU A 377 78.93 12.93 3.89
C GLU A 377 79.74 12.71 2.62
N LEU A 378 80.40 11.56 2.54
CA LEU A 378 81.34 11.30 1.45
C LEU A 378 81.10 9.91 0.88
N ASP A 379 81.53 9.72 -0.36
CA ASP A 379 81.39 8.46 -1.08
C ASP A 379 82.77 8.05 -1.58
N PRO A 380 83.56 7.37 -0.74
CA PRO A 380 84.94 7.05 -1.11
C PRO A 380 84.98 5.95 -2.16
N PRO A 381 86.09 5.82 -2.88
CA PRO A 381 86.19 4.76 -3.90
C PRO A 381 86.43 3.40 -3.27
N PHE A 382 86.21 2.36 -4.08
CA PHE A 382 86.43 1.00 -3.63
C PHE A 382 87.91 0.76 -3.40
N GLY A 383 88.28 0.45 -2.16
CA GLY A 383 89.67 0.23 -1.82
C GLY A 383 90.17 1.13 -0.70
N ASP A 384 91.23 1.87 -0.96
CA ASP A 384 91.85 2.73 0.04
C ASP A 384 91.87 4.18 -0.43
N SER A 385 91.83 5.09 0.53
CA SER A 385 91.84 6.52 0.27
C SER A 385 92.06 7.25 1.58
N TYR A 386 92.33 8.54 1.48
CA TYR A 386 92.45 9.43 2.62
C TYR A 386 91.37 10.51 2.52
N ILE A 387 90.73 10.81 3.64
CA ILE A 387 89.76 11.89 3.72
C ILE A 387 90.47 13.13 4.25
N VAL A 388 90.29 14.25 3.57
CA VAL A 388 91.07 15.46 3.82
C VAL A 388 90.12 16.63 4.00
N ILE A 389 90.13 17.22 5.19
CA ILE A 389 89.39 18.45 5.48
C ILE A 389 90.39 19.49 5.94
N GLY A 390 90.40 20.63 5.27
CA GLY A 390 91.35 21.69 5.56
C GLY A 390 92.34 21.87 4.42
N VAL A 391 93.20 22.87 4.60
CA VAL A 391 94.20 23.24 3.59
C VAL A 391 95.51 23.56 4.29
N GLY A 392 96.61 23.12 3.69
CA GLY A 392 97.93 23.50 4.18
C GLY A 392 98.19 23.01 5.59
N GLU A 393 98.67 23.91 6.44
CA GLU A 393 98.98 23.56 7.82
C GLU A 393 97.70 23.33 8.61
N LYS A 394 97.84 22.59 9.71
CA LYS A 394 96.73 22.26 10.61
C LYS A 394 95.58 21.59 9.86
N LYS A 395 95.94 20.79 8.84
CA LYS A 395 94.99 20.02 8.07
C LYS A 395 94.42 18.88 8.90
N ILE A 396 93.47 18.16 8.32
CA ILE A 396 92.94 16.93 8.91
C ILE A 396 93.11 15.82 7.88
N THR A 397 93.80 14.75 8.28
CA THR A 397 94.01 13.59 7.43
C THR A 397 93.60 12.34 8.20
N HIS A 398 92.78 11.51 7.54
CA HIS A 398 92.37 10.23 8.08
C HIS A 398 92.33 9.12 7.07
N HIS A 399 93.02 8.03 7.28
CA HIS A 399 92.97 6.93 6.34
C HIS A 399 91.62 6.24 6.40
N TRP A 400 91.14 5.80 5.23
CA TRP A 400 89.86 5.12 5.17
C TRP A 400 89.97 3.90 4.25
N HIS A 401 89.20 2.86 4.58
CA HIS A 401 89.13 1.66 3.77
C HIS A 401 87.67 1.24 3.65
N ARG A 402 87.13 1.33 2.44
CA ARG A 402 85.77 0.92 2.15
C ARG A 402 85.81 -0.47 1.52
N SER A 403 85.09 -1.42 2.12
CA SER A 403 85.06 -2.81 1.68
C SER A 403 86.46 -3.42 1.69
N VAL B 2 -6.73 13.46 14.87
CA VAL B 2 -7.29 12.16 14.54
C VAL B 2 -8.75 12.04 15.00
N GLN B 3 -9.63 11.65 14.09
CA GLN B 3 -11.06 11.53 14.36
C GLN B 3 -11.60 10.24 13.78
N LEU B 4 -12.30 9.48 14.60
CA LEU B 4 -12.94 8.22 14.21
C LEU B 4 -14.43 8.35 14.52
N VAL B 5 -15.24 8.48 13.46
CA VAL B 5 -16.65 8.76 13.59
C VAL B 5 -17.43 7.53 13.13
N GLU B 6 -18.16 6.91 14.05
CA GLU B 6 -18.93 5.71 13.76
C GLU B 6 -20.37 6.07 13.39
N SER B 7 -21.01 5.16 12.67
CA SER B 7 -22.41 5.33 12.29
C SER B 7 -22.93 3.98 11.78
N GLY B 8 -24.22 3.96 11.46
CA GLY B 8 -24.86 2.79 10.88
C GLY B 8 -25.54 1.88 11.87
N GLY B 9 -25.63 2.27 13.14
CA GLY B 9 -26.27 1.46 14.15
C GLY B 9 -27.69 1.92 14.41
N GLY B 10 -28.30 1.31 15.40
CA GLY B 10 -29.65 1.66 15.79
C GLY B 10 -30.36 0.48 16.42
N LEU B 11 -31.68 0.57 16.41
CA LEU B 11 -32.53 -0.44 17.04
C LEU B 11 -32.82 -1.55 16.05
N VAL B 12 -32.43 -2.77 16.40
CA VAL B 12 -32.70 -3.96 15.60
C VAL B 12 -33.36 -5.00 16.50
N GLN B 13 -33.86 -6.06 15.87
CA GLN B 13 -34.59 -7.11 16.54
C GLN B 13 -33.94 -8.46 16.25
N PRO B 14 -33.87 -9.39 17.25
CA PRO B 14 -33.15 -10.66 17.06
C PRO B 14 -33.29 -11.29 15.69
N GLY B 15 -32.14 -11.66 15.13
CA GLY B 15 -32.06 -11.97 13.71
C GLY B 15 -31.70 -10.71 12.95
N GLY B 16 -31.70 -10.84 11.63
CA GLY B 16 -31.45 -9.67 10.83
C GLY B 16 -29.98 -9.25 10.83
N SER B 17 -29.75 -8.06 10.29
CA SER B 17 -28.38 -7.58 10.11
C SER B 17 -28.30 -6.06 10.25
N LEU B 18 -27.17 -5.62 10.79
CA LEU B 18 -26.77 -4.22 10.79
C LEU B 18 -25.38 -4.13 10.16
N ARG B 19 -25.05 -2.93 9.67
CA ARG B 19 -23.74 -2.68 9.08
C ARG B 19 -23.21 -1.37 9.66
N LEU B 20 -22.14 -1.49 10.45
CA LEU B 20 -21.51 -0.34 11.07
C LEU B 20 -20.37 0.16 10.20
N SER B 21 -20.23 1.49 10.13
CA SER B 21 -19.23 2.14 9.30
C SER B 21 -18.49 3.16 10.13
N CYS B 22 -17.19 3.30 9.87
CA CYS B 22 -16.33 4.23 10.60
C CYS B 22 -15.56 5.06 9.59
N ALA B 23 -15.79 6.37 9.60
CA ALA B 23 -15.04 7.29 8.76
C ALA B 23 -13.83 7.78 9.53
N ALA B 24 -12.66 7.70 8.91
CA ALA B 24 -11.40 8.03 9.56
C ALA B 24 -10.76 9.23 8.88
N SER B 25 -10.15 10.10 9.68
CA SER B 25 -9.47 11.28 9.18
C SER B 25 -8.40 11.69 10.17
N GLY B 26 -7.54 12.60 9.74
CA GLY B 26 -6.48 13.09 10.59
C GLY B 26 -5.22 12.24 10.61
N PHE B 27 -5.17 11.17 9.84
CA PHE B 27 -4.01 10.28 9.82
C PHE B 27 -4.06 9.46 8.54
N THR B 28 -2.95 8.81 8.24
CA THR B 28 -2.86 7.93 7.07
C THR B 28 -3.60 6.63 7.38
N PHE B 29 -4.84 6.54 6.91
CA PHE B 29 -5.70 5.40 7.25
C PHE B 29 -5.16 4.10 6.67
N SER B 30 -4.60 4.15 5.46
CA SER B 30 -4.18 2.95 4.74
C SER B 30 -2.96 2.27 5.36
N SER B 31 -2.36 2.83 6.42
CA SER B 31 -1.16 2.26 7.02
C SER B 31 -1.40 1.63 8.38
N ASP B 32 -2.63 1.59 8.87
CA ASP B 32 -2.89 1.15 10.24
C ASP B 32 -3.87 -0.01 10.26
N GLY B 33 -3.67 -0.92 11.20
CA GLY B 33 -4.70 -1.89 11.53
C GLY B 33 -5.80 -1.26 12.36
N MET B 34 -6.99 -1.85 12.25
CA MET B 34 -8.16 -1.32 12.93
C MET B 34 -8.91 -2.46 13.60
N SER B 35 -9.66 -2.13 14.65
CA SER B 35 -10.41 -3.14 15.38
C SER B 35 -11.68 -2.50 15.94
N TRP B 36 -12.71 -3.33 16.10
CA TRP B 36 -13.95 -2.94 16.78
C TRP B 36 -13.96 -3.52 18.18
N VAL B 37 -14.46 -2.72 19.12
CA VAL B 37 -14.54 -3.10 20.54
C VAL B 37 -15.90 -2.70 21.07
N ARG B 38 -16.49 -3.56 21.89
CA ARG B 38 -17.84 -3.37 22.41
C ARG B 38 -17.82 -2.99 23.89
N GLN B 39 -18.88 -2.30 24.31
CA GLN B 39 -19.07 -2.01 25.73
C GLN B 39 -20.57 -1.99 26.00
N ALA B 40 -21.07 -3.06 26.60
CA ALA B 40 -22.47 -3.14 26.96
C ALA B 40 -22.79 -2.09 28.03
N PRO B 41 -24.06 -1.65 28.13
CA PRO B 41 -24.41 -0.65 29.13
C PRO B 41 -24.08 -1.10 30.55
N GLY B 42 -23.13 -0.42 31.19
CA GLY B 42 -22.72 -0.77 32.53
C GLY B 42 -21.67 -1.85 32.63
N LYS B 43 -21.20 -2.37 31.51
CA LYS B 43 -20.22 -3.45 31.50
C LYS B 43 -18.90 -2.97 30.94
N GLY B 44 -17.93 -3.89 30.90
CA GLY B 44 -16.59 -3.59 30.45
C GLY B 44 -16.46 -3.65 28.95
N LEU B 45 -15.20 -3.69 28.50
CA LEU B 45 -14.88 -3.69 27.09
C LEU B 45 -14.74 -5.12 26.59
N GLU B 46 -15.05 -5.31 25.31
CA GLU B 46 -14.92 -6.62 24.68
C GLU B 46 -14.47 -6.44 23.24
N TRP B 47 -13.39 -7.12 22.88
CA TRP B 47 -12.88 -7.02 21.51
C TRP B 47 -13.79 -7.77 20.57
N VAL B 48 -14.05 -7.20 19.40
CA VAL B 48 -14.97 -7.81 18.46
C VAL B 48 -14.18 -8.47 17.33
N SER B 49 -13.48 -7.65 16.55
CA SER B 49 -12.78 -8.14 15.37
C SER B 49 -11.68 -7.17 15.00
N TYR B 50 -10.66 -7.68 14.31
CA TYR B 50 -9.53 -6.89 13.87
C TYR B 50 -9.32 -7.10 12.38
N ILE B 51 -8.80 -6.06 11.73
CA ILE B 51 -8.46 -6.08 10.31
C ILE B 51 -7.09 -5.44 10.14
N SER B 52 -6.27 -6.03 9.28
CA SER B 52 -4.92 -5.52 9.07
C SER B 52 -4.96 -4.26 8.23
N SER B 53 -3.79 -3.63 8.06
CA SER B 53 -3.71 -2.41 7.27
C SER B 53 -4.13 -2.64 5.83
N GLY B 54 -3.59 -3.68 5.20
CA GLY B 54 -3.97 -4.01 3.84
C GLY B 54 -5.22 -4.85 3.70
N GLY B 55 -5.69 -5.44 4.78
CA GLY B 55 -6.90 -6.24 4.76
C GLY B 55 -6.73 -7.71 4.53
N ALA B 56 -5.49 -8.19 4.38
CA ALA B 56 -5.26 -9.60 4.07
C ALA B 56 -5.61 -10.51 5.23
N THR B 57 -5.43 -10.05 6.46
CA THR B 57 -5.64 -10.86 7.66
C THR B 57 -6.80 -10.27 8.46
N THR B 58 -7.76 -11.12 8.82
CA THR B 58 -8.89 -10.73 9.64
C THR B 58 -8.99 -11.67 10.83
N TYR B 59 -9.42 -11.12 11.96
CA TYR B 59 -9.57 -11.88 13.20
C TYR B 59 -10.93 -11.58 13.81
N TYR B 60 -11.49 -12.58 14.49
CA TYR B 60 -12.82 -12.46 15.07
C TYR B 60 -12.84 -13.14 16.44
N ALA B 61 -13.58 -12.55 17.37
CA ALA B 61 -13.84 -13.22 18.64
C ALA B 61 -14.81 -14.37 18.41
N ASP B 62 -14.62 -15.45 19.18
CA ASP B 62 -15.48 -16.62 19.01
C ASP B 62 -16.94 -16.29 19.29
N SER B 63 -17.20 -15.30 20.14
CA SER B 63 -18.58 -14.91 20.38
C SER B 63 -19.25 -14.27 19.17
N VAL B 64 -18.51 -14.03 18.10
CA VAL B 64 -19.07 -13.36 16.93
C VAL B 64 -18.72 -14.11 15.66
N LYS B 65 -17.89 -15.16 15.76
CA LYS B 65 -17.44 -15.87 14.55
C LYS B 65 -18.63 -16.48 13.82
N GLY B 66 -18.55 -16.42 12.49
CA GLY B 66 -19.60 -16.89 11.62
C GLY B 66 -20.76 -15.95 11.47
N ARG B 67 -20.91 -14.97 12.36
CA ARG B 67 -21.99 -14.00 12.31
C ARG B 67 -21.55 -12.61 11.91
N PHE B 68 -20.35 -12.18 12.31
CA PHE B 68 -19.84 -10.86 11.95
C PHE B 68 -18.76 -11.02 10.88
N THR B 69 -18.53 -9.93 10.14
CA THR B 69 -17.48 -9.90 9.14
C THR B 69 -17.01 -8.47 9.00
N ILE B 70 -15.69 -8.28 8.99
CA ILE B 70 -15.09 -6.94 8.97
C ILE B 70 -14.54 -6.66 7.58
N SER B 71 -14.67 -5.41 7.14
CA SER B 71 -14.28 -5.00 5.80
C SER B 71 -13.50 -3.70 5.87
N ARG B 72 -12.78 -3.38 4.80
CA ARG B 72 -12.01 -2.15 4.73
C ARG B 72 -12.15 -1.55 3.35
N ASP B 73 -12.08 -0.21 3.29
CA ASP B 73 -12.03 0.52 2.03
C ASP B 73 -11.00 1.64 2.22
N ASN B 74 -9.74 1.33 1.91
CA ASN B 74 -8.65 2.26 2.18
C ASN B 74 -8.65 3.46 1.24
N SER B 75 -9.29 3.34 0.07
CA SER B 75 -9.36 4.48 -0.83
C SER B 75 -10.33 5.54 -0.32
N LYS B 76 -11.34 5.13 0.44
CA LYS B 76 -12.32 6.05 1.00
C LYS B 76 -12.09 6.32 2.48
N ASN B 77 -11.16 5.63 3.12
CA ASN B 77 -10.88 5.77 4.55
C ASN B 77 -12.14 5.44 5.37
N THR B 78 -12.66 4.24 5.15
CA THR B 78 -13.87 3.77 5.82
C THR B 78 -13.66 2.36 6.33
N LEU B 79 -14.04 2.13 7.59
CA LEU B 79 -13.99 0.80 8.20
C LEU B 79 -15.40 0.27 8.39
N SER B 80 -15.59 -1.01 8.09
CA SER B 80 -16.90 -1.64 8.10
C SER B 80 -16.94 -2.83 9.04
N LEU B 81 -18.10 -3.04 9.67
CA LEU B 81 -18.37 -4.25 10.45
C LEU B 81 -19.82 -4.62 10.17
N GLN B 82 -20.04 -5.65 9.35
CA GLN B 82 -21.38 -6.11 9.06
C GLN B 82 -21.72 -7.26 10.00
N MET B 83 -22.81 -7.11 10.75
CA MET B 83 -23.22 -8.06 11.76
C MET B 83 -24.50 -8.76 11.31
N ASN B 84 -24.45 -10.07 11.20
CA ASN B 84 -25.61 -10.88 10.82
C ASN B 84 -26.09 -11.70 12.01
N SER B 85 -27.35 -12.11 11.94
CA SER B 85 -27.98 -12.97 12.95
C SER B 85 -27.78 -12.40 14.36
N LEU B 86 -28.26 -11.16 14.53
CA LEU B 86 -28.07 -10.45 15.78
C LEU B 86 -28.82 -11.12 16.92
N ARG B 87 -28.17 -11.20 18.07
CA ARG B 87 -28.73 -11.74 19.30
C ARG B 87 -28.76 -10.64 20.36
N GLY B 88 -29.39 -10.95 21.48
CA GLY B 88 -29.43 -10.01 22.58
C GLY B 88 -28.08 -9.73 23.21
N GLU B 89 -27.16 -10.68 23.09
CA GLU B 89 -25.80 -10.50 23.58
C GLU B 89 -25.05 -9.40 22.83
N ASP B 90 -25.47 -9.08 21.62
CA ASP B 90 -24.80 -8.07 20.81
C ASP B 90 -25.24 -6.65 21.13
N THR B 91 -26.09 -6.48 22.14
CA THR B 91 -26.52 -5.15 22.57
C THR B 91 -25.37 -4.46 23.30
N ALA B 92 -24.83 -3.39 22.70
CA ALA B 92 -23.68 -2.70 23.29
C ALA B 92 -23.42 -1.42 22.50
N VAL B 93 -22.46 -0.64 22.99
CA VAL B 93 -21.86 0.45 22.24
C VAL B 93 -20.65 -0.09 21.50
N TYR B 94 -20.53 0.25 20.21
CA TYR B 94 -19.47 -0.28 19.36
C TYR B 94 -18.48 0.85 19.07
N TYR B 95 -17.23 0.66 19.48
CA TYR B 95 -16.18 1.64 19.27
C TYR B 95 -15.28 1.23 18.12
N CYS B 96 -14.92 2.21 17.29
CA CYS B 96 -13.93 2.05 16.23
C CYS B 96 -12.61 2.59 16.76
N ALA B 97 -11.54 1.80 16.60
CA ALA B 97 -10.27 2.12 17.23
C ALA B 97 -9.12 1.72 16.32
N LYS B 98 -8.07 2.54 16.34
CA LYS B 98 -6.81 2.19 15.70
C LYS B 98 -6.14 1.06 16.46
N ASP B 99 -5.93 -0.08 15.80
CA ASP B 99 -5.25 -1.22 16.40
C ASP B 99 -3.88 -1.29 15.73
N ILE B 100 -2.91 -0.59 16.32
CA ILE B 100 -1.66 -0.33 15.63
C ILE B 100 -0.76 -1.56 15.69
N THR B 101 0.22 -1.60 14.79
CA THR B 101 1.25 -2.62 14.80
C THR B 101 2.61 -1.94 14.64
N ALA B 102 3.52 -2.23 15.55
CA ALA B 102 4.84 -1.62 15.57
C ALA B 102 5.87 -2.69 15.88
N PRO B 103 7.18 -2.38 15.88
CA PRO B 103 8.17 -3.39 16.29
C PRO B 103 8.08 -3.72 17.77
N GLY B 104 7.30 -4.75 18.08
CA GLY B 104 7.13 -5.21 19.44
C GLY B 104 6.25 -4.35 20.32
N ARG B 105 5.53 -3.41 19.75
CA ARG B 105 4.54 -2.59 20.47
C ARG B 105 3.21 -2.54 19.68
N ASN B 106 2.06 -2.57 20.38
CA ASN B 106 0.74 -2.57 19.76
C ASN B 106 -0.14 -1.57 20.51
N GLY B 107 -1.44 -1.68 20.34
CA GLY B 107 -2.38 -0.98 21.19
C GLY B 107 -3.51 -0.32 20.42
N LEU B 108 -4.56 0.04 21.17
CA LEU B 108 -5.70 0.76 20.61
C LEU B 108 -5.44 2.24 20.82
N ASP B 109 -4.70 2.84 19.88
CA ASP B 109 -4.11 4.15 20.11
C ASP B 109 -5.19 5.22 20.30
N SER B 110 -6.14 5.28 19.38
CA SER B 110 -7.19 6.28 19.43
C SER B 110 -8.54 5.62 19.25
N TRP B 111 -9.56 6.18 19.90
CA TRP B 111 -10.91 5.64 19.90
C TRP B 111 -11.89 6.67 19.34
N GLY B 112 -12.95 6.17 18.72
CA GLY B 112 -14.09 7.01 18.39
C GLY B 112 -15.06 7.15 19.54
N GLN B 113 -16.06 8.00 19.34
CA GLN B 113 -17.08 8.24 20.36
C GLN B 113 -18.13 7.12 20.43
N GLY B 114 -18.17 6.23 19.44
CA GLY B 114 -18.98 5.05 19.51
C GLY B 114 -20.40 5.29 19.00
N VAL B 115 -21.05 4.19 18.63
CA VAL B 115 -22.43 4.21 18.16
C VAL B 115 -23.20 3.12 18.89
N VAL B 116 -24.48 3.39 19.19
CA VAL B 116 -25.31 2.50 19.98
C VAL B 116 -25.99 1.48 19.05
N VAL B 117 -25.97 0.21 19.46
CA VAL B 117 -26.66 -0.87 18.76
C VAL B 117 -27.53 -1.59 19.78
N THR B 118 -28.83 -1.63 19.52
CA THR B 118 -29.81 -2.21 20.45
C THR B 118 -30.58 -3.32 19.77
N VAL B 119 -30.46 -4.53 20.31
CA VAL B 119 -31.21 -5.69 19.85
C VAL B 119 -32.33 -5.94 20.86
N SER B 120 -33.58 -5.95 20.39
CA SER B 120 -34.71 -6.12 21.28
C SER B 120 -35.88 -6.71 20.51
N SER B 121 -36.64 -7.57 21.19
CA SER B 121 -37.72 -8.34 20.55
C SER B 121 -39.09 -7.68 20.66
N ALA B 122 -39.42 -7.06 21.79
CA ALA B 122 -40.75 -6.48 21.98
C ALA B 122 -40.88 -5.17 21.23
N SER B 123 -42.14 -4.76 20.99
CA SER B 123 -42.45 -3.68 20.07
C SER B 123 -42.68 -2.34 20.79
N THR B 124 -43.71 -2.27 21.63
CA THR B 124 -44.02 -1.07 22.42
C THR B 124 -45.06 -1.46 23.48
N LYS B 125 -44.84 -1.05 24.73
CA LYS B 125 -45.62 -1.60 25.84
C LYS B 125 -45.81 -0.58 26.95
N GLY B 126 -47.02 -0.57 27.53
CA GLY B 126 -47.33 0.28 28.66
C GLY B 126 -47.05 -0.38 29.99
N PRO B 127 -46.91 0.41 31.05
CA PRO B 127 -46.59 -0.12 32.38
C PRO B 127 -47.81 -0.45 33.24
N SER B 128 -47.55 -1.23 34.30
CA SER B 128 -48.52 -1.54 35.35
C SER B 128 -47.97 -1.10 36.69
N VAL B 129 -48.71 -0.22 37.39
CA VAL B 129 -48.23 0.43 38.62
C VAL B 129 -48.82 -0.25 39.85
N PHE B 130 -47.98 -0.47 40.86
CA PHE B 130 -48.35 -1.11 42.12
C PHE B 130 -47.76 -0.36 43.30
N PRO B 131 -48.47 -0.32 44.42
CA PRO B 131 -47.98 0.42 45.60
C PRO B 131 -46.93 -0.36 46.38
N LEU B 132 -46.22 0.38 47.25
CA LEU B 132 -45.22 -0.18 48.16
C LEU B 132 -45.45 0.41 49.55
N ALA B 133 -46.30 -0.24 50.35
CA ALA B 133 -46.62 0.26 51.68
C ALA B 133 -45.56 -0.18 52.68
N PRO B 134 -45.36 0.57 53.77
CA PRO B 134 -44.37 0.15 54.77
C PRO B 134 -44.74 -1.14 55.50
N SER B 135 -45.90 -1.16 56.16
CA SER B 135 -46.42 -2.26 56.96
C SER B 135 -45.54 -2.52 58.17
N SER B 136 -44.44 -1.78 58.30
CA SER B 136 -43.58 -1.76 59.46
C SER B 136 -43.32 -0.32 59.87
N ARG B 137 -43.17 -0.11 61.15
CA ARG B 137 -42.98 1.22 61.65
C ARG B 137 -41.76 1.37 62.55
N SER B 138 -40.67 1.83 61.97
CA SER B 138 -39.40 1.93 62.66
C SER B 138 -39.33 3.10 63.64
N THR B 139 -40.13 4.15 63.40
CA THR B 139 -40.33 5.23 64.37
C THR B 139 -39.02 5.91 64.77
N SER B 140 -38.12 6.08 63.81
CA SER B 140 -36.92 6.89 64.02
C SER B 140 -37.29 8.32 63.62
N GLU B 141 -37.70 9.11 64.62
CA GLU B 141 -38.33 10.42 64.40
C GLU B 141 -39.56 10.28 63.50
N SER B 142 -40.34 9.22 63.76
CA SER B 142 -41.61 8.96 63.06
C SER B 142 -41.46 9.06 61.55
N THR B 143 -40.43 8.40 61.02
CA THR B 143 -40.10 8.48 59.60
C THR B 143 -40.45 7.16 58.93
N ALA B 144 -41.55 7.15 58.18
CA ALA B 144 -42.05 5.99 57.47
C ALA B 144 -41.91 6.22 55.98
N ALA B 145 -41.50 5.19 55.24
CA ALA B 145 -41.17 5.30 53.82
C ALA B 145 -42.11 4.44 53.00
N LEU B 146 -42.79 5.06 52.04
CA LEU B 146 -43.73 4.38 51.15
C LEU B 146 -43.46 4.80 49.72
N GLY B 147 -43.88 3.96 48.77
CA GLY B 147 -43.63 4.26 47.38
C GLY B 147 -44.49 3.47 46.43
N CYS B 148 -44.09 3.49 45.15
CA CYS B 148 -44.78 2.77 44.09
C CYS B 148 -43.78 2.27 43.07
N LEU B 149 -43.98 1.04 42.60
CA LEU B 149 -43.16 0.45 41.56
C LEU B 149 -43.91 0.47 40.23
N VAL B 150 -43.19 0.84 39.17
CA VAL B 150 -43.73 0.91 37.82
C VAL B 150 -43.07 -0.20 37.00
N LYS B 151 -43.84 -1.23 36.68
CA LYS B 151 -43.30 -2.49 36.16
C LYS B 151 -43.61 -2.65 34.67
N ASP B 152 -42.60 -3.08 33.91
CA ASP B 152 -42.76 -3.63 32.56
C ASP B 152 -43.36 -2.61 31.60
N TYR B 153 -42.57 -1.58 31.32
CA TYR B 153 -42.86 -0.62 30.26
C TYR B 153 -41.73 -0.66 29.24
N PHE B 154 -42.09 -0.43 27.97
CA PHE B 154 -41.11 -0.47 26.89
C PHE B 154 -40.26 0.79 26.72
N PRO B 155 -40.82 1.98 26.42
CA PRO B 155 -39.94 3.13 26.23
C PRO B 155 -39.52 3.77 27.55
N GLU B 156 -38.24 4.14 27.63
CA GLU B 156 -37.70 4.60 28.89
C GLU B 156 -38.44 5.80 29.47
N PRO B 157 -38.84 6.83 28.69
CA PRO B 157 -39.52 7.98 29.31
C PRO B 157 -40.75 7.57 30.12
N VAL B 158 -40.66 7.77 31.43
CA VAL B 158 -41.75 7.63 32.38
C VAL B 158 -41.58 8.74 33.39
N THR B 159 -42.58 9.60 33.53
CA THR B 159 -42.53 10.69 34.49
C THR B 159 -43.38 10.33 35.68
N VAL B 160 -42.81 10.48 36.88
CA VAL B 160 -43.48 10.10 38.11
C VAL B 160 -43.63 11.34 38.98
N SER B 161 -44.85 11.61 39.41
CA SER B 161 -45.14 12.67 40.35
C SER B 161 -45.78 12.05 41.59
N TRP B 162 -46.01 12.89 42.60
CA TRP B 162 -46.62 12.43 43.84
C TRP B 162 -47.61 13.50 44.29
N ASN B 163 -48.86 13.07 44.50
CA ASN B 163 -49.95 13.95 44.91
C ASN B 163 -50.09 15.15 43.98
N SER B 164 -49.96 14.89 42.67
CA SER B 164 -50.17 15.89 41.62
C SER B 164 -49.33 17.15 41.89
N GLY B 165 -48.07 16.94 42.24
CA GLY B 165 -47.16 18.03 42.50
C GLY B 165 -47.21 18.61 43.90
N SER B 166 -48.16 18.18 44.73
CA SER B 166 -48.20 18.64 46.12
C SER B 166 -46.99 18.14 46.90
N LEU B 167 -46.56 16.90 46.64
CA LEU B 167 -45.49 16.26 47.38
C LEU B 167 -44.20 16.43 46.61
N THR B 168 -43.31 17.28 47.14
CA THR B 168 -42.00 17.51 46.57
C THR B 168 -40.86 17.24 47.54
N SER B 169 -41.09 17.43 48.85
CA SER B 169 -40.07 17.18 49.84
C SER B 169 -39.96 15.68 50.12
N GLY B 170 -38.74 15.17 50.08
CA GLY B 170 -38.50 13.76 50.36
C GLY B 170 -38.79 12.81 49.21
N VAL B 171 -38.93 13.31 47.98
CA VAL B 171 -39.21 12.46 46.84
C VAL B 171 -37.90 11.94 46.24
N HIS B 172 -37.89 10.65 45.88
CA HIS B 172 -36.73 10.00 45.27
C HIS B 172 -37.19 9.01 44.19
N THR B 173 -37.02 9.40 42.93
CA THR B 173 -37.29 8.52 41.80
C THR B 173 -35.96 7.93 41.32
N PHE B 174 -35.92 6.57 41.19
CA PHE B 174 -34.67 5.85 40.95
C PHE B 174 -34.52 5.45 39.49
N PRO B 175 -33.28 5.29 39.01
CA PRO B 175 -33.06 4.78 37.66
C PRO B 175 -33.60 3.37 37.48
N ALA B 176 -34.02 3.08 36.25
CA ALA B 176 -34.75 1.86 35.90
C ALA B 176 -33.82 0.68 35.66
N VAL B 177 -34.41 -0.51 35.69
CA VAL B 177 -33.73 -1.75 35.30
C VAL B 177 -34.15 -2.08 33.87
N LEU B 178 -33.32 -2.86 33.19
CA LEU B 178 -33.67 -3.46 31.90
C LEU B 178 -33.56 -4.97 32.09
N GLN B 179 -34.71 -5.64 32.08
CA GLN B 179 -34.85 -7.06 32.35
C GLN B 179 -34.61 -7.89 31.10
N SER B 180 -34.38 -9.19 31.32
CA SER B 180 -34.16 -10.10 30.21
C SER B 180 -35.41 -10.24 29.35
N SER B 181 -36.56 -9.81 29.88
CA SER B 181 -37.79 -9.78 29.09
C SER B 181 -37.78 -8.65 28.07
N GLY B 182 -36.82 -7.74 28.15
CA GLY B 182 -36.70 -6.64 27.23
C GLY B 182 -37.38 -5.36 27.66
N LEU B 183 -38.04 -5.35 28.81
CA LEU B 183 -38.79 -4.20 29.29
C LEU B 183 -38.10 -3.55 30.48
N TYR B 184 -38.54 -2.35 30.81
CA TYR B 184 -37.98 -1.57 31.90
C TYR B 184 -38.92 -1.58 33.09
N SER B 185 -38.33 -1.48 34.29
CA SER B 185 -39.05 -1.36 35.54
C SER B 185 -38.41 -0.26 36.38
N LEU B 186 -39.23 0.45 37.15
CA LEU B 186 -38.79 1.65 37.85
C LEU B 186 -39.53 1.75 39.17
N SER B 187 -38.91 2.42 40.13
CA SER B 187 -39.52 2.63 41.44
C SER B 187 -39.29 4.05 41.91
N SER B 188 -40.19 4.52 42.76
CA SER B 188 -40.10 5.84 43.35
C SER B 188 -40.64 5.77 44.78
N VAL B 189 -39.93 6.43 45.71
CA VAL B 189 -40.22 6.31 47.13
C VAL B 189 -40.16 7.68 47.77
N VAL B 190 -40.99 7.90 48.79
CA VAL B 190 -41.00 9.13 49.56
C VAL B 190 -40.99 8.79 51.04
N THR B 191 -40.25 9.58 51.82
CA THR B 191 -40.19 9.45 53.28
C THR B 191 -41.10 10.48 53.92
N VAL B 192 -41.98 10.01 54.81
CA VAL B 192 -43.07 10.83 55.32
C VAL B 192 -43.18 10.67 56.84
N PRO B 193 -43.52 11.73 57.58
CA PRO B 193 -43.76 11.58 59.02
C PRO B 193 -44.87 10.58 59.33
N SER B 194 -44.64 9.79 60.38
CA SER B 194 -45.60 8.77 60.78
C SER B 194 -46.90 9.36 61.33
N SER B 195 -46.89 10.63 61.73
CA SER B 195 -48.10 11.28 62.23
C SER B 195 -49.15 11.49 61.14
N SER B 196 -48.80 11.24 59.88
CA SER B 196 -49.68 11.44 58.74
C SER B 196 -50.26 10.16 58.16
N LEU B 197 -49.98 8.99 58.74
CA LEU B 197 -50.49 7.74 58.16
C LEU B 197 -52.02 7.74 58.07
N GLY B 198 -52.70 8.26 59.09
CA GLY B 198 -54.14 8.30 59.10
C GLY B 198 -54.78 9.57 58.59
N THR B 199 -54.00 10.59 58.25
CA THR B 199 -54.55 11.87 57.81
C THR B 199 -54.28 12.21 56.36
N GLN B 200 -53.07 11.97 55.87
CA GLN B 200 -52.67 12.41 54.54
C GLN B 200 -52.85 11.24 53.58
N THR B 201 -53.56 11.47 52.48
CA THR B 201 -53.79 10.43 51.49
C THR B 201 -52.60 10.39 50.53
N TYR B 202 -51.93 9.25 50.49
CA TYR B 202 -50.72 9.10 49.68
C TYR B 202 -51.08 8.57 48.29
N VAL B 203 -50.66 9.32 47.26
CA VAL B 203 -51.02 9.07 45.88
C VAL B 203 -49.79 9.25 44.99
N CYS B 204 -49.57 8.29 44.10
CA CYS B 204 -48.45 8.34 43.15
C CYS B 204 -49.01 8.55 41.74
N ASN B 205 -48.38 9.46 40.99
CA ASN B 205 -48.84 9.84 39.66
C ASN B 205 -47.82 9.43 38.60
N VAL B 206 -48.12 8.34 37.88
CA VAL B 206 -47.25 7.82 36.82
C VAL B 206 -47.85 8.17 35.47
N ASN B 207 -47.02 8.74 34.59
CA ASN B 207 -47.42 9.07 33.22
C ASN B 207 -46.40 8.44 32.28
N HIS B 208 -46.88 7.64 31.34
CA HIS B 208 -46.05 6.99 30.32
C HIS B 208 -46.52 7.51 28.96
N LYS B 209 -45.93 8.62 28.52
CA LYS B 209 -46.35 9.27 27.30
C LYS B 209 -46.26 8.41 26.03
N PRO B 210 -45.18 7.66 25.78
CA PRO B 210 -45.11 6.91 24.51
C PRO B 210 -46.25 5.94 24.26
N SER B 211 -46.92 5.45 25.30
CA SER B 211 -48.06 4.56 25.13
C SER B 211 -49.36 5.14 25.65
N ASN B 212 -49.39 6.43 26.00
CA ASN B 212 -50.61 7.12 26.42
C ASN B 212 -51.23 6.45 27.64
N THR B 213 -50.43 6.27 28.69
CA THR B 213 -50.91 5.74 29.95
C THR B 213 -50.69 6.79 31.02
N LYS B 214 -51.73 7.03 31.81
CA LYS B 214 -51.63 7.92 32.97
C LYS B 214 -52.26 7.11 34.09
N VAL B 215 -51.43 6.59 34.98
CA VAL B 215 -51.89 5.71 36.06
C VAL B 215 -51.55 6.38 37.38
N ASP B 216 -52.57 6.60 38.20
CA ASP B 216 -52.41 7.14 39.54
C ASP B 216 -52.88 6.07 40.53
N LYS B 217 -51.96 5.54 41.31
CA LYS B 217 -52.29 4.43 42.21
C LYS B 217 -52.38 4.87 43.65
N ARG B 218 -53.33 4.26 44.37
CA ARG B 218 -53.50 4.45 45.80
C ARG B 218 -52.32 3.82 46.51
N VAL B 219 -51.19 4.53 46.50
CA VAL B 219 -50.07 4.14 47.32
C VAL B 219 -50.49 4.41 48.76
N SER C 2 -7.87 -17.67 28.79
CA SER C 2 -7.24 -16.40 29.15
C SER C 2 -8.21 -15.46 29.86
N VAL C 3 -7.92 -15.17 31.12
CA VAL C 3 -8.75 -14.30 31.94
C VAL C 3 -7.87 -13.28 32.63
N LEU C 4 -8.22 -12.00 32.47
CA LEU C 4 -7.60 -10.92 33.23
C LEU C 4 -8.58 -10.49 34.33
N THR C 5 -8.09 -10.46 35.56
CA THR C 5 -8.94 -10.21 36.72
C THR C 5 -8.57 -8.86 37.34
N GLN C 6 -9.55 -7.98 37.46
CA GLN C 6 -9.40 -6.71 38.13
C GLN C 6 -10.45 -6.58 39.24
N PRO C 7 -10.12 -5.88 40.33
CA PRO C 7 -11.14 -5.58 41.34
C PRO C 7 -12.21 -4.67 40.77
N PRO C 8 -13.47 -4.90 41.12
CA PRO C 8 -14.54 -4.05 40.56
C PRO C 8 -14.38 -2.58 40.87
N SER C 9 -13.92 -2.22 42.06
CA SER C 9 -13.79 -0.82 42.41
C SER C 9 -12.68 -0.64 43.45
N LEU C 10 -12.00 0.50 43.37
CA LEU C 10 -11.00 0.89 44.34
C LEU C 10 -11.18 2.37 44.65
N SER C 11 -10.59 2.81 45.74
CA SER C 11 -10.87 4.15 46.24
C SER C 11 -9.69 4.66 47.06
N ALA C 12 -9.36 5.94 46.87
CA ALA C 12 -8.23 6.55 47.56
C ALA C 12 -8.38 8.06 47.53
N SER C 13 -7.52 8.73 48.26
CA SER C 13 -7.48 10.18 48.30
C SER C 13 -6.35 10.70 47.43
N PRO C 14 -6.42 11.96 46.99
CA PRO C 14 -5.29 12.59 46.30
C PRO C 14 -3.98 12.53 47.08
N GLY C 15 -2.87 12.84 46.41
CA GLY C 15 -1.56 12.67 46.99
C GLY C 15 -1.16 11.24 47.28
N ALA C 16 -2.03 10.28 47.08
CA ALA C 16 -1.72 8.88 47.34
C ALA C 16 -1.02 8.26 46.14
N SER C 17 -0.25 7.22 46.42
CA SER C 17 0.33 6.39 45.38
C SER C 17 -0.68 5.28 45.11
N ALA C 18 -1.55 5.50 44.13
CA ALA C 18 -2.61 4.54 43.83
C ALA C 18 -2.04 3.32 43.14
N ARG C 19 -2.60 2.15 43.46
CA ARG C 19 -2.16 0.87 42.91
C ARG C 19 -3.37 0.11 42.41
N LEU C 20 -3.45 -0.10 41.10
CA LEU C 20 -4.55 -0.83 40.50
C LEU C 20 -4.05 -2.13 39.91
N PRO C 21 -4.40 -3.28 40.47
CA PRO C 21 -3.84 -4.55 40.01
C PRO C 21 -4.59 -5.14 38.83
N CYS C 22 -3.92 -6.07 38.16
CA CYS C 22 -4.49 -6.80 37.03
C CYS C 22 -3.85 -8.18 37.02
N THR C 23 -4.53 -9.17 37.59
CA THR C 23 -4.00 -10.52 37.68
C THR C 23 -4.24 -11.26 36.37
N LEU C 24 -3.17 -11.83 35.82
CA LEU C 24 -3.26 -12.65 34.62
C LEU C 24 -3.47 -14.11 34.99
N SER C 25 -4.37 -14.77 34.27
CA SER C 25 -4.57 -16.19 34.48
C SER C 25 -3.31 -16.97 34.10
N SER C 26 -3.18 -18.17 34.68
CA SER C 26 -2.00 -19.01 34.43
C SER C 26 -1.81 -19.30 32.94
N ASP C 27 -2.81 -19.03 32.11
CA ASP C 27 -2.64 -19.10 30.66
C ASP C 27 -1.41 -18.33 30.22
N LEU C 28 -1.22 -17.13 30.77
CA LEU C 28 -0.17 -16.22 30.36
C LEU C 28 0.86 -16.07 31.49
N ASN C 29 1.94 -15.36 31.17
CA ASN C 29 2.98 -15.02 32.14
C ASN C 29 3.23 -13.52 32.06
N VAL C 30 2.98 -12.82 33.17
CA VAL C 30 2.96 -11.35 33.15
C VAL C 30 4.29 -10.78 32.66
N GLY C 31 5.40 -11.44 33.00
CA GLY C 31 6.71 -10.92 32.63
C GLY C 31 6.98 -10.91 31.14
N THR C 32 6.21 -11.66 30.37
CA THR C 32 6.42 -11.77 28.92
C THR C 32 5.37 -11.00 28.13
N LYS C 33 4.50 -10.25 28.79
CA LYS C 33 3.34 -9.65 28.14
C LYS C 33 3.51 -8.14 28.00
N ASN C 34 2.93 -7.60 26.93
CA ASN C 34 2.70 -6.17 26.82
C ASN C 34 1.43 -5.80 27.58
N MET C 35 1.51 -4.72 28.35
CA MET C 35 0.39 -4.26 29.16
C MET C 35 -0.12 -2.94 28.61
N TYR C 36 -1.41 -2.89 28.31
CA TYR C 36 -2.06 -1.69 27.80
C TYR C 36 -3.19 -1.31 28.74
N TRP C 37 -3.08 -0.13 29.34
CA TRP C 37 -4.10 0.40 30.23
C TRP C 37 -4.90 1.48 29.54
N TYR C 38 -6.22 1.42 29.67
CA TYR C 38 -7.11 2.38 29.03
C TYR C 38 -7.93 3.09 30.10
N GLN C 39 -8.01 4.40 30.00
CA GLN C 39 -8.76 5.22 30.93
C GLN C 39 -10.08 5.65 30.28
N GLN C 40 -11.18 5.52 31.03
CA GLN C 40 -12.49 5.93 30.54
C GLN C 40 -13.22 6.65 31.66
N LYS C 41 -13.49 7.92 31.46
CA LYS C 41 -14.25 8.75 32.37
C LYS C 41 -15.71 8.79 31.93
N PRO C 42 -16.65 9.00 32.85
CA PRO C 42 -18.07 9.00 32.47
C PRO C 42 -18.38 10.02 31.39
N GLY C 43 -19.09 9.56 30.37
CA GLY C 43 -19.44 10.41 29.24
C GLY C 43 -18.40 10.50 28.15
N SER C 44 -17.31 9.73 28.24
CA SER C 44 -16.23 9.81 27.28
C SER C 44 -15.84 8.42 26.81
N ALA C 45 -15.11 8.38 25.70
CA ALA C 45 -14.58 7.14 25.15
C ALA C 45 -13.31 6.73 25.87
N PRO C 46 -12.93 5.46 25.78
CA PRO C 46 -11.65 5.05 26.37
C PRO C 46 -10.47 5.70 25.67
N ARG C 47 -9.43 5.99 26.46
CA ARG C 47 -8.19 6.56 25.96
C ARG C 47 -7.03 5.68 26.38
N LEU C 48 -6.10 5.46 25.44
CA LEU C 48 -4.88 4.72 25.77
C LEU C 48 -4.10 5.47 26.84
N PHE C 49 -3.98 4.84 28.01
CA PHE C 49 -3.41 5.47 29.19
C PHE C 49 -1.93 5.14 29.40
N LEU C 50 -1.57 3.87 29.28
CA LEU C 50 -0.19 3.46 29.52
C LEU C 50 0.12 2.16 28.79
N TYR C 51 1.23 2.14 28.07
CA TYR C 51 1.83 0.91 27.57
C TYR C 51 2.99 0.55 28.48
N TYR C 52 3.04 -0.71 28.93
CA TYR C 52 4.10 -1.11 29.84
C TYR C 52 4.52 -2.55 29.56
N TYR C 53 5.80 -2.72 29.28
CA TYR C 53 6.45 -4.03 29.29
C TYR C 53 7.50 -4.16 30.38
N SER C 54 8.25 -3.09 30.62
CA SER C 54 9.21 -3.02 31.72
C SER C 54 9.48 -1.55 32.01
N ASP C 55 10.30 -1.30 33.04
CA ASP C 55 10.70 0.07 33.34
C ASP C 55 11.54 0.67 32.22
N SER C 56 12.13 -0.16 31.38
CA SER C 56 12.91 0.29 30.24
C SER C 56 12.13 0.23 28.93
N ASP C 57 10.89 -0.24 28.96
CA ASP C 57 10.07 -0.40 27.76
C ASP C 57 8.64 0.00 28.14
N LYS C 58 8.31 1.26 27.93
CA LYS C 58 7.01 1.79 28.31
C LYS C 58 6.78 3.09 27.55
N GLN C 59 5.54 3.57 27.59
CA GLN C 59 5.19 4.83 26.94
C GLN C 59 3.86 5.32 27.48
N LEU C 60 3.84 6.55 27.97
CA LEU C 60 2.63 7.16 28.48
C LEU C 60 1.75 7.64 27.34
N GLY C 61 0.45 7.64 27.58
CA GLY C 61 -0.50 8.12 26.60
C GLY C 61 -0.35 9.61 26.37
N PRO C 62 -0.92 10.11 25.28
CA PRO C 62 -0.88 11.56 25.01
C PRO C 62 -1.62 12.33 26.11
N GLY C 63 -0.90 13.27 26.72
CA GLY C 63 -1.48 14.08 27.78
C GLY C 63 -1.60 13.38 29.11
N VAL C 64 -0.88 12.29 29.33
CA VAL C 64 -0.91 11.54 30.58
C VAL C 64 0.31 11.96 31.40
N PRO C 65 0.13 12.46 32.62
CA PRO C 65 1.24 13.07 33.36
C PRO C 65 2.27 12.03 33.80
N ASN C 66 3.44 12.55 34.20
CA ASN C 66 4.55 11.71 34.63
C ASN C 66 4.22 10.87 35.85
N ARG C 67 3.21 11.27 36.64
CA ARG C 67 2.86 10.53 37.84
C ARG C 67 2.41 9.11 37.54
N VAL C 68 2.04 8.82 36.30
CA VAL C 68 1.56 7.49 35.92
C VAL C 68 2.74 6.58 35.64
N SER C 69 2.72 5.38 36.22
CA SER C 69 3.75 4.39 35.99
C SER C 69 3.13 3.00 36.03
N GLY C 70 3.96 2.00 35.71
CA GLY C 70 3.51 0.63 35.73
C GLY C 70 4.58 -0.27 36.33
N SER C 71 4.17 -1.52 36.59
CA SER C 71 5.08 -2.51 37.16
C SER C 71 4.47 -3.89 36.97
N LYS C 72 5.22 -4.91 37.38
CA LYS C 72 4.79 -6.29 37.33
C LYS C 72 5.33 -7.03 38.55
N GLU C 73 4.65 -8.13 38.90
CA GLU C 73 5.16 -9.06 39.90
C GLU C 73 4.87 -10.47 39.41
N THR C 74 5.95 -11.25 39.22
CA THR C 74 5.82 -12.56 38.58
C THR C 74 5.24 -13.61 39.50
N SER C 75 5.49 -13.50 40.81
CA SER C 75 5.01 -14.50 41.75
C SER C 75 3.49 -14.62 41.72
N SER C 76 2.79 -13.48 41.66
CA SER C 76 1.34 -13.45 41.58
C SER C 76 0.82 -13.29 40.16
N ASN C 77 1.72 -13.22 39.17
CA ASN C 77 1.33 -13.06 37.77
C ASN C 77 0.44 -11.83 37.58
N THR C 78 0.81 -10.74 38.25
CA THR C 78 -0.02 -9.55 38.32
C THR C 78 0.71 -8.36 37.74
N ALA C 79 -0.03 -7.54 36.97
CA ALA C 79 0.45 -6.25 36.51
C ALA C 79 -0.22 -5.15 37.33
N PHE C 80 0.46 -4.00 37.43
CA PHE C 80 -0.03 -2.90 38.24
C PHE C 80 0.00 -1.60 37.46
N LEU C 81 -1.02 -0.78 37.68
CA LEU C 81 -1.02 0.60 37.26
C LEU C 81 -0.78 1.46 38.50
N LEU C 82 0.14 2.41 38.40
CA LEU C 82 0.54 3.24 39.54
C LEU C 82 0.31 4.71 39.22
N ILE C 83 -0.22 5.44 40.19
CA ILE C 83 -0.50 6.88 40.06
C ILE C 83 0.12 7.58 41.25
N SER C 84 1.27 8.22 41.04
CA SER C 84 1.83 9.08 42.08
C SER C 84 0.95 10.30 42.27
N GLY C 85 0.93 10.81 43.50
CA GLY C 85 0.25 12.05 43.80
C GLY C 85 -1.13 12.21 43.17
N LEU C 86 -2.08 11.39 43.61
CA LEU C 86 -3.40 11.34 43.00
C LEU C 86 -4.07 12.70 43.04
N GLN C 87 -5.08 12.88 42.18
CA GLN C 87 -5.83 14.12 42.08
C GLN C 87 -7.23 13.78 41.59
N PRO C 88 -8.21 14.65 41.83
CA PRO C 88 -9.59 14.36 41.38
C PRO C 88 -9.71 14.05 39.90
N GLU C 89 -8.89 14.68 39.05
CA GLU C 89 -8.96 14.41 37.61
C GLU C 89 -8.72 12.94 37.31
N ASP C 90 -7.93 12.25 38.14
CA ASP C 90 -7.60 10.85 37.90
C ASP C 90 -8.77 9.91 38.18
N GLU C 91 -9.88 10.40 38.70
CA GLU C 91 -11.03 9.53 38.94
C GLU C 91 -11.64 9.10 37.62
N ALA C 92 -11.62 7.79 37.37
CA ALA C 92 -12.15 7.22 36.14
C ALA C 92 -12.21 5.71 36.31
N ASP C 93 -12.60 5.02 35.24
CA ASP C 93 -12.48 3.58 35.15
C ASP C 93 -11.21 3.23 34.38
N TYR C 94 -10.55 2.15 34.79
CA TYR C 94 -9.30 1.74 34.19
C TYR C 94 -9.36 0.26 33.84
N TYR C 95 -8.96 -0.07 32.61
CA TYR C 95 -9.02 -1.42 32.09
C TYR C 95 -7.62 -1.83 31.63
N CYS C 96 -7.16 -2.99 32.10
CA CYS C 96 -5.96 -3.58 31.52
C CYS C 96 -6.34 -4.39 30.29
N GLN C 97 -5.35 -4.63 29.43
CA GLN C 97 -5.60 -5.33 28.19
C GLN C 97 -4.32 -6.05 27.76
N VAL C 98 -4.52 -7.13 27.05
CA VAL C 98 -3.45 -7.91 26.55
C VAL C 98 -3.71 -8.46 25.19
N TYR C 99 -2.66 -8.76 24.47
CA TYR C 99 -2.75 -9.43 23.18
C TYR C 99 -2.36 -10.89 23.34
N ASP C 100 -3.11 -11.78 22.66
CA ASP C 100 -2.75 -13.19 22.66
C ASP C 100 -3.33 -13.84 21.40
N ASN C 101 -2.49 -13.98 20.37
CA ASN C 101 -2.81 -14.73 19.16
C ASN C 101 -4.19 -14.34 18.61
N SER C 102 -4.27 -13.08 18.17
CA SER C 102 -5.42 -12.45 17.55
C SER C 102 -6.46 -12.01 18.58
N ALA C 103 -6.31 -12.36 19.85
CA ALA C 103 -7.31 -12.05 20.86
C ALA C 103 -6.83 -10.86 21.68
N ARG C 104 -7.65 -9.82 21.74
CA ARG C 104 -7.40 -8.67 22.60
C ARG C 104 -8.28 -8.83 23.84
N VAL C 105 -7.68 -9.18 24.96
CA VAL C 105 -8.41 -9.56 26.16
C VAL C 105 -8.40 -8.38 27.13
N PHE C 106 -9.58 -7.91 27.50
CA PHE C 106 -9.73 -6.84 28.47
C PHE C 106 -10.04 -7.42 29.85
N GLY C 107 -9.51 -6.76 30.88
CA GLY C 107 -9.89 -7.08 32.23
C GLY C 107 -11.27 -6.55 32.56
N GLY C 108 -11.79 -6.96 33.71
CA GLY C 108 -13.11 -6.52 34.12
C GLY C 108 -13.23 -5.02 34.27
N GLY C 109 -12.13 -4.35 34.61
CA GLY C 109 -12.14 -2.91 34.77
C GLY C 109 -12.27 -2.47 36.21
N THR C 110 -11.36 -1.62 36.65
CA THR C 110 -11.38 -1.07 38.00
C THR C 110 -11.95 0.34 37.95
N ARG C 111 -12.97 0.58 38.78
CA ARG C 111 -13.57 1.91 38.90
C ARG C 111 -12.87 2.63 40.05
N LEU C 112 -11.91 3.48 39.72
CA LEU C 112 -11.16 4.21 40.73
C LEU C 112 -11.94 5.43 41.17
N THR C 113 -12.11 5.59 42.49
CA THR C 113 -12.79 6.74 43.07
C THR C 113 -11.75 7.58 43.81
N VAL C 114 -11.43 8.74 43.25
CA VAL C 114 -10.66 9.73 44.01
C VAL C 114 -11.55 10.22 45.13
N LEU C 115 -11.20 9.90 46.37
CA LEU C 115 -12.10 10.11 47.49
C LEU C 115 -12.43 11.58 47.63
N GLY C 116 -13.73 11.89 47.69
CA GLY C 116 -14.17 13.26 47.84
C GLY C 116 -15.00 13.46 49.08
N GLN C 117 -15.44 12.35 49.65
CA GLN C 117 -16.45 12.33 50.69
C GLN C 117 -16.02 11.40 51.82
N PRO C 118 -16.37 11.75 53.06
CA PRO C 118 -16.35 10.73 54.11
C PRO C 118 -17.22 9.57 53.68
N LYS C 119 -16.63 8.39 53.64
CA LYS C 119 -17.30 7.21 53.11
C LYS C 119 -18.65 7.01 53.78
N ALA C 120 -19.71 7.16 52.98
CA ALA C 120 -21.06 7.28 53.51
C ALA C 120 -21.65 5.91 53.80
N ALA C 121 -22.54 5.86 54.77
CA ALA C 121 -23.23 4.62 55.08
C ALA C 121 -24.43 4.45 54.15
N PRO C 122 -24.59 3.28 53.52
CA PRO C 122 -25.76 3.09 52.65
C PRO C 122 -27.04 2.96 53.46
N SER C 123 -28.12 3.54 52.93
CA SER C 123 -29.44 3.46 53.53
C SER C 123 -30.32 2.55 52.67
N VAL C 124 -30.79 1.45 53.26
CA VAL C 124 -31.49 0.41 52.52
C VAL C 124 -32.94 0.34 53.00
N THR C 125 -33.82 -0.04 52.08
CA THR C 125 -35.21 -0.34 52.40
C THR C 125 -35.68 -1.43 51.46
N LEU C 126 -36.40 -2.42 52.00
CA LEU C 126 -36.88 -3.56 51.23
C LEU C 126 -38.40 -3.61 51.31
N PHE C 127 -39.05 -3.71 50.14
CA PHE C 127 -40.50 -3.76 50.10
C PHE C 127 -40.99 -5.14 49.69
N PRO C 128 -42.10 -5.60 50.27
CA PRO C 128 -42.70 -6.86 49.84
C PRO C 128 -43.58 -6.66 48.63
N PRO C 129 -44.14 -7.73 48.06
CA PRO C 129 -45.17 -7.56 47.04
C PRO C 129 -46.45 -7.01 47.66
N SER C 130 -47.05 -6.06 46.95
CA SER C 130 -48.33 -5.50 47.37
C SER C 130 -49.42 -6.55 47.17
N SER C 131 -50.67 -6.16 47.36
CA SER C 131 -51.75 -7.12 47.16
C SER C 131 -52.22 -7.16 45.71
N GLU C 132 -52.35 -6.00 45.06
CA GLU C 132 -52.98 -5.96 43.73
C GLU C 132 -52.21 -6.80 42.72
N GLU C 133 -50.89 -6.88 42.85
CA GLU C 133 -50.08 -7.63 41.90
C GLU C 133 -50.11 -9.13 42.18
N LEU C 134 -50.24 -9.52 43.45
CA LEU C 134 -50.36 -10.92 43.79
C LEU C 134 -51.63 -11.52 43.20
N GLN C 135 -52.72 -10.76 43.20
CA GLN C 135 -53.95 -11.23 42.55
C GLN C 135 -53.78 -11.30 41.04
N ALA C 136 -52.77 -10.65 40.48
CA ALA C 136 -52.35 -10.85 39.10
C ALA C 136 -51.33 -11.97 38.96
N ASN C 137 -51.18 -12.80 40.00
CA ASN C 137 -50.39 -14.05 40.03
C ASN C 137 -48.89 -13.81 40.10
N LYS C 138 -48.42 -12.58 40.24
CA LYS C 138 -46.99 -12.32 40.32
C LYS C 138 -46.64 -11.63 41.64
N ALA C 139 -45.34 -11.64 41.94
CA ALA C 139 -44.84 -11.11 43.21
C ALA C 139 -43.41 -10.66 43.01
N THR C 140 -43.17 -9.35 43.07
CA THR C 140 -41.87 -8.77 42.82
C THR C 140 -41.43 -7.96 44.04
N LEU C 141 -40.27 -8.31 44.58
CA LEU C 141 -39.69 -7.62 45.73
C LEU C 141 -38.67 -6.60 45.24
N VAL C 142 -38.77 -5.37 45.74
CA VAL C 142 -37.90 -4.28 45.34
C VAL C 142 -37.00 -3.91 46.52
N CYS C 143 -35.71 -3.80 46.25
CA CYS C 143 -34.71 -3.38 47.24
C CYS C 143 -34.00 -2.16 46.68
N LEU C 144 -34.14 -1.05 47.41
CA LEU C 144 -33.63 0.26 47.05
C LEU C 144 -32.48 0.86 47.91
N ILE C 145 -31.38 1.25 47.27
CA ILE C 145 -30.18 1.67 47.99
C ILE C 145 -29.87 3.10 47.60
N SER C 146 -29.76 3.99 48.58
CA SER C 146 -29.53 5.40 48.33
C SER C 146 -28.49 5.95 49.29
N ASP C 147 -27.84 7.04 48.87
CA ASP C 147 -26.91 7.81 49.70
C ASP C 147 -25.76 6.94 50.21
N PHE C 148 -24.95 6.44 49.29
CA PHE C 148 -23.79 5.66 49.68
C PHE C 148 -22.55 6.09 48.90
N TYR C 149 -21.40 5.78 49.52
CA TYR C 149 -20.02 6.03 49.13
C TYR C 149 -19.66 5.23 47.87
N PRO C 150 -18.37 5.28 47.34
CA PRO C 150 -18.16 5.10 45.89
C PRO C 150 -19.07 4.07 45.23
N GLY C 151 -19.59 4.42 44.06
CA GLY C 151 -20.74 3.74 43.52
C GLY C 151 -20.42 2.31 43.15
N ALA C 152 -20.25 1.49 44.17
CA ALA C 152 -20.01 0.06 44.00
C ALA C 152 -20.59 -0.68 45.20
N VAL C 153 -21.71 -1.35 44.99
CA VAL C 153 -22.27 -2.26 45.98
C VAL C 153 -22.48 -3.61 45.32
N GLU C 154 -22.56 -4.64 46.17
CA GLU C 154 -22.91 -5.99 45.75
C GLU C 154 -24.16 -6.41 46.51
N VAL C 155 -25.15 -6.89 45.78
CA VAL C 155 -26.42 -7.33 46.37
C VAL C 155 -26.53 -8.83 46.19
N ALA C 156 -26.91 -9.52 47.27
CA ALA C 156 -27.18 -10.95 47.24
C ALA C 156 -28.58 -11.18 47.78
N TRP C 157 -29.35 -11.99 47.07
CA TRP C 157 -30.72 -12.29 47.46
C TRP C 157 -30.78 -13.61 48.21
N LYS C 158 -31.58 -13.64 49.26
CA LYS C 158 -31.67 -14.85 50.06
C LYS C 158 -33.09 -15.24 50.26
N ALA C 159 -33.31 -16.52 50.56
CA ALA C 159 -34.64 -17.07 50.80
C ALA C 159 -34.49 -18.32 51.65
N ASP C 160 -34.96 -18.26 52.90
CA ASP C 160 -34.93 -19.38 53.83
C ASP C 160 -33.52 -19.95 54.03
N GLY C 161 -32.51 -19.09 53.93
CA GLY C 161 -31.13 -19.47 54.16
C GLY C 161 -30.34 -19.81 52.92
N SER C 162 -31.01 -20.17 51.82
CA SER C 162 -30.34 -20.58 50.60
C SER C 162 -30.31 -19.42 49.62
N ALA C 163 -29.11 -19.09 49.14
CA ALA C 163 -28.96 -17.97 48.21
C ALA C 163 -29.65 -18.28 46.88
N VAL C 164 -30.47 -17.34 46.43
CA VAL C 164 -31.16 -17.47 45.15
C VAL C 164 -30.39 -16.70 44.09
N ASN C 165 -30.43 -17.20 42.86
CA ASN C 165 -29.76 -16.57 41.73
C ASN C 165 -30.66 -16.62 40.50
N ALA C 166 -31.93 -16.28 40.69
CA ALA C 166 -32.91 -16.30 39.61
C ALA C 166 -33.89 -15.15 39.79
N GLY C 167 -34.27 -14.54 38.66
CA GLY C 167 -35.20 -13.42 38.70
C GLY C 167 -34.63 -12.15 39.27
N VAL C 168 -33.31 -11.98 39.24
CA VAL C 168 -32.63 -10.85 39.88
C VAL C 168 -32.13 -9.90 38.81
N GLU C 169 -32.41 -8.61 38.99
CA GLU C 169 -31.87 -7.56 38.13
C GLU C 169 -31.61 -6.33 38.99
N THR C 170 -30.37 -5.85 38.98
CA THR C 170 -29.95 -4.74 39.82
C THR C 170 -29.42 -3.61 38.93
N THR C 171 -29.84 -2.39 39.23
CA THR C 171 -29.34 -1.23 38.50
C THR C 171 -27.87 -1.00 38.79
N LYS C 172 -27.20 -0.35 37.85
CA LYS C 172 -25.86 0.15 38.10
C LYS C 172 -25.94 1.35 39.04
N PRO C 173 -24.89 1.62 39.79
CA PRO C 173 -24.88 2.80 40.66
C PRO C 173 -25.05 4.07 39.84
N SER C 174 -25.64 5.09 40.47
CA SER C 174 -25.98 6.31 39.75
C SER C 174 -25.83 7.51 40.67
N LYS C 175 -25.08 8.50 40.21
CA LYS C 175 -24.90 9.73 40.97
C LYS C 175 -26.21 10.53 40.99
N GLN C 176 -26.61 10.96 42.18
CA GLN C 176 -27.81 11.76 42.34
C GLN C 176 -27.46 13.06 43.07
N SER C 177 -28.51 13.77 43.49
CA SER C 177 -28.45 15.18 43.87
C SER C 177 -27.21 15.56 44.70
N ASN C 178 -27.02 14.93 45.85
CA ASN C 178 -25.93 15.32 46.75
C ASN C 178 -24.66 14.53 46.44
N ASN C 179 -24.39 14.34 45.17
CA ASN C 179 -23.16 13.72 44.67
C ASN C 179 -22.90 12.35 45.23
N LYS C 180 -23.93 11.74 45.79
CA LYS C 180 -23.86 10.40 46.32
C LYS C 180 -24.48 9.46 45.30
N TYR C 181 -24.45 8.16 45.59
CA TYR C 181 -24.85 7.16 44.62
C TYR C 181 -26.09 6.42 45.08
N ALA C 182 -26.84 5.92 44.10
CA ALA C 182 -28.09 5.21 44.34
C ALA C 182 -28.20 4.03 43.40
N ALA C 183 -28.93 3.01 43.82
CA ALA C 183 -29.13 1.81 43.02
C ALA C 183 -30.41 1.13 43.50
N SER C 184 -30.80 0.07 42.80
CA SER C 184 -32.00 -0.68 43.15
C SER C 184 -31.90 -2.09 42.58
N SER C 185 -32.24 -3.07 43.39
CA SER C 185 -32.26 -4.48 42.98
C SER C 185 -33.69 -4.99 43.01
N TYR C 186 -34.04 -5.83 42.03
CA TYR C 186 -35.38 -6.36 41.88
C TYR C 186 -35.34 -7.88 41.90
N LEU C 187 -36.24 -8.49 42.65
CA LEU C 187 -36.40 -9.93 42.69
C LEU C 187 -37.79 -10.29 42.19
N SER C 188 -37.86 -11.02 41.09
CA SER C 188 -39.11 -11.33 40.42
C SER C 188 -39.47 -12.79 40.67
N LEU C 189 -40.62 -13.02 41.31
CA LEU C 189 -41.10 -14.36 41.60
C LEU C 189 -42.58 -14.44 41.26
N THR C 190 -43.14 -15.63 41.40
CA THR C 190 -44.58 -15.83 41.25
C THR C 190 -45.26 -15.72 42.62
N SER C 191 -46.58 -15.87 42.63
CA SER C 191 -47.30 -15.82 43.89
C SER C 191 -47.02 -17.05 44.74
N ASP C 192 -46.96 -18.23 44.12
CA ASP C 192 -46.66 -19.45 44.86
C ASP C 192 -45.19 -19.50 45.26
N GLN C 193 -44.30 -19.00 44.40
CA GLN C 193 -42.89 -18.88 44.79
C GLN C 193 -42.74 -17.97 46.00
N TRP C 194 -43.52 -16.89 46.05
CA TRP C 194 -43.41 -15.93 47.13
C TRP C 194 -43.90 -16.52 48.45
N LYS C 195 -45.00 -17.27 48.41
CA LYS C 195 -45.51 -17.91 49.61
C LYS C 195 -44.70 -19.13 50.05
N SER C 196 -43.93 -19.73 49.13
CA SER C 196 -43.23 -20.97 49.45
C SER C 196 -42.21 -20.78 50.55
N HIS C 197 -41.55 -19.62 50.58
CA HIS C 197 -40.49 -19.36 51.54
C HIS C 197 -41.02 -18.53 52.70
N LYS C 198 -40.54 -18.84 53.91
CA LYS C 198 -40.97 -18.11 55.10
C LYS C 198 -40.39 -16.70 55.13
N SER C 199 -39.18 -16.50 54.62
CA SER C 199 -38.52 -15.22 54.75
C SER C 199 -37.55 -15.00 53.59
N TYR C 200 -37.53 -13.77 53.10
CA TYR C 200 -36.57 -13.32 52.09
C TYR C 200 -35.73 -12.19 52.68
N SER C 201 -34.55 -12.00 52.12
CA SER C 201 -33.68 -10.91 52.54
C SER C 201 -32.84 -10.29 51.42
N CYS C 202 -32.72 -8.98 51.48
CA CYS C 202 -31.83 -8.25 50.60
C CYS C 202 -30.52 -8.03 51.35
N GLN C 203 -29.42 -8.46 50.74
CA GLN C 203 -28.11 -8.49 51.40
C GLN C 203 -27.14 -7.67 50.57
N VAL C 204 -26.95 -6.41 50.94
CA VAL C 204 -26.08 -5.49 50.21
C VAL C 204 -24.78 -5.31 50.98
N THR C 205 -23.66 -5.54 50.32
CA THR C 205 -22.34 -5.34 50.90
C THR C 205 -21.66 -4.17 50.22
N HIS C 206 -20.97 -3.35 51.01
CA HIS C 206 -20.21 -2.22 50.48
C HIS C 206 -18.95 -2.06 51.31
N GLU C 207 -17.80 -2.17 50.66
CA GLU C 207 -16.50 -2.11 51.33
C GLU C 207 -16.42 -3.12 52.48
N GLY C 208 -16.76 -4.36 52.15
CA GLY C 208 -16.60 -5.46 53.08
C GLY C 208 -17.47 -5.43 54.31
N SER C 209 -18.46 -4.54 54.36
CA SER C 209 -19.40 -4.49 55.47
C SER C 209 -20.81 -4.59 54.92
N THR C 210 -21.58 -5.56 55.39
CA THR C 210 -22.84 -5.93 54.78
C THR C 210 -24.02 -5.39 55.59
N VAL C 211 -24.97 -4.78 54.89
CA VAL C 211 -26.26 -4.41 55.45
C VAL C 211 -27.30 -5.36 54.88
N GLU C 212 -28.22 -5.82 55.72
CA GLU C 212 -29.15 -6.88 55.34
C GLU C 212 -30.53 -6.59 55.92
N LYS C 213 -31.52 -6.47 55.05
CA LYS C 213 -32.91 -6.27 55.44
C LYS C 213 -33.76 -7.43 54.98
N THR C 214 -34.74 -7.81 55.80
CA THR C 214 -35.58 -8.96 55.55
C THR C 214 -37.04 -8.54 55.45
N VAL C 215 -37.83 -9.35 54.75
CA VAL C 215 -39.27 -9.15 54.64
C VAL C 215 -39.95 -10.51 54.67
N ALA C 216 -41.14 -10.54 55.26
CA ALA C 216 -41.86 -11.79 55.46
C ALA C 216 -43.27 -11.69 54.88
N PRO C 217 -43.78 -12.78 54.31
CA PRO C 217 -45.18 -12.76 53.83
C PRO C 217 -46.21 -12.62 54.94
N ALA C 218 -45.83 -12.84 56.19
CA ALA C 218 -46.76 -12.72 57.32
C ALA C 218 -47.20 -11.28 57.50
N ILE D 1 4.72 -44.27 35.54
CA ILE D 1 4.57 -44.81 34.19
C ILE D 1 5.24 -43.85 33.20
N ARG D 2 6.58 -43.82 33.26
CA ARG D 2 7.35 -43.00 32.35
C ARG D 2 7.26 -43.61 30.96
N CYS D 3 8.05 -43.06 30.02
CA CYS D 3 8.32 -43.64 28.72
C CYS D 3 7.17 -43.43 27.74
N ILE D 4 6.01 -42.92 28.17
CA ILE D 4 4.91 -42.63 27.26
C ILE D 4 5.11 -41.22 26.70
N GLY D 5 4.89 -41.09 25.39
CA GLY D 5 5.17 -39.85 24.70
C GLY D 5 6.57 -39.73 24.16
N VAL D 6 7.45 -40.67 24.50
CA VAL D 6 8.83 -40.66 24.01
C VAL D 6 8.84 -41.02 22.53
N SER D 7 9.54 -40.22 21.73
CA SER D 7 9.61 -40.47 20.30
C SER D 7 10.39 -41.75 20.01
N ASN D 8 11.58 -41.89 20.58
CA ASN D 8 12.43 -43.06 20.35
C ASN D 8 12.04 -44.17 21.32
N ARG D 9 10.92 -44.80 21.00
CA ARG D 9 10.34 -45.86 21.83
C ARG D 9 10.48 -47.20 21.11
N ASP D 10 10.72 -48.26 21.89
CA ASP D 10 10.95 -49.59 21.36
C ASP D 10 10.09 -50.60 22.10
N PHE D 11 9.12 -51.19 21.40
CA PHE D 11 8.26 -52.25 21.95
C PHE D 11 8.85 -53.60 21.56
N VAL D 12 9.90 -54.00 22.27
CA VAL D 12 10.48 -55.32 22.06
C VAL D 12 9.72 -56.34 22.92
N GLU D 13 9.35 -57.45 22.30
CA GLU D 13 8.62 -58.49 22.99
C GLU D 13 9.59 -59.52 23.56
N GLY D 14 9.31 -59.98 24.78
CA GLY D 14 10.17 -60.97 25.40
C GLY D 14 9.83 -62.38 24.94
N MET D 15 10.88 -63.20 24.85
CA MET D 15 10.69 -64.60 24.47
C MET D 15 9.80 -65.30 25.49
N SER D 16 8.73 -65.91 24.99
CA SER D 16 7.71 -66.50 25.85
C SER D 16 8.24 -67.79 26.46
N GLY D 17 8.47 -67.78 27.77
CA GLY D 17 8.89 -68.97 28.49
C GLY D 17 10.29 -68.85 29.06
N GLY D 18 11.20 -68.28 28.28
CA GLY D 18 12.58 -68.15 28.71
C GLY D 18 12.85 -66.81 29.36
N THR D 19 13.73 -66.84 30.36
CA THR D 19 14.15 -65.63 31.08
C THR D 19 15.31 -64.95 30.36
N TRP D 20 15.15 -64.71 29.06
CA TRP D 20 16.26 -64.32 28.20
C TRP D 20 15.79 -63.20 27.29
N VAL D 21 16.32 -61.99 27.50
CA VAL D 21 16.04 -60.84 26.63
C VAL D 21 17.25 -59.91 26.64
N ASP D 22 17.70 -59.56 25.45
CA ASP D 22 18.72 -58.53 25.28
C ASP D 22 18.07 -57.25 24.76
N VAL D 23 18.50 -56.11 25.28
CA VAL D 23 17.95 -54.82 24.90
C VAL D 23 19.10 -53.85 24.64
N VAL D 24 18.93 -52.98 23.66
CA VAL D 24 19.85 -51.89 23.39
C VAL D 24 19.27 -50.62 24.00
N LEU D 25 20.06 -49.96 24.85
CA LEU D 25 19.60 -48.80 25.60
C LEU D 25 20.27 -47.56 25.04
N GLU D 26 19.47 -46.68 24.44
CA GLU D 26 19.95 -45.47 23.80
C GLU D 26 19.55 -44.25 24.62
N HIS D 27 20.44 -43.25 24.67
CA HIS D 27 20.17 -42.05 25.43
C HIS D 27 19.09 -41.22 24.76
N GLY D 28 18.09 -40.80 25.52
CA GLY D 28 16.93 -40.13 24.95
C GLY D 28 15.90 -41.06 24.37
N GLY D 29 16.08 -42.36 24.51
CA GLY D 29 15.12 -43.33 24.02
C GLY D 29 14.88 -44.42 25.05
N CYS D 30 13.64 -44.87 25.13
CA CYS D 30 13.23 -45.82 26.14
C CYS D 30 12.68 -47.08 25.50
N VAL D 31 12.67 -48.16 26.28
CA VAL D 31 12.34 -49.50 25.80
C VAL D 31 11.21 -50.06 26.65
N THR D 32 10.18 -50.59 26.00
CA THR D 32 9.06 -51.24 26.67
C THR D 32 9.21 -52.75 26.53
N VAL D 33 9.38 -53.44 27.66
CA VAL D 33 9.63 -54.88 27.68
C VAL D 33 8.31 -55.60 27.94
N MET D 34 7.90 -56.45 27.01
CA MET D 34 6.67 -57.20 27.09
C MET D 34 6.97 -58.68 27.07
N ALA D 35 6.40 -59.42 28.00
CA ALA D 35 6.65 -60.83 28.08
C ALA D 35 5.40 -61.57 28.39
N GLN D 36 5.40 -62.86 28.13
CA GLN D 36 4.24 -63.64 28.45
C GLN D 36 4.01 -63.59 29.91
N ASP D 37 2.82 -63.22 30.34
CA ASP D 37 2.42 -63.22 31.73
C ASP D 37 3.30 -62.48 32.70
N LYS D 38 3.97 -61.41 32.28
CA LYS D 38 4.85 -60.70 33.18
C LYS D 38 4.58 -59.23 33.14
N PRO D 39 4.47 -58.58 34.28
CA PRO D 39 4.18 -57.14 34.15
C PRO D 39 5.11 -56.49 33.14
N THR D 40 4.52 -55.70 32.24
CA THR D 40 5.30 -54.96 31.26
C THR D 40 5.94 -53.76 31.92
N VAL D 41 7.23 -53.57 31.68
CA VAL D 41 8.04 -52.57 32.36
C VAL D 41 8.69 -51.66 31.33
N ASP D 42 8.78 -50.38 31.67
CA ASP D 42 9.48 -49.40 30.84
C ASP D 42 10.86 -49.14 31.45
N ILE D 43 11.89 -49.16 30.61
CA ILE D 43 13.27 -48.98 31.07
C ILE D 43 13.91 -47.89 30.23
N GLU D 44 14.63 -46.98 30.90
CA GLU D 44 15.24 -45.85 30.22
C GLU D 44 16.55 -45.48 30.90
N LEU D 45 17.59 -45.25 30.11
CA LEU D 45 18.85 -44.70 30.59
C LEU D 45 18.73 -43.18 30.56
N VAL D 46 18.77 -42.56 31.73
CA VAL D 46 18.51 -41.13 31.85
C VAL D 46 19.80 -40.33 31.94
N THR D 47 20.82 -40.85 32.63
CA THR D 47 22.02 -40.08 32.91
C THR D 47 23.26 -40.95 32.75
N THR D 48 24.29 -40.40 32.12
CA THR D 48 25.60 -41.02 32.02
C THR D 48 26.62 -40.02 32.57
N THR D 49 27.21 -40.34 33.72
CA THR D 49 28.09 -39.43 34.43
C THR D 49 29.47 -40.05 34.65
N VAL D 50 30.51 -39.24 34.44
CA VAL D 50 31.89 -39.61 34.75
C VAL D 50 32.26 -38.95 36.06
N SER D 51 33.12 -39.61 36.83
CA SER D 51 33.42 -39.22 38.20
C SER D 51 34.90 -38.91 38.39
N ASN D 52 35.16 -37.90 39.21
CA ASN D 52 36.48 -37.46 39.67
C ASN D 52 37.55 -37.56 38.57
N MET D 53 37.32 -36.77 37.51
CA MET D 53 38.28 -36.68 36.42
C MET D 53 39.47 -35.83 36.82
N ALA D 54 40.67 -36.29 36.47
CA ALA D 54 41.90 -35.61 36.82
C ALA D 54 42.34 -34.66 35.71
N GLU D 55 42.77 -33.46 36.10
CA GLU D 55 43.16 -32.45 35.12
C GLU D 55 44.47 -32.85 34.43
N VAL D 56 44.48 -32.73 33.11
CA VAL D 56 45.64 -33.12 32.30
C VAL D 56 46.48 -31.90 31.96
N ARG D 57 45.87 -30.93 31.29
CA ARG D 57 46.57 -29.72 30.87
C ARG D 57 45.56 -28.60 30.72
N SER D 58 45.97 -27.38 31.09
CA SER D 58 45.13 -26.20 31.01
C SER D 58 45.69 -25.24 29.98
N TYR D 59 44.80 -24.61 29.21
CA TYR D 59 45.16 -23.63 28.20
C TYR D 59 44.54 -22.28 28.53
N CYS D 60 45.29 -21.21 28.29
CA CYS D 60 44.80 -19.86 28.46
C CYS D 60 44.32 -19.33 27.10
N TYR D 61 43.14 -18.70 27.07
CA TYR D 61 42.61 -18.04 25.86
C TYR D 61 42.40 -16.55 26.08
N GLU D 62 42.37 -16.08 27.30
CA GLU D 62 42.30 -14.66 27.51
C GLU D 62 43.37 -14.21 28.52
N ALA D 63 44.20 -13.25 28.13
CA ALA D 63 45.32 -12.79 28.93
C ALA D 63 45.47 -11.32 29.07
N SER D 64 46.22 -10.92 30.08
CA SER D 64 46.52 -9.52 30.29
C SER D 64 48.03 -9.35 30.48
N ILE D 65 48.54 -8.21 30.03
CA ILE D 65 49.97 -7.93 30.06
C ILE D 65 50.22 -6.74 30.96
N SER D 66 51.43 -6.67 31.51
CA SER D 66 51.79 -5.60 32.43
C SER D 66 53.31 -5.49 32.49
N ASP D 67 53.77 -4.30 32.88
CA ASP D 67 55.19 -4.00 33.08
C ASP D 67 55.99 -4.27 31.81
N MET D 68 55.68 -3.49 30.78
CA MET D 68 56.45 -3.54 29.54
C MET D 68 57.72 -2.70 29.70
N ALA D 69 58.87 -3.30 29.41
CA ALA D 69 60.14 -2.61 29.48
C ALA D 69 61.03 -3.10 28.35
N SER D 70 61.90 -2.20 27.87
CA SER D 70 62.81 -2.50 26.79
C SER D 70 64.20 -2.04 27.15
N ASP D 71 65.20 -2.78 26.66
CA ASP D 71 66.60 -2.41 26.80
C ASP D 71 67.25 -2.49 25.42
N SER D 72 67.96 -1.42 25.06
CA SER D 72 68.58 -1.31 23.74
C SER D 72 70.08 -1.11 23.89
N ARG D 73 70.83 -1.60 22.91
CA ARG D 73 72.28 -1.49 22.90
C ARG D 73 72.76 -1.11 21.51
N CYS D 74 73.79 -0.27 21.46
CA CYS D 74 74.40 0.11 20.20
C CYS D 74 75.10 -1.09 19.56
N PRO D 75 75.42 -1.01 18.27
CA PRO D 75 76.24 -2.05 17.65
C PRO D 75 77.60 -2.16 18.31
N THR D 76 78.16 -3.37 18.26
CA THR D 76 79.46 -3.70 18.84
C THR D 76 79.54 -3.37 20.33
N GLN D 77 78.40 -3.26 21.01
CA GLN D 77 78.38 -3.12 22.46
C GLN D 77 77.73 -4.32 23.13
N GLY D 78 77.74 -5.47 22.48
CA GLY D 78 77.30 -6.69 23.12
C GLY D 78 75.80 -6.92 23.04
N GLU D 79 75.29 -7.70 23.98
CA GLU D 79 73.91 -8.14 24.00
C GLU D 79 73.08 -7.25 24.91
N ALA D 80 71.86 -6.96 24.48
CA ALA D 80 70.91 -6.27 25.34
C ALA D 80 70.50 -7.18 26.50
N TYR D 81 70.08 -6.56 27.60
CA TYR D 81 69.78 -7.33 28.80
C TYR D 81 68.72 -6.62 29.63
N LEU D 82 67.82 -7.48 30.16
CA LEU D 82 66.74 -7.10 31.07
C LEU D 82 66.74 -8.02 32.29
N ASP D 83 66.56 -7.45 33.48
CA ASP D 83 66.65 -8.30 34.66
C ASP D 83 65.54 -9.36 34.70
N LYS D 84 64.43 -9.12 34.02
CA LYS D 84 63.31 -10.05 34.00
C LYS D 84 63.25 -10.88 32.73
N GLN D 85 64.31 -10.88 31.92
CA GLN D 85 64.30 -11.64 30.68
C GLN D 85 64.40 -13.14 30.92
N SER D 86 64.87 -13.56 32.09
CA SER D 86 64.89 -14.97 32.48
C SER D 86 63.84 -15.29 33.53
N ASP D 87 62.87 -14.39 33.73
CA ASP D 87 61.77 -14.65 34.64
C ASP D 87 60.75 -15.55 33.97
N THR D 88 60.28 -16.55 34.73
CA THR D 88 59.33 -17.52 34.18
C THR D 88 58.01 -16.87 33.77
N GLN D 89 57.58 -15.86 34.52
CA GLN D 89 56.27 -15.25 34.28
C GLN D 89 56.29 -14.19 33.18
N TYR D 90 57.46 -13.78 32.71
CA TYR D 90 57.58 -12.76 31.69
C TYR D 90 57.78 -13.39 30.31
N VAL D 91 57.24 -12.73 29.29
CA VAL D 91 57.44 -13.09 27.90
C VAL D 91 58.38 -12.07 27.27
N CYS D 92 59.31 -12.54 26.45
CA CYS D 92 60.35 -11.69 25.91
C CYS D 92 60.53 -11.95 24.42
N LYS D 93 61.30 -11.05 23.78
CA LYS D 93 61.72 -11.25 22.41
C LYS D 93 62.95 -10.39 22.15
N ARG D 94 63.97 -10.98 21.54
CA ARG D 94 65.16 -10.25 21.09
C ARG D 94 65.05 -9.99 19.60
N THR D 95 65.53 -8.82 19.18
CA THR D 95 65.53 -8.45 17.77
C THR D 95 66.76 -7.62 17.47
N LEU D 96 67.04 -7.44 16.19
CA LEU D 96 68.15 -6.62 15.82
C LEU D 96 67.60 -5.48 15.00
N VAL D 97 67.82 -4.29 15.48
CA VAL D 97 67.28 -3.05 14.92
C VAL D 97 68.41 -2.22 14.32
N ASP D 98 68.08 -1.46 13.28
CA ASP D 98 69.02 -0.52 12.68
C ASP D 98 69.25 0.65 13.63
N ARG D 99 70.52 0.98 13.87
CA ARG D 99 70.87 2.09 14.73
C ARG D 99 71.92 2.95 14.05
N GLY D 100 71.89 4.24 14.35
CA GLY D 100 72.84 5.17 13.78
C GLY D 100 72.87 6.47 14.54
N TRP D 101 73.36 7.51 13.87
CA TRP D 101 73.48 8.81 14.51
C TRP D 101 72.12 9.44 14.75
N GLY D 102 71.12 9.09 13.94
CA GLY D 102 69.77 9.58 14.17
C GLY D 102 69.10 8.99 15.39
N ASN D 103 69.58 7.83 15.86
CA ASN D 103 69.08 7.20 17.06
C ASN D 103 69.93 7.51 18.28
N GLY D 104 70.89 8.41 18.15
CA GLY D 104 71.82 8.68 19.22
C GLY D 104 72.80 7.55 19.44
N CYS D 105 73.44 7.11 18.36
CA CYS D 105 74.45 6.07 18.45
C CYS D 105 75.64 6.47 17.58
N GLY D 106 76.80 5.89 17.90
CA GLY D 106 78.03 6.31 17.26
C GLY D 106 78.14 5.84 15.82
N LEU D 107 77.91 4.55 15.59
CA LEU D 107 78.13 3.95 14.28
C LEU D 107 76.82 3.44 13.70
N PHE D 108 76.85 3.17 12.45
CA PHE D 108 75.70 2.62 11.89
C PHE D 108 75.98 1.14 11.99
N GLY D 109 74.93 0.43 12.33
CA GLY D 109 74.96 -1.02 12.36
C GLY D 109 73.67 -1.56 12.91
N LYS D 110 73.71 -2.84 13.26
CA LYS D 110 72.57 -3.52 13.83
C LYS D 110 72.74 -3.62 15.29
N GLY D 111 71.87 -2.99 16.03
CA GLY D 111 71.94 -3.07 17.47
C GLY D 111 70.98 -4.09 18.06
N SER D 112 71.31 -4.54 19.26
CA SER D 112 70.52 -5.54 19.97
C SER D 112 69.42 -4.86 20.79
N LEU D 113 68.22 -5.43 20.75
CA LEU D 113 67.09 -4.91 21.49
C LEU D 113 66.30 -6.06 22.09
N VAL D 114 66.03 -5.97 23.39
CA VAL D 114 65.19 -6.94 24.08
C VAL D 114 64.00 -6.22 24.69
N THR D 115 62.88 -6.93 24.80
CA THR D 115 61.66 -6.35 25.34
C THR D 115 60.88 -7.45 26.05
N CYS D 116 60.39 -7.14 27.26
CA CYS D 116 59.70 -8.11 28.08
C CYS D 116 58.41 -7.51 28.62
N ALA D 117 57.57 -8.38 29.17
CA ALA D 117 56.31 -7.98 29.79
C ALA D 117 55.82 -9.10 30.68
N LYS D 118 55.15 -8.73 31.76
CA LYS D 118 54.60 -9.70 32.71
C LYS D 118 53.32 -10.29 32.16
N PHE D 119 53.28 -11.61 32.01
CA PHE D 119 52.12 -12.30 31.44
C PHE D 119 51.20 -12.77 32.56
N ALA D 120 49.90 -12.54 32.38
CA ALA D 120 48.90 -12.94 33.37
C ALA D 120 47.68 -13.46 32.65
N CYS D 121 47.28 -14.69 32.97
CA CYS D 121 46.09 -15.28 32.36
C CYS D 121 44.83 -14.81 33.07
N SER D 122 43.81 -14.45 32.29
CA SER D 122 42.54 -13.98 32.81
C SER D 122 41.45 -15.04 32.76
N LYS D 123 41.38 -15.81 31.67
CA LYS D 123 40.38 -16.86 31.53
C LYS D 123 41.06 -18.08 30.93
N LYS D 124 40.77 -19.25 31.50
CA LYS D 124 41.48 -20.48 31.16
C LYS D 124 40.49 -21.60 30.86
N MET D 125 40.96 -22.57 30.09
CA MET D 125 40.24 -23.82 29.85
C MET D 125 41.06 -24.97 30.41
N THR D 126 40.38 -26.08 30.71
CA THR D 126 41.03 -27.21 31.38
C THR D 126 40.56 -28.50 30.73
N GLY D 127 41.54 -29.31 30.28
CA GLY D 127 41.25 -30.62 29.73
C GLY D 127 41.60 -31.69 30.74
N LYS D 128 40.62 -32.53 31.05
CA LYS D 128 40.76 -33.56 32.07
C LYS D 128 40.71 -34.94 31.44
N SER D 129 41.30 -35.90 32.14
CA SER D 129 41.32 -37.29 31.71
C SER D 129 40.05 -38.00 32.16
N ILE D 130 39.85 -39.21 31.62
CA ILE D 130 38.82 -40.12 32.09
C ILE D 130 39.45 -41.49 32.29
N GLN D 131 39.01 -42.19 33.34
CA GLN D 131 39.40 -43.56 33.54
C GLN D 131 38.22 -44.45 33.17
N PRO D 132 38.36 -45.30 32.15
CA PRO D 132 37.17 -45.99 31.59
C PRO D 132 36.36 -46.76 32.61
N GLU D 133 36.98 -47.19 33.71
CA GLU D 133 36.30 -47.98 34.72
C GLU D 133 35.73 -47.12 35.85
N ASN D 134 35.55 -45.82 35.61
CA ASN D 134 35.05 -44.92 36.63
C ASN D 134 33.93 -44.04 36.09
N LEU D 135 33.03 -44.62 35.31
CA LEU D 135 31.82 -43.96 34.87
C LEU D 135 30.62 -44.53 35.63
N GLU D 136 29.46 -43.91 35.44
CA GLU D 136 28.30 -44.22 36.28
C GLU D 136 27.03 -44.01 35.46
N TYR D 137 26.36 -45.10 35.11
CA TYR D 137 25.08 -45.02 34.42
C TYR D 137 23.93 -44.91 35.41
N ARG D 138 22.82 -44.34 34.95
CA ARG D 138 21.63 -44.14 35.77
C ARG D 138 20.41 -44.56 34.96
N ILE D 139 19.68 -45.55 35.45
CA ILE D 139 18.56 -46.15 34.74
C ILE D 139 17.30 -46.00 35.57
N MET D 140 16.18 -45.73 34.90
CA MET D 140 14.87 -45.64 35.52
C MET D 140 13.96 -46.72 34.95
N LEU D 141 13.27 -47.44 35.83
CA LEU D 141 12.38 -48.52 35.44
C LEU D 141 10.97 -48.20 35.94
N SER D 142 9.98 -48.25 35.05
CA SER D 142 8.61 -47.94 35.41
C SER D 142 7.69 -49.06 34.92
N VAL D 143 6.62 -49.31 35.69
CA VAL D 143 5.76 -50.47 35.47
C VAL D 143 4.38 -50.01 35.00
N HIS D 144 3.83 -50.74 34.03
CA HIS D 144 2.48 -50.49 33.54
C HIS D 144 1.45 -50.96 34.56
N GLY D 145 0.24 -50.42 34.43
CA GLY D 145 -0.86 -50.72 35.33
C GLY D 145 -0.89 -49.92 36.60
N SER D 146 0.10 -49.04 36.81
CA SER D 146 0.26 -48.37 38.09
C SER D 146 -0.83 -47.36 38.38
N GLN D 147 -0.92 -46.31 37.58
CA GLN D 147 -1.66 -45.15 38.02
C GLN D 147 -2.26 -44.40 36.85
N HIS D 148 -3.09 -43.43 37.20
CA HIS D 148 -3.47 -42.34 36.32
C HIS D 148 -2.25 -41.79 35.60
N SER D 149 -2.38 -41.63 34.30
CA SER D 149 -1.37 -40.94 33.50
C SER D 149 -1.05 -39.59 34.11
N GLY D 150 0.22 -39.41 34.47
CA GLY D 150 0.64 -38.33 35.33
C GLY D 150 1.70 -38.85 36.28
N MET D 151 1.67 -40.16 36.54
CA MET D 151 2.87 -40.86 36.97
C MET D 151 3.78 -41.14 35.79
N ILE D 152 3.47 -40.55 34.63
CA ILE D 152 4.40 -40.55 33.51
C ILE D 152 5.65 -39.78 33.89
N VAL D 153 5.52 -38.74 34.71
CA VAL D 153 6.67 -37.97 35.19
C VAL D 153 6.52 -37.87 36.70
N ASN D 154 7.13 -38.81 37.43
CA ASN D 154 7.09 -38.77 38.90
C ASN D 154 8.24 -39.63 39.43
N ASP D 155 9.32 -38.97 39.84
CA ASP D 155 10.50 -39.66 40.36
C ASP D 155 10.56 -39.67 41.89
N THR D 156 9.47 -39.34 42.56
CA THR D 156 9.44 -39.24 44.02
C THR D 156 8.61 -40.38 44.61
N GLY D 157 9.09 -40.92 45.73
CA GLY D 157 8.35 -41.95 46.44
C GLY D 157 8.42 -43.32 45.81
N HIS D 158 9.51 -43.61 45.10
CA HIS D 158 9.61 -44.81 44.27
C HIS D 158 10.23 -46.00 45.01
N GLU D 159 10.90 -45.76 46.12
CA GLU D 159 11.38 -46.88 46.93
C GLU D 159 10.23 -47.60 47.60
N THR D 160 9.22 -46.84 48.04
CA THR D 160 8.01 -47.43 48.60
C THR D 160 7.09 -47.94 47.50
N ASP D 161 7.03 -47.23 46.37
CA ASP D 161 6.20 -47.63 45.26
C ASP D 161 6.85 -48.80 44.52
N GLU D 162 6.05 -49.80 44.18
CA GLU D 162 6.52 -50.87 43.31
C GLU D 162 6.99 -50.35 41.96
N ASN D 163 6.67 -49.11 41.64
CA ASN D 163 6.55 -48.74 40.24
C ASN D 163 7.81 -48.19 39.61
N ARG D 164 8.58 -47.34 40.28
CA ARG D 164 9.70 -46.73 39.56
C ARG D 164 11.04 -46.94 40.29
N ALA D 165 11.64 -48.10 40.07
CA ALA D 165 12.98 -48.32 40.62
C ALA D 165 13.99 -47.44 39.88
N LYS D 166 15.03 -47.03 40.62
CA LYS D 166 16.18 -46.36 40.03
C LYS D 166 17.42 -47.20 40.25
N VAL D 167 18.25 -47.30 39.22
CA VAL D 167 19.40 -48.21 39.21
C VAL D 167 20.65 -47.44 38.81
N GLU D 168 21.78 -47.84 39.39
CA GLU D 168 23.09 -47.30 39.06
C GLU D 168 23.99 -48.44 38.59
N ILE D 169 24.68 -48.22 37.46
CA ILE D 169 25.57 -49.20 36.87
C ILE D 169 26.95 -48.58 36.72
N THR D 170 27.99 -49.36 37.02
CA THR D 170 29.38 -48.94 36.98
C THR D 170 30.18 -50.05 36.31
N PRO D 171 31.25 -49.70 35.57
CA PRO D 171 32.11 -50.76 35.01
C PRO D 171 32.62 -51.74 36.06
N ASN D 172 32.91 -51.26 37.27
CA ASN D 172 33.32 -52.15 38.36
C ASN D 172 32.19 -53.07 38.80
N SER D 173 30.95 -52.65 38.58
CA SER D 173 29.79 -53.45 38.99
C SER D 173 28.76 -53.59 37.88
N PRO D 174 29.05 -54.43 36.88
CA PRO D 174 28.10 -54.63 35.78
C PRO D 174 26.78 -55.22 36.25
N ARG D 175 26.80 -56.23 37.09
CA ARG D 175 25.57 -56.79 37.56
C ARG D 175 24.85 -55.83 38.49
N ALA D 176 23.54 -55.91 38.47
CA ALA D 176 22.67 -55.11 39.31
C ALA D 176 21.25 -55.69 39.31
N GLU D 177 20.46 -55.36 40.33
CA GLU D 177 19.09 -55.84 40.40
C GLU D 177 18.25 -54.80 41.13
N ALA D 178 17.19 -54.34 40.47
CA ALA D 178 16.33 -53.31 41.02
C ALA D 178 15.29 -53.96 41.92
N THR D 179 15.23 -53.51 43.17
CA THR D 179 14.14 -53.93 44.03
C THR D 179 12.85 -53.27 43.57
N LEU D 180 11.91 -54.09 43.14
CA LEU D 180 10.51 -53.70 43.08
C LEU D 180 9.82 -54.43 44.23
N GLY D 181 8.79 -53.79 44.78
CA GLY D 181 8.21 -54.26 46.03
C GLY D 181 7.49 -55.60 45.96
N GLY D 182 6.32 -55.63 45.31
CA GLY D 182 5.46 -56.80 45.27
C GLY D 182 5.25 -57.42 43.90
N PHE D 183 5.60 -56.69 42.84
CA PHE D 183 5.77 -57.31 41.52
C PHE D 183 7.01 -58.19 41.47
N GLY D 184 7.79 -58.28 42.54
CA GLY D 184 9.02 -59.03 42.52
C GLY D 184 10.21 -58.16 42.18
N SER D 185 11.27 -58.73 41.61
CA SER D 185 12.48 -57.97 41.30
C SER D 185 12.93 -58.28 39.88
N LEU D 186 13.73 -57.37 39.33
CA LEU D 186 14.22 -57.47 37.96
C LEU D 186 15.74 -57.29 37.97
N GLY D 187 16.45 -58.30 37.50
CA GLY D 187 17.90 -58.25 37.39
C GLY D 187 18.33 -57.84 36.00
N LEU D 188 19.51 -57.21 35.92
CA LEU D 188 20.00 -56.68 34.66
C LEU D 188 21.52 -56.50 34.74
N ASP D 189 22.23 -57.09 33.78
CA ASP D 189 23.67 -56.94 33.66
C ASP D 189 23.97 -56.36 32.27
N CYS D 190 24.82 -55.33 32.23
CA CYS D 190 25.04 -54.59 31.00
C CYS D 190 26.46 -54.03 30.97
N GLU D 191 27.05 -53.99 29.77
CA GLU D 191 28.30 -53.25 29.56
C GLU D 191 28.57 -53.03 28.07
N PRO D 192 28.76 -51.78 27.66
CA PRO D 192 29.19 -51.51 26.28
C PRO D 192 30.70 -51.47 26.12
N ARG D 193 31.10 -51.08 24.90
CA ARG D 193 32.49 -50.87 24.52
C ARG D 193 32.67 -49.46 23.91
N THR D 194 31.65 -48.61 24.03
CA THR D 194 31.68 -47.28 23.43
C THR D 194 31.32 -46.19 24.44
N GLY D 195 31.54 -46.44 25.73
CA GLY D 195 31.35 -45.41 26.74
C GLY D 195 32.22 -44.21 26.44
N LEU D 196 33.53 -44.38 26.58
CA LEU D 196 34.49 -43.55 25.86
C LEU D 196 34.85 -44.28 24.58
N ASP D 197 35.18 -43.52 23.53
CA ASP D 197 35.24 -44.07 22.19
C ASP D 197 36.12 -45.31 22.13
N PHE D 198 37.44 -45.17 22.29
CA PHE D 198 38.18 -46.28 22.87
C PHE D 198 39.11 -45.83 24.00
N SER D 199 40.07 -44.95 23.68
CA SER D 199 41.13 -44.63 24.64
C SER D 199 41.66 -43.19 24.56
N ASP D 200 40.90 -42.23 24.02
CA ASP D 200 41.52 -41.01 23.52
C ASP D 200 40.82 -39.72 23.91
N LEU D 201 39.92 -39.71 24.89
CA LEU D 201 38.97 -38.61 25.05
C LEU D 201 39.28 -37.78 26.30
N TYR D 202 39.56 -36.50 26.10
CA TYR D 202 39.67 -35.57 27.21
C TYR D 202 38.35 -34.81 27.41
N TYR D 203 38.15 -34.32 28.63
CA TYR D 203 36.96 -33.55 29.00
C TYR D 203 37.37 -32.09 29.15
N LEU D 204 36.82 -31.23 28.30
CA LEU D 204 37.26 -29.84 28.19
C LEU D 204 36.23 -28.93 28.86
N THR D 205 36.70 -28.14 29.83
CA THR D 205 35.88 -27.16 30.54
C THR D 205 36.37 -25.76 30.17
N MET D 206 35.44 -24.81 29.99
CA MET D 206 35.80 -23.47 29.58
C MET D 206 35.51 -22.42 30.65
N ASN D 207 34.24 -22.17 31.01
CA ASN D 207 33.97 -21.55 32.30
C ASN D 207 32.79 -22.24 32.97
N ASN D 208 31.76 -22.55 32.16
CA ASN D 208 30.62 -23.38 32.54
C ASN D 208 30.11 -24.13 31.32
N LYS D 209 30.89 -24.13 30.24
CA LYS D 209 30.58 -24.81 28.99
C LYS D 209 31.55 -25.96 28.82
N HIS D 210 31.03 -27.15 28.58
CA HIS D 210 31.82 -28.38 28.65
C HIS D 210 31.62 -29.23 27.41
N TRP D 211 32.71 -29.78 26.89
CA TRP D 211 32.70 -30.62 25.70
C TRP D 211 33.62 -31.82 25.91
N LEU D 212 33.62 -32.72 24.93
CA LEU D 212 34.54 -33.85 24.89
C LEU D 212 35.42 -33.71 23.66
N VAL D 213 36.74 -33.75 23.85
CA VAL D 213 37.70 -33.48 22.79
C VAL D 213 38.66 -34.65 22.65
N HIS D 214 39.26 -34.74 21.46
CA HIS D 214 40.23 -35.78 21.15
C HIS D 214 41.62 -35.35 21.62
N LYS D 215 42.47 -36.35 21.86
CA LYS D 215 43.77 -36.09 22.48
C LYS D 215 44.73 -35.40 21.53
N GLU D 216 44.88 -35.94 20.31
CA GLU D 216 45.89 -35.42 19.38
C GLU D 216 45.62 -33.96 19.04
N TRP D 217 44.36 -33.61 18.83
CA TRP D 217 44.02 -32.21 18.56
C TRP D 217 44.22 -31.34 19.80
N PHE D 218 43.90 -31.88 20.98
CA PHE D 218 44.06 -31.12 22.21
C PHE D 218 45.52 -30.85 22.51
N HIS D 219 46.39 -31.81 22.21
CA HIS D 219 47.82 -31.61 22.45
C HIS D 219 48.41 -30.55 21.52
N ASP D 220 47.88 -30.41 20.31
CA ASP D 220 48.40 -29.48 19.32
C ASP D 220 47.62 -28.17 19.30
N ILE D 221 47.11 -27.74 20.45
CA ILE D 221 46.42 -26.45 20.56
C ILE D 221 47.46 -25.36 20.70
N PRO D 222 47.56 -24.43 19.75
CA PRO D 222 48.56 -23.35 19.83
C PRO D 222 48.14 -22.20 20.75
N LEU D 223 48.21 -22.45 22.05
CA LEU D 223 47.85 -21.47 23.06
C LEU D 223 48.72 -21.71 24.29
N PRO D 224 48.93 -20.70 25.12
CA PRO D 224 49.73 -20.90 26.34
C PRO D 224 49.10 -21.94 27.25
N TRP D 225 49.95 -22.76 27.86
CA TRP D 225 49.47 -23.92 28.59
C TRP D 225 50.38 -24.22 29.78
N HIS D 226 49.81 -24.92 30.76
CA HIS D 226 50.56 -25.47 31.88
C HIS D 226 49.98 -26.83 32.23
N ALA D 227 50.85 -27.74 32.65
CA ALA D 227 50.43 -29.11 32.91
C ALA D 227 49.76 -29.23 34.27
N GLY D 228 49.14 -30.39 34.50
CA GLY D 228 48.51 -30.75 35.76
C GLY D 228 47.42 -29.78 36.17
N ALA D 229 47.21 -29.71 37.49
CA ALA D 229 46.21 -28.83 38.08
C ALA D 229 46.86 -27.48 38.37
N ASP D 230 46.19 -26.65 39.15
CA ASP D 230 46.70 -25.33 39.50
C ASP D 230 47.50 -25.40 40.80
N THR D 231 48.56 -24.60 40.86
CA THR D 231 49.33 -24.40 42.08
C THR D 231 50.07 -23.07 41.95
N GLY D 232 50.13 -22.32 43.06
CA GLY D 232 50.76 -21.02 43.03
C GLY D 232 52.24 -21.07 42.75
N THR D 233 52.69 -20.46 41.67
CA THR D 233 51.82 -19.76 40.72
C THR D 233 52.14 -20.30 39.33
N PRO D 234 51.14 -20.90 38.66
CA PRO D 234 51.43 -21.84 37.57
C PRO D 234 52.23 -21.19 36.45
N HIS D 235 53.24 -21.91 35.98
CA HIS D 235 54.13 -21.44 34.92
C HIS D 235 53.54 -21.77 33.56
N TRP D 236 53.34 -20.75 32.73
CA TRP D 236 52.79 -20.93 31.40
C TRP D 236 53.91 -21.18 30.39
N ASN D 237 53.62 -22.02 29.41
CA ASN D 237 54.54 -22.31 28.32
C ASN D 237 53.96 -21.80 27.00
N ASN D 238 54.87 -21.45 26.08
CA ASN D 238 54.50 -20.87 24.79
C ASN D 238 53.63 -19.63 24.99
N LYS D 239 54.12 -18.71 25.84
CA LYS D 239 53.40 -17.47 26.09
C LYS D 239 53.32 -16.59 24.86
N GLU D 240 54.20 -16.80 23.88
CA GLU D 240 54.17 -16.05 22.63
C GLU D 240 52.88 -16.27 21.85
N ALA D 241 52.12 -17.31 22.18
CA ALA D 241 50.92 -17.63 21.40
C ALA D 241 49.84 -16.58 21.56
N LEU D 242 49.83 -15.84 22.68
CA LEU D 242 48.77 -14.88 22.96
C LEU D 242 49.29 -13.46 23.13
N VAL D 243 50.55 -13.21 22.82
CA VAL D 243 51.12 -11.86 22.87
C VAL D 243 52.09 -11.72 21.70
N GLU D 244 52.07 -10.56 21.05
CA GLU D 244 52.88 -10.34 19.86
C GLU D 244 53.67 -9.04 20.00
N PHE D 245 54.94 -9.11 19.62
CA PHE D 245 55.82 -7.95 19.60
C PHE D 245 55.85 -7.37 18.19
N LYS D 246 55.88 -6.03 18.09
CA LYS D 246 55.80 -5.40 16.79
C LYS D 246 56.52 -4.06 16.79
N ASP D 247 57.04 -3.70 15.62
CA ASP D 247 57.49 -2.34 15.32
C ASP D 247 58.50 -1.82 16.34
N ALA D 248 59.65 -2.49 16.41
CA ALA D 248 60.73 -2.02 17.26
C ALA D 248 61.38 -0.79 16.63
N HIS D 249 61.35 0.35 17.33
CA HIS D 249 61.81 1.57 16.69
C HIS D 249 63.32 1.73 16.73
N ALA D 250 63.86 2.10 17.90
CA ALA D 250 65.29 2.01 18.16
C ALA D 250 65.55 1.50 19.57
N LYS D 251 64.81 2.14 20.47
CA LYS D 251 64.83 1.98 21.89
C LYS D 251 63.61 1.39 22.61
N ARG D 252 62.59 0.98 21.88
CA ARG D 252 61.35 0.51 22.46
C ARG D 252 60.59 -0.30 21.41
N GLN D 253 59.93 -1.35 21.86
CA GLN D 253 59.14 -2.20 20.98
C GLN D 253 57.75 -2.38 21.60
N THR D 254 56.72 -2.18 20.79
CA THR D 254 55.36 -2.27 21.27
C THR D 254 54.91 -3.73 21.33
N VAL D 255 54.24 -4.09 22.43
CA VAL D 255 53.72 -5.42 22.65
C VAL D 255 52.24 -5.31 22.99
N VAL D 256 51.48 -6.33 22.62
CA VAL D 256 50.03 -6.34 22.88
C VAL D 256 49.56 -7.78 22.94
N VAL D 257 48.46 -8.00 23.65
CA VAL D 257 47.80 -9.31 23.68
C VAL D 257 46.90 -9.44 22.46
N LEU D 258 46.67 -10.68 22.04
CA LEU D 258 45.90 -10.95 20.82
C LEU D 258 44.39 -10.79 21.03
N GLY D 259 43.91 -10.82 22.26
CA GLY D 259 42.49 -10.84 22.53
C GLY D 259 41.98 -12.25 22.75
N SER D 260 40.70 -12.33 23.13
CA SER D 260 40.12 -13.60 23.50
C SER D 260 40.05 -14.55 22.31
N GLN D 261 40.53 -15.78 22.50
CA GLN D 261 40.40 -16.84 21.52
C GLN D 261 39.17 -17.71 21.79
N GLU D 262 38.13 -17.13 22.38
CA GLU D 262 36.91 -17.87 22.67
C GLU D 262 36.26 -18.37 21.39
N GLY D 263 35.88 -17.45 20.51
CA GLY D 263 35.21 -17.84 19.28
C GLY D 263 36.04 -18.74 18.39
N ALA D 264 37.37 -18.60 18.44
CA ALA D 264 38.24 -19.46 17.65
C ALA D 264 38.11 -20.91 18.09
N VAL D 265 38.10 -21.14 19.41
CA VAL D 265 37.98 -22.50 19.91
C VAL D 265 36.55 -23.01 19.69
N HIS D 266 35.55 -22.17 19.94
CA HIS D 266 34.16 -22.59 19.75
C HIS D 266 33.89 -22.99 18.30
N THR D 267 34.46 -22.26 17.35
CA THR D 267 34.35 -22.67 15.95
C THR D 267 35.22 -23.89 15.66
N ALA D 268 36.31 -24.06 16.41
CA ALA D 268 37.19 -25.20 16.19
C ALA D 268 36.55 -26.50 16.66
N LEU D 269 35.76 -26.46 17.74
CA LEU D 269 35.10 -27.65 18.26
C LEU D 269 33.77 -27.93 17.57
N ALA D 270 33.50 -27.28 16.44
CA ALA D 270 32.24 -27.46 15.74
C ALA D 270 32.16 -28.88 15.20
N GLY D 271 31.36 -29.72 15.85
CA GLY D 271 31.16 -31.10 15.44
C GLY D 271 31.42 -32.13 16.51
N ALA D 272 32.05 -31.76 17.63
CA ALA D 272 32.32 -32.72 18.68
C ALA D 272 31.07 -32.95 19.53
N LEU D 273 31.19 -33.82 20.52
CA LEU D 273 30.07 -34.17 21.38
C LEU D 273 30.08 -33.30 22.63
N GLU D 274 28.93 -32.71 22.93
CA GLU D 274 28.80 -31.74 24.01
C GLU D 274 28.50 -32.44 25.33
N ALA D 275 28.51 -31.64 26.40
CA ALA D 275 28.23 -32.15 27.73
C ALA D 275 27.86 -30.99 28.66
N GLU D 276 27.33 -31.34 29.82
CA GLU D 276 27.05 -30.39 30.88
C GLU D 276 27.39 -31.07 32.20
N MET D 277 27.58 -30.28 33.25
CA MET D 277 27.93 -30.86 34.54
C MET D 277 27.60 -29.89 35.66
N ASP D 278 27.14 -30.45 36.79
CA ASP D 278 27.01 -29.71 38.03
C ASP D 278 26.86 -30.72 39.16
N GLY D 279 27.82 -30.74 40.09
CA GLY D 279 28.98 -29.86 40.00
C GLY D 279 30.27 -30.65 39.96
N ALA D 280 30.21 -31.89 40.46
CA ALA D 280 31.39 -32.75 40.52
C ALA D 280 31.39 -33.86 39.48
N LYS D 281 30.28 -34.10 38.80
CA LYS D 281 30.13 -35.22 37.87
C LYS D 281 29.81 -34.70 36.49
N GLY D 282 30.58 -35.17 35.50
CA GLY D 282 30.36 -34.78 34.11
C GLY D 282 29.22 -35.53 33.47
N ARG D 283 28.14 -34.83 33.16
CA ARG D 283 26.92 -35.43 32.66
C ARG D 283 26.92 -35.40 31.13
N LEU D 284 27.14 -36.55 30.52
CA LEU D 284 27.19 -36.68 29.07
C LEU D 284 25.83 -37.13 28.53
N SER D 285 25.66 -36.98 27.22
CA SER D 285 24.47 -37.44 26.51
C SER D 285 24.91 -38.41 25.42
N SER D 286 25.07 -39.68 25.81
CA SER D 286 25.46 -40.73 24.88
C SER D 286 24.92 -42.05 25.41
N GLY D 287 24.49 -42.92 24.49
CA GLY D 287 23.83 -44.15 24.89
C GLY D 287 24.50 -45.41 24.38
N HIS D 288 23.72 -46.25 23.69
CA HIS D 288 24.18 -47.53 23.16
C HIS D 288 24.69 -48.45 24.27
N LEU D 289 23.76 -48.85 25.13
CA LEU D 289 24.03 -49.81 26.19
C LEU D 289 23.34 -51.13 25.85
N LYS D 290 24.12 -52.21 25.81
CA LYS D 290 23.60 -53.55 25.58
C LYS D 290 23.37 -54.21 26.94
N CYS D 291 22.11 -54.45 27.27
CA CYS D 291 21.73 -55.07 28.53
C CYS D 291 21.26 -56.50 28.31
N ARG D 292 21.34 -57.28 29.37
CA ARG D 292 20.82 -58.65 29.41
C ARG D 292 20.13 -58.82 30.74
N LEU D 293 18.80 -58.84 30.73
CA LEU D 293 18.00 -58.78 31.95
C LEU D 293 17.22 -60.07 32.16
N LYS D 294 17.05 -60.43 33.43
CA LYS D 294 16.32 -61.64 33.82
C LYS D 294 15.10 -61.24 34.64
N MET D 295 13.96 -61.85 34.32
CA MET D 295 12.70 -61.59 35.02
C MET D 295 12.24 -62.80 35.83
N ASP D 296 13.17 -63.65 36.27
CA ASP D 296 12.81 -64.82 37.05
C ASP D 296 12.05 -64.43 38.31
N LYS D 297 12.58 -63.47 39.07
CA LYS D 297 11.96 -63.01 40.30
C LYS D 297 10.96 -61.89 40.06
N LEU D 298 10.48 -61.74 38.83
CA LEU D 298 9.51 -60.72 38.46
C LEU D 298 8.13 -61.37 38.38
N ARG D 299 7.27 -61.07 39.34
CA ARG D 299 5.92 -61.62 39.39
C ARG D 299 4.90 -60.54 39.05
N LEU D 300 3.66 -60.98 38.86
CA LEU D 300 2.54 -60.06 38.67
C LEU D 300 1.86 -59.82 40.01
N LYS D 301 1.29 -58.63 40.16
CA LYS D 301 0.56 -58.25 41.36
C LYS D 301 -0.92 -58.20 41.04
N GLY D 302 -1.72 -58.98 41.77
CA GLY D 302 -3.15 -59.00 41.57
C GLY D 302 -3.67 -60.00 40.57
N VAL D 303 -2.96 -61.12 40.38
CA VAL D 303 -3.46 -62.17 39.51
C VAL D 303 -4.78 -62.72 40.02
N SER D 304 -4.95 -62.77 41.34
CA SER D 304 -6.15 -63.32 41.95
C SER D 304 -7.14 -62.24 42.38
N TYR D 305 -6.99 -61.02 41.87
CA TYR D 305 -8.05 -60.03 42.01
C TYR D 305 -9.24 -60.45 41.15
N SER D 306 -10.43 -60.05 41.59
CA SER D 306 -11.63 -60.28 40.79
C SER D 306 -11.88 -59.07 39.89
N LEU D 307 -12.79 -59.25 38.93
CA LEU D 307 -13.11 -58.16 38.02
C LEU D 307 -13.90 -57.08 38.74
N CYS D 308 -13.60 -55.82 38.47
CA CYS D 308 -14.28 -54.74 39.12
C CYS D 308 -15.70 -54.74 38.61
N THR D 309 -16.65 -54.35 39.45
CA THR D 309 -18.08 -54.41 39.15
C THR D 309 -18.72 -53.06 38.90
N ALA D 310 -18.24 -51.99 39.52
CA ALA D 310 -18.90 -50.69 39.39
C ALA D 310 -18.58 -50.07 38.03
N ALA D 311 -19.13 -48.88 37.81
CA ALA D 311 -19.02 -48.20 36.51
C ALA D 311 -17.75 -47.39 36.42
N PHE D 312 -17.28 -47.20 35.19
CA PHE D 312 -16.12 -46.37 34.87
C PHE D 312 -16.58 -45.08 34.19
N THR D 313 -15.63 -44.18 33.98
CA THR D 313 -15.90 -42.95 33.26
C THR D 313 -14.57 -42.40 32.74
N PHE D 314 -14.56 -41.98 31.48
CA PHE D 314 -13.38 -41.36 30.90
C PHE D 314 -13.08 -40.03 31.59
N THR D 315 -11.82 -39.85 31.99
CA THR D 315 -11.33 -38.53 32.37
C THR D 315 -10.55 -37.86 31.25
N LYS D 316 -10.00 -38.64 30.33
CA LYS D 316 -9.34 -38.13 29.14
C LYS D 316 -9.78 -38.94 27.94
N ILE D 317 -9.93 -38.27 26.80
CA ILE D 317 -10.32 -38.93 25.56
C ILE D 317 -9.19 -39.86 25.11
N PRO D 318 -9.50 -41.06 24.56
CA PRO D 318 -8.42 -41.92 24.04
C PRO D 318 -7.55 -41.19 23.04
N ALA D 319 -6.25 -41.07 23.34
CA ALA D 319 -5.31 -40.34 22.50
C ALA D 319 -4.34 -41.32 21.85
N GLU D 320 -4.14 -41.16 20.55
CA GLU D 320 -3.22 -42.00 19.79
C GLU D 320 -1.79 -41.48 19.97
N THR D 321 -0.84 -42.41 20.09
CA THR D 321 0.56 -42.08 20.27
C THR D 321 1.27 -42.05 18.92
N LEU D 322 2.57 -41.75 18.96
CA LEU D 322 3.35 -41.71 17.74
C LEU D 322 3.38 -43.07 17.04
N HIS D 323 3.35 -44.15 17.82
CA HIS D 323 3.53 -45.50 17.29
C HIS D 323 2.20 -46.23 17.10
N GLY D 324 1.10 -45.49 17.02
CA GLY D 324 -0.21 -46.07 16.78
C GLY D 324 -0.92 -46.59 18.02
N THR D 325 -0.21 -46.75 19.13
CA THR D 325 -0.83 -47.19 20.37
C THR D 325 -1.73 -46.08 20.93
N VAL D 326 -2.64 -46.47 21.83
CA VAL D 326 -3.64 -45.58 22.37
C VAL D 326 -3.61 -45.67 23.90
N THR D 327 -3.57 -44.52 24.55
CA THR D 327 -3.62 -44.43 26.00
C THR D 327 -5.03 -44.06 26.46
N VAL D 328 -5.41 -44.58 27.62
CA VAL D 328 -6.75 -44.33 28.16
C VAL D 328 -6.65 -44.30 29.68
N GLU D 329 -7.20 -43.24 30.28
CA GLU D 329 -7.31 -43.17 31.72
C GLU D 329 -8.76 -42.89 32.09
N VAL D 330 -9.19 -43.46 33.22
CA VAL D 330 -10.60 -43.45 33.62
C VAL D 330 -10.69 -43.33 35.13
N GLN D 331 -11.87 -42.90 35.58
CA GLN D 331 -12.26 -42.96 36.98
C GLN D 331 -13.09 -44.21 37.23
N TYR D 332 -13.01 -44.73 38.46
CA TYR D 332 -13.77 -45.90 38.86
C TYR D 332 -14.51 -45.60 40.15
N ALA D 333 -15.83 -45.68 40.12
CA ALA D 333 -16.69 -45.24 41.21
C ALA D 333 -17.05 -46.37 42.17
N GLY D 334 -16.18 -47.35 42.36
CA GLY D 334 -16.52 -48.48 43.20
C GLY D 334 -15.62 -48.71 44.40
N THR D 335 -16.13 -49.45 45.37
CA THR D 335 -15.37 -49.88 46.54
C THR D 335 -14.65 -51.19 46.29
N ASP D 336 -15.03 -51.93 45.25
CA ASP D 336 -14.51 -53.25 44.91
C ASP D 336 -12.99 -53.33 45.00
N GLY D 337 -12.31 -52.21 44.73
CA GLY D 337 -10.87 -52.16 44.74
C GLY D 337 -10.25 -52.69 46.02
N PRO D 338 -9.05 -53.28 45.92
CA PRO D 338 -8.31 -53.49 44.66
C PRO D 338 -8.89 -54.61 43.81
N CYS D 339 -8.82 -54.45 42.49
CA CYS D 339 -9.49 -55.33 41.55
C CYS D 339 -8.68 -55.42 40.27
N LYS D 340 -9.19 -56.21 39.33
CA LYS D 340 -8.69 -56.22 37.96
C LYS D 340 -9.66 -55.44 37.08
N VAL D 341 -9.11 -54.61 36.20
CA VAL D 341 -9.91 -53.75 35.33
C VAL D 341 -10.18 -54.51 34.03
N PRO D 342 -11.42 -54.81 33.70
CA PRO D 342 -11.70 -55.51 32.44
C PRO D 342 -11.54 -54.59 31.24
N ALA D 343 -10.45 -54.77 30.50
CA ALA D 343 -10.15 -53.97 29.32
C ALA D 343 -10.07 -54.89 28.11
N GLN D 344 -10.64 -54.44 26.99
CA GLN D 344 -10.80 -55.31 25.84
C GLN D 344 -10.88 -54.49 24.56
N MET D 345 -10.92 -55.25 23.46
CA MET D 345 -11.01 -54.81 22.07
C MET D 345 -12.41 -54.94 21.46
N ALA D 346 -12.61 -54.22 20.36
CA ALA D 346 -13.89 -54.11 19.63
C ALA D 346 -14.68 -55.23 18.90
N VAL D 347 -14.07 -56.18 18.17
CA VAL D 347 -14.92 -57.06 17.41
C VAL D 347 -15.95 -57.65 18.36
N ASP D 348 -17.22 -57.39 18.08
CA ASP D 348 -18.24 -57.38 19.13
C ASP D 348 -19.16 -58.58 19.03
N MET D 349 -19.68 -58.97 20.19
CA MET D 349 -20.90 -59.76 20.37
C MET D 349 -20.76 -61.25 20.11
N GLN D 350 -19.62 -61.70 19.58
CA GLN D 350 -19.54 -63.10 19.22
C GLN D 350 -18.11 -63.50 18.86
N THR D 351 -17.52 -64.35 19.68
CA THR D 351 -17.99 -64.49 21.05
C THR D 351 -16.91 -63.73 21.76
N LEU D 352 -17.24 -62.43 21.57
CA LEU D 352 -16.67 -61.13 22.05
C LEU D 352 -15.17 -61.25 22.01
N THR D 353 -14.75 -61.82 20.91
CA THR D 353 -13.38 -62.27 20.67
C THR D 353 -12.41 -61.10 20.73
N PRO D 354 -11.25 -61.28 21.37
CA PRO D 354 -10.17 -60.31 21.24
C PRO D 354 -9.45 -60.42 19.90
N VAL D 355 -9.00 -59.26 19.41
CA VAL D 355 -8.20 -59.18 18.19
C VAL D 355 -6.87 -58.45 18.44
N GLY D 356 -6.92 -57.33 19.15
CA GLY D 356 -5.74 -56.52 19.37
C GLY D 356 -4.87 -57.03 20.49
N ARG D 357 -4.07 -56.13 21.04
CA ARG D 357 -3.14 -56.46 22.10
C ARG D 357 -3.16 -55.35 23.14
N LEU D 358 -2.88 -55.72 24.39
CA LEU D 358 -2.81 -54.78 25.49
C LEU D 358 -1.36 -54.55 25.89
N ILE D 359 -0.94 -53.29 25.93
CA ILE D 359 0.39 -52.95 26.42
C ILE D 359 0.44 -53.06 27.93
N THR D 360 -0.53 -52.44 28.60
CA THR D 360 -0.64 -52.44 30.06
C THR D 360 -1.26 -53.77 30.50
N ALA D 361 -0.40 -54.78 30.63
CA ALA D 361 -0.87 -56.10 31.02
C ALA D 361 -1.34 -56.10 32.47
N ASN D 362 -2.44 -56.81 32.71
CA ASN D 362 -3.11 -56.89 34.01
C ASN D 362 -3.38 -55.49 34.56
N PRO D 363 -4.31 -54.75 33.96
CA PRO D 363 -4.66 -53.44 34.52
C PRO D 363 -5.43 -53.61 35.83
N VAL D 364 -5.06 -52.79 36.81
CA VAL D 364 -5.49 -52.97 38.19
C VAL D 364 -5.75 -51.61 38.82
N ILE D 365 -6.76 -51.54 39.69
CA ILE D 365 -6.93 -50.42 40.59
C ILE D 365 -6.45 -50.86 41.97
N THR D 366 -5.82 -49.94 42.69
CA THR D 366 -5.23 -50.26 43.99
C THR D 366 -5.96 -49.58 45.14
N GLU D 367 -6.27 -48.30 45.02
CA GLU D 367 -7.01 -47.62 46.07
C GLU D 367 -8.45 -48.12 46.11
N SER D 368 -8.94 -48.35 47.32
CA SER D 368 -10.25 -48.98 47.49
C SER D 368 -11.38 -47.99 47.24
N THR D 369 -11.43 -46.91 48.02
CA THR D 369 -12.61 -46.03 48.08
C THR D 369 -12.22 -44.58 47.87
N GLU D 370 -12.91 -43.91 46.97
CA GLU D 370 -13.88 -44.58 46.09
C GLU D 370 -13.60 -44.35 44.61
N ASN D 371 -13.41 -43.09 44.21
CA ASN D 371 -13.35 -42.70 42.80
C ASN D 371 -11.90 -42.46 42.37
N SER D 372 -11.15 -43.55 42.26
CA SER D 372 -9.75 -43.44 41.89
C SER D 372 -9.58 -43.42 40.36
N LYS D 373 -8.40 -43.01 39.94
CA LYS D 373 -8.04 -42.94 38.52
C LYS D 373 -6.92 -43.92 38.21
N MET D 374 -6.85 -44.42 37.00
CA MET D 374 -5.91 -45.46 36.54
C MET D 374 -5.55 -45.20 35.09
N MET D 375 -4.51 -45.80 34.53
CA MET D 375 -4.23 -45.59 33.16
C MET D 375 -3.81 -46.84 32.50
N LEU D 376 -4.09 -47.02 31.26
CA LEU D 376 -3.64 -48.23 30.59
C LEU D 376 -3.44 -47.92 29.11
N GLU D 377 -2.64 -48.74 28.44
CA GLU D 377 -2.31 -48.53 27.04
C GLU D 377 -2.63 -49.77 26.25
N LEU D 378 -3.19 -49.57 25.04
CA LEU D 378 -3.57 -50.66 24.17
C LEU D 378 -2.94 -50.47 22.80
N ASP D 379 -2.97 -51.54 22.01
CA ASP D 379 -2.43 -51.55 20.64
C ASP D 379 -3.51 -52.12 19.74
N PRO D 380 -4.45 -51.27 19.29
CA PRO D 380 -5.60 -51.76 18.54
C PRO D 380 -5.18 -52.26 17.17
N PRO D 381 -6.00 -53.09 16.53
CA PRO D 381 -5.65 -53.60 15.20
C PRO D 381 -5.83 -52.52 14.14
N PHE D 382 -5.29 -52.78 12.96
CA PHE D 382 -5.45 -51.83 11.88
C PHE D 382 -6.89 -51.83 11.38
N GLY D 383 -7.39 -50.64 11.08
CA GLY D 383 -8.76 -50.48 10.64
C GLY D 383 -9.64 -49.84 11.69
N ASP D 384 -10.76 -50.48 11.98
CA ASP D 384 -11.81 -49.92 12.82
C ASP D 384 -11.95 -50.76 14.09
N SER D 385 -12.17 -50.09 15.21
CA SER D 385 -12.24 -50.76 16.50
C SER D 385 -13.02 -49.91 17.51
N TYR D 386 -13.18 -50.49 18.70
CA TYR D 386 -13.95 -50.03 19.85
C TYR D 386 -13.13 -50.34 21.09
N ILE D 387 -12.92 -49.38 21.96
CA ILE D 387 -12.24 -49.64 23.22
C ILE D 387 -13.30 -49.94 24.29
N VAL D 388 -13.24 -51.14 24.86
CA VAL D 388 -14.26 -51.63 25.78
C VAL D 388 -13.60 -51.88 27.13
N ILE D 389 -13.96 -51.07 28.12
CA ILE D 389 -13.58 -51.31 29.51
C ILE D 389 -14.86 -51.43 30.33
N GLY D 390 -14.86 -52.37 31.26
CA GLY D 390 -16.04 -52.70 32.04
C GLY D 390 -16.66 -54.01 31.59
N VAL D 391 -17.77 -54.36 32.26
CA VAL D 391 -18.47 -55.61 32.00
C VAL D 391 -19.97 -55.37 32.11
N GLY D 392 -20.73 -55.94 31.16
CA GLY D 392 -22.18 -55.93 31.27
C GLY D 392 -22.75 -54.54 31.23
N GLU D 393 -23.70 -54.28 32.14
CA GLU D 393 -24.32 -52.97 32.22
C GLU D 393 -23.31 -51.94 32.73
N LYS D 394 -23.54 -50.68 32.34
CA LYS D 394 -22.68 -49.55 32.70
C LYS D 394 -21.23 -49.79 32.27
N LYS D 395 -21.05 -50.45 31.13
CA LYS D 395 -19.73 -50.58 30.53
C LYS D 395 -19.31 -49.25 29.92
N ILE D 396 -18.07 -49.19 29.46
CA ILE D 396 -17.52 -48.00 28.82
C ILE D 396 -16.97 -48.41 27.45
N THR D 397 -17.52 -47.82 26.39
CA THR D 397 -17.17 -48.16 25.02
C THR D 397 -16.77 -46.90 24.27
N HIS D 398 -15.75 -47.01 23.42
CA HIS D 398 -15.32 -45.90 22.60
C HIS D 398 -14.81 -46.43 21.26
N HIS D 399 -15.42 -45.96 20.17
CA HIS D 399 -15.02 -46.38 18.85
C HIS D 399 -13.63 -45.84 18.50
N TRP D 400 -12.90 -46.60 17.70
CA TRP D 400 -11.55 -46.22 17.30
C TRP D 400 -11.30 -46.60 15.85
N HIS D 401 -10.48 -45.79 15.17
CA HIS D 401 -10.05 -46.08 13.81
C HIS D 401 -8.60 -45.60 13.68
N ARG D 402 -7.67 -46.55 13.78
CA ARG D 402 -6.25 -46.25 13.78
C ARG D 402 -5.72 -46.28 12.35
N SER D 403 -5.09 -45.18 11.93
CA SER D 403 -4.51 -45.01 10.59
C SER D 403 -5.42 -45.52 9.48
N ARG E 2 -37.35 -38.45 3.25
CA ARG E 2 -36.90 -37.11 3.58
C ARG E 2 -36.22 -37.14 4.96
N CYS E 3 -35.33 -36.19 5.21
CA CYS E 3 -34.81 -35.81 6.52
C CYS E 3 -33.78 -36.81 7.08
N ILE E 4 -33.55 -37.94 6.44
CA ILE E 4 -32.74 -38.99 7.06
C ILE E 4 -31.25 -38.64 6.99
N GLY E 5 -30.73 -38.46 5.78
CA GLY E 5 -29.33 -38.16 5.60
C GLY E 5 -28.92 -36.73 5.89
N VAL E 6 -29.84 -35.90 6.37
CA VAL E 6 -29.53 -34.50 6.64
C VAL E 6 -28.66 -34.39 7.88
N SER E 7 -27.58 -33.60 7.78
CA SER E 7 -26.69 -33.41 8.92
C SER E 7 -27.37 -32.64 10.05
N ASN E 8 -27.96 -31.48 9.73
CA ASN E 8 -28.70 -30.66 10.69
C ASN E 8 -30.10 -31.25 10.80
N ARG E 9 -30.24 -32.25 11.67
CA ARG E 9 -31.41 -33.13 11.65
C ARG E 9 -32.41 -32.83 12.76
N ASP E 10 -31.96 -32.58 14.00
CA ASP E 10 -32.76 -31.93 15.04
C ASP E 10 -34.03 -32.72 15.38
N PHE E 11 -33.82 -33.87 16.04
CA PHE E 11 -34.93 -34.69 16.55
C PHE E 11 -35.61 -33.96 17.71
N VAL E 12 -36.50 -33.03 17.39
CA VAL E 12 -37.30 -32.40 18.44
C VAL E 12 -38.53 -33.26 18.70
N GLU E 13 -38.83 -33.48 19.98
CA GLU E 13 -39.93 -34.35 20.36
C GLU E 13 -41.20 -33.55 20.56
N GLY E 14 -42.32 -34.11 20.11
CA GLY E 14 -43.62 -33.52 20.35
C GLY E 14 -44.18 -34.01 21.66
N MET E 15 -44.72 -33.08 22.45
CA MET E 15 -45.26 -33.44 23.76
C MET E 15 -46.37 -34.46 23.61
N SER E 16 -46.20 -35.62 24.26
CA SER E 16 -47.09 -36.76 24.09
C SER E 16 -48.45 -36.45 24.71
N GLY E 17 -49.47 -36.32 23.87
CA GLY E 17 -50.83 -36.12 24.36
C GLY E 17 -51.41 -34.78 23.96
N GLY E 18 -50.62 -33.72 24.10
CA GLY E 18 -51.05 -32.39 23.71
C GLY E 18 -50.54 -32.05 22.31
N THR E 19 -51.29 -31.19 21.62
CA THR E 19 -51.01 -30.84 20.23
C THR E 19 -50.13 -29.60 20.10
N TRP E 20 -49.28 -29.32 21.09
CA TRP E 20 -48.50 -28.09 21.14
C TRP E 20 -47.03 -28.38 20.92
N VAL E 21 -46.48 -27.91 19.80
CA VAL E 21 -45.07 -28.05 19.46
C VAL E 21 -44.59 -26.77 18.80
N ASP E 22 -43.49 -26.22 19.30
CA ASP E 22 -42.80 -25.11 18.68
C ASP E 22 -41.53 -25.62 18.02
N VAL E 23 -41.26 -25.15 16.81
CA VAL E 23 -40.14 -25.64 16.01
C VAL E 23 -39.42 -24.46 15.38
N VAL E 24 -38.09 -24.47 15.45
CA VAL E 24 -37.26 -23.57 14.67
C VAL E 24 -36.89 -24.27 13.36
N LEU E 25 -37.17 -23.62 12.24
CA LEU E 25 -36.97 -24.20 10.91
C LEU E 25 -35.83 -23.47 10.22
N GLU E 26 -34.71 -24.17 10.02
CA GLU E 26 -33.51 -23.60 9.42
C GLU E 26 -33.42 -24.01 7.95
N HIS E 27 -32.72 -23.18 7.18
CA HIS E 27 -32.42 -23.50 5.79
C HIS E 27 -31.29 -24.53 5.75
N GLY E 28 -31.48 -25.59 4.97
CA GLY E 28 -30.50 -26.66 4.93
C GLY E 28 -30.55 -27.60 6.11
N GLY E 29 -31.55 -27.46 6.97
CA GLY E 29 -31.71 -28.36 8.10
C GLY E 29 -33.16 -28.77 8.25
N CYS E 30 -33.36 -30.03 8.61
CA CYS E 30 -34.70 -30.59 8.74
C CYS E 30 -35.06 -30.76 10.22
N VAL E 31 -36.33 -31.13 10.44
CA VAL E 31 -36.88 -31.30 11.79
C VAL E 31 -37.81 -32.50 11.77
N THR E 32 -37.60 -33.44 12.68
CA THR E 32 -38.41 -34.64 12.82
C THR E 32 -39.27 -34.52 14.07
N VAL E 33 -40.58 -34.41 13.88
CA VAL E 33 -41.53 -34.21 14.97
C VAL E 33 -42.20 -35.55 15.27
N MET E 34 -42.11 -36.00 16.52
CA MET E 34 -42.71 -37.26 16.95
C MET E 34 -43.66 -37.00 18.10
N ALA E 35 -44.88 -37.53 18.00
CA ALA E 35 -45.90 -37.41 19.03
C ALA E 35 -46.32 -38.81 19.47
N GLN E 36 -47.35 -38.87 20.32
CA GLN E 36 -47.87 -40.13 20.82
C GLN E 36 -49.14 -40.50 20.07
N ASP E 37 -49.21 -41.76 19.61
CA ASP E 37 -50.32 -42.26 18.81
C ASP E 37 -50.54 -41.39 17.57
N LYS E 38 -49.46 -40.80 17.06
CA LYS E 38 -49.47 -39.91 15.92
C LYS E 38 -48.37 -40.30 14.95
N PRO E 39 -48.54 -40.04 13.65
CA PRO E 39 -47.50 -40.36 12.68
C PRO E 39 -46.37 -39.34 12.72
N THR E 40 -45.15 -39.82 12.87
CA THR E 40 -43.98 -38.95 12.88
C THR E 40 -43.80 -38.33 11.49
N VAL E 41 -43.60 -37.02 11.45
CA VAL E 41 -43.52 -36.29 10.19
C VAL E 41 -42.22 -35.51 10.15
N ASP E 42 -41.60 -35.45 8.97
CA ASP E 42 -40.40 -34.68 8.73
C ASP E 42 -40.76 -33.36 8.06
N ILE E 43 -40.19 -32.26 8.53
CA ILE E 43 -40.52 -30.93 8.05
C ILE E 43 -39.23 -30.19 7.70
N GLU E 44 -39.15 -29.67 6.47
CA GLU E 44 -37.99 -28.93 6.01
C GLU E 44 -38.43 -27.65 5.30
N LEU E 45 -37.79 -26.55 5.64
CA LEU E 45 -37.93 -25.29 4.89
C LEU E 45 -36.91 -25.31 3.75
N VAL E 46 -37.41 -25.44 2.52
CA VAL E 46 -36.55 -25.66 1.36
C VAL E 46 -36.21 -24.35 0.66
N THR E 47 -37.19 -23.45 0.51
CA THR E 47 -37.02 -22.25 -0.31
C THR E 47 -37.60 -21.04 0.39
N THR E 48 -36.87 -19.93 0.34
CA THR E 48 -37.34 -18.62 0.78
C THR E 48 -37.21 -17.67 -0.40
N THR E 49 -38.34 -17.15 -0.88
CA THR E 49 -38.39 -16.35 -2.10
C THR E 49 -39.03 -14.99 -1.85
N VAL E 50 -38.42 -13.94 -2.44
CA VAL E 50 -39.02 -12.62 -2.60
C VAL E 50 -39.38 -12.48 -4.07
N SER E 51 -40.52 -11.89 -4.40
CA SER E 51 -41.08 -12.04 -5.75
C SER E 51 -41.24 -10.75 -6.52
N ASN E 52 -41.10 -9.62 -5.84
CA ASN E 52 -41.71 -8.33 -6.18
C ASN E 52 -40.71 -7.32 -6.72
N MET E 53 -39.71 -7.76 -7.44
CA MET E 53 -38.47 -7.02 -7.47
C MET E 53 -38.61 -5.85 -8.44
N ALA E 54 -38.62 -4.64 -7.87
CA ALA E 54 -38.56 -3.39 -8.63
C ALA E 54 -37.13 -2.83 -8.62
N GLU E 55 -36.61 -2.54 -9.81
CA GLU E 55 -35.25 -2.00 -9.94
C GLU E 55 -35.16 -0.63 -9.29
N VAL E 56 -34.16 -0.44 -8.43
CA VAL E 56 -34.00 0.81 -7.69
C VAL E 56 -32.91 1.67 -8.32
N ARG E 57 -31.71 1.11 -8.46
CA ARG E 57 -30.58 1.84 -8.99
C ARG E 57 -29.57 0.84 -9.53
N SER E 58 -28.94 1.20 -10.66
CA SER E 58 -27.93 0.39 -11.31
C SER E 58 -26.60 1.12 -11.29
N TYR E 59 -25.53 0.39 -11.02
CA TYR E 59 -24.17 0.92 -11.03
C TYR E 59 -23.37 0.24 -12.12
N CYS E 60 -22.49 1.00 -12.77
CA CYS E 60 -21.56 0.46 -13.76
C CYS E 60 -20.22 0.20 -13.10
N TYR E 61 -19.67 -1.00 -13.33
CA TYR E 61 -18.39 -1.37 -12.75
C TYR E 61 -17.29 -1.63 -13.77
N GLU E 62 -17.60 -1.62 -15.06
CA GLU E 62 -16.58 -1.69 -16.10
C GLU E 62 -17.08 -0.91 -17.30
N ALA E 63 -16.23 -0.03 -17.83
CA ALA E 63 -16.66 0.94 -18.82
C ALA E 63 -15.69 1.00 -19.98
N SER E 64 -16.07 1.75 -21.01
CA SER E 64 -15.28 1.96 -22.21
C SER E 64 -15.25 3.46 -22.52
N ILE E 65 -14.13 3.91 -23.08
CA ILE E 65 -13.96 5.31 -23.41
C ILE E 65 -13.69 5.45 -24.90
N SER E 66 -14.12 6.59 -25.46
CA SER E 66 -13.97 6.83 -26.89
C SER E 66 -14.07 8.32 -27.17
N ASP E 67 -13.52 8.72 -28.31
CA ASP E 67 -13.57 10.10 -28.79
C ASP E 67 -13.01 11.07 -27.75
N MET E 68 -11.73 10.90 -27.44
CA MET E 68 -11.03 11.83 -26.57
C MET E 68 -10.64 13.07 -27.37
N ALA E 69 -10.94 14.24 -26.82
CA ALA E 69 -10.62 15.48 -27.50
C ALA E 69 -10.41 16.57 -26.45
N SER E 70 -9.64 17.59 -26.82
CA SER E 70 -9.31 18.69 -25.94
C SER E 70 -9.36 20.00 -26.70
N ASP E 71 -9.66 21.08 -25.99
CA ASP E 71 -9.61 22.43 -26.53
C ASP E 71 -8.88 23.32 -25.54
N SER E 72 -7.94 24.12 -26.04
CA SER E 72 -7.09 24.94 -25.19
C SER E 72 -7.22 26.41 -25.59
N ARG E 73 -7.01 27.29 -24.61
CA ARG E 73 -7.07 28.72 -24.83
C ARG E 73 -5.86 29.42 -24.22
N CYS E 74 -5.42 30.48 -24.88
CA CYS E 74 -4.37 31.34 -24.38
C CYS E 74 -4.87 32.15 -23.19
N PRO E 75 -3.97 32.68 -22.37
CA PRO E 75 -4.40 33.58 -21.29
C PRO E 75 -5.04 34.84 -21.85
N THR E 76 -5.98 35.39 -21.07
CA THR E 76 -6.75 36.58 -21.42
C THR E 76 -7.54 36.42 -22.71
N GLN E 77 -7.88 35.18 -23.08
CA GLN E 77 -8.79 34.92 -24.19
C GLN E 77 -9.98 34.07 -23.75
N GLY E 78 -10.30 34.07 -22.46
CA GLY E 78 -11.51 33.47 -21.97
C GLY E 78 -11.40 31.99 -21.61
N GLU E 79 -12.52 31.28 -21.72
CA GLU E 79 -12.63 29.90 -21.29
C GLU E 79 -12.61 28.97 -22.50
N ALA E 80 -12.02 27.79 -22.33
CA ALA E 80 -12.01 26.78 -23.37
C ALA E 80 -13.40 26.20 -23.55
N TYR E 81 -13.65 25.65 -24.74
CA TYR E 81 -14.98 25.19 -25.09
C TYR E 81 -14.89 24.01 -26.06
N LEU E 82 -15.69 22.98 -25.79
CA LEU E 82 -15.94 21.90 -26.72
C LEU E 82 -17.44 21.73 -26.88
N ASP E 83 -17.86 21.31 -28.07
CA ASP E 83 -19.29 21.17 -28.34
C ASP E 83 -19.92 20.05 -27.52
N LYS E 84 -19.14 19.08 -27.05
CA LYS E 84 -19.65 17.95 -26.29
C LYS E 84 -19.42 18.09 -24.79
N GLN E 85 -18.95 19.25 -24.33
CA GLN E 85 -18.67 19.41 -22.90
C GLN E 85 -19.95 19.43 -22.07
N SER E 86 -21.09 19.75 -22.68
CA SER E 86 -22.38 19.72 -22.00
C SER E 86 -23.21 18.51 -22.40
N ASP E 87 -22.57 17.49 -22.98
CA ASP E 87 -23.27 16.27 -23.37
C ASP E 87 -23.40 15.33 -22.18
N THR E 88 -24.57 14.72 -22.04
CA THR E 88 -24.82 13.84 -20.91
C THR E 88 -23.93 12.60 -20.93
N GLN E 89 -23.59 12.11 -22.11
CA GLN E 89 -22.79 10.89 -22.23
C GLN E 89 -21.29 11.15 -22.18
N TYR E 90 -20.87 12.40 -22.10
CA TYR E 90 -19.45 12.75 -22.09
C TYR E 90 -19.03 13.19 -20.69
N VAL E 91 -17.81 12.81 -20.31
CA VAL E 91 -17.19 13.22 -19.05
C VAL E 91 -16.05 14.18 -19.38
N CYS E 92 -15.97 15.28 -18.61
CA CYS E 92 -15.06 16.36 -18.94
C CYS E 92 -14.32 16.82 -17.68
N LYS E 93 -13.33 17.69 -17.90
CA LYS E 93 -12.60 18.32 -16.81
C LYS E 93 -11.90 19.57 -17.35
N ARG E 94 -12.05 20.68 -16.64
CA ARG E 94 -11.36 21.92 -16.98
C ARG E 94 -10.18 22.13 -16.03
N THR E 95 -9.12 22.73 -16.56
CA THR E 95 -7.92 22.97 -15.76
C THR E 95 -7.18 24.19 -16.30
N LEU E 96 -6.25 24.69 -15.50
CA LEU E 96 -5.42 25.83 -15.86
C LEU E 96 -3.99 25.34 -16.07
N VAL E 97 -3.51 25.41 -17.31
CA VAL E 97 -2.18 24.96 -17.67
C VAL E 97 -1.28 26.17 -17.87
N ASP E 98 0.02 25.94 -17.80
CA ASP E 98 0.99 26.99 -18.09
C ASP E 98 1.16 27.16 -19.59
N ARG E 99 0.99 28.38 -20.08
CA ARG E 99 1.15 28.69 -21.49
C ARG E 99 2.06 29.88 -21.66
N GLY E 100 2.74 29.91 -22.81
CA GLY E 100 3.68 30.97 -23.12
C GLY E 100 4.19 30.87 -24.55
N TRP E 101 5.43 31.31 -24.77
CA TRP E 101 5.96 31.33 -26.13
C TRP E 101 6.34 29.95 -26.63
N GLY E 102 6.77 29.06 -25.73
CA GLY E 102 7.03 27.69 -26.15
C GLY E 102 5.79 26.99 -26.68
N ASN E 103 4.63 27.33 -26.13
CA ASN E 103 3.36 26.72 -26.53
C ASN E 103 2.67 27.47 -27.67
N GLY E 104 3.35 28.43 -28.29
CA GLY E 104 2.74 29.22 -29.32
C GLY E 104 1.68 30.16 -28.78
N CYS E 105 2.04 30.93 -27.76
CA CYS E 105 1.13 31.90 -27.17
C CYS E 105 1.89 33.20 -26.91
N GLY E 106 1.15 34.31 -26.94
CA GLY E 106 1.80 35.60 -26.87
C GLY E 106 2.30 35.96 -25.47
N LEU E 107 1.54 35.58 -24.44
CA LEU E 107 1.83 35.97 -23.07
C LEU E 107 2.14 34.75 -22.22
N PHE E 108 2.80 35.00 -21.08
CA PHE E 108 3.15 33.96 -20.12
C PHE E 108 2.10 33.96 -19.00
N GLY E 109 1.23 32.95 -19.01
CA GLY E 109 0.18 32.91 -18.02
C GLY E 109 -0.49 31.55 -17.97
N LYS E 110 -1.63 31.52 -17.29
CA LYS E 110 -2.41 30.30 -17.10
C LYS E 110 -3.49 30.22 -18.17
N GLY E 111 -3.39 29.24 -19.05
CA GLY E 111 -4.38 29.03 -20.08
C GLY E 111 -5.44 28.02 -19.68
N SER E 112 -6.64 28.21 -20.22
CA SER E 112 -7.77 27.33 -19.92
C SER E 112 -7.75 26.12 -20.84
N LEU E 113 -7.93 24.93 -20.25
CA LEU E 113 -7.89 23.69 -21.00
C LEU E 113 -9.05 22.80 -20.56
N VAL E 114 -9.88 22.39 -21.52
CA VAL E 114 -10.99 21.46 -21.28
C VAL E 114 -10.76 20.24 -22.15
N THR E 115 -11.06 19.06 -21.59
CA THR E 115 -10.93 17.80 -22.31
C THR E 115 -12.11 16.91 -21.96
N CYS E 116 -12.61 16.19 -22.96
CA CYS E 116 -13.78 15.34 -22.78
C CYS E 116 -13.58 14.01 -23.50
N ALA E 117 -14.47 13.07 -23.22
CA ALA E 117 -14.48 11.79 -23.90
C ALA E 117 -15.82 11.11 -23.64
N LYS E 118 -16.25 10.28 -24.58
CA LYS E 118 -17.54 9.61 -24.47
C LYS E 118 -17.43 8.35 -23.62
N PHE E 119 -18.32 8.26 -22.64
CA PHE E 119 -18.33 7.17 -21.67
C PHE E 119 -19.39 6.14 -22.07
N ALA E 120 -19.01 4.87 -22.08
CA ALA E 120 -19.92 3.78 -22.40
C ALA E 120 -19.78 2.69 -21.36
N CYS E 121 -20.91 2.21 -20.83
CA CYS E 121 -20.88 1.18 -19.81
C CYS E 121 -20.81 -0.19 -20.44
N SER E 122 -19.84 -1.00 -20.00
CA SER E 122 -19.65 -2.35 -20.52
C SER E 122 -20.43 -3.39 -19.71
N LYS E 123 -20.24 -3.39 -18.40
CA LYS E 123 -20.94 -4.31 -17.52
C LYS E 123 -21.53 -3.53 -16.34
N LYS E 124 -22.73 -3.92 -15.92
CA LYS E 124 -23.48 -3.16 -14.92
C LYS E 124 -24.06 -4.10 -13.86
N MET E 125 -24.22 -3.57 -12.66
CA MET E 125 -24.92 -4.25 -11.57
C MET E 125 -26.19 -3.49 -11.24
N THR E 126 -27.17 -4.18 -10.68
CA THR E 126 -28.49 -3.59 -10.43
C THR E 126 -28.91 -3.89 -9.01
N GLY E 127 -29.21 -2.83 -8.25
CA GLY E 127 -29.83 -2.99 -6.95
C GLY E 127 -31.32 -2.74 -7.07
N LYS E 128 -32.10 -3.71 -6.62
CA LYS E 128 -33.54 -3.61 -6.74
C LYS E 128 -34.19 -3.73 -5.35
N SER E 129 -35.48 -3.42 -5.30
CA SER E 129 -36.19 -3.24 -4.04
C SER E 129 -36.74 -4.55 -3.52
N ILE E 130 -36.64 -4.74 -2.21
CA ILE E 130 -37.35 -5.79 -1.51
C ILE E 130 -38.58 -5.15 -0.87
N GLN E 131 -39.75 -5.41 -1.43
CA GLN E 131 -40.99 -4.92 -0.85
C GLN E 131 -41.25 -5.67 0.45
N PRO E 132 -41.17 -5.02 1.60
CA PRO E 132 -41.47 -5.70 2.86
C PRO E 132 -42.91 -6.17 2.86
N GLU E 133 -43.17 -7.21 3.67
CA GLU E 133 -44.47 -7.89 3.73
C GLU E 133 -44.78 -8.63 2.43
N ASN E 134 -43.75 -9.01 1.68
CA ASN E 134 -43.95 -9.72 0.41
C ASN E 134 -42.96 -10.87 0.29
N LEU E 135 -42.86 -11.67 1.34
CA LEU E 135 -42.01 -12.85 1.36
C LEU E 135 -42.81 -14.10 1.00
N GLU E 136 -42.10 -15.21 0.80
CA GLU E 136 -42.73 -16.47 0.43
C GLU E 136 -41.83 -17.62 0.86
N TYR E 137 -42.24 -18.32 1.92
CA TYR E 137 -41.52 -19.48 2.41
C TYR E 137 -42.14 -20.76 1.84
N ARG E 138 -41.28 -21.76 1.60
CA ARG E 138 -41.69 -23.03 1.01
C ARG E 138 -41.22 -24.17 1.90
N ILE E 139 -42.18 -24.94 2.42
CA ILE E 139 -41.91 -25.98 3.40
C ILE E 139 -42.39 -27.32 2.85
N MET E 140 -41.59 -28.36 3.09
CA MET E 140 -41.91 -29.73 2.69
C MET E 140 -42.09 -30.61 3.91
N LEU E 141 -43.08 -31.50 3.85
CA LEU E 141 -43.46 -32.35 4.97
C LEU E 141 -43.57 -33.78 4.47
N SER E 142 -42.98 -34.73 5.20
CA SER E 142 -42.98 -36.14 4.78
C SER E 142 -43.32 -37.04 5.96
N VAL E 143 -44.09 -38.10 5.70
CA VAL E 143 -44.67 -38.95 6.73
C VAL E 143 -44.02 -40.33 6.72
N HIS E 144 -43.76 -40.86 7.92
CA HIS E 144 -43.06 -42.13 8.11
C HIS E 144 -43.95 -43.35 7.92
N GLY E 145 -43.46 -44.50 8.38
CA GLY E 145 -44.24 -45.71 8.50
C GLY E 145 -44.41 -46.51 7.23
N SER E 146 -45.23 -46.03 6.31
CA SER E 146 -45.38 -46.69 5.02
C SER E 146 -44.15 -46.49 4.14
N GLN E 147 -43.48 -45.34 4.23
CA GLN E 147 -42.44 -45.01 3.28
C GLN E 147 -41.18 -45.83 3.53
N HIS E 148 -40.48 -46.17 2.44
CA HIS E 148 -39.16 -46.75 2.49
C HIS E 148 -38.12 -45.73 2.01
N SER E 149 -36.82 -46.02 2.23
CA SER E 149 -35.83 -44.95 2.13
C SER E 149 -35.60 -44.49 0.69
N GLY E 150 -36.07 -45.22 -0.31
CA GLY E 150 -36.14 -44.64 -1.64
C GLY E 150 -36.92 -43.34 -1.66
N MET E 151 -37.82 -43.14 -0.67
CA MET E 151 -38.56 -41.90 -0.49
C MET E 151 -37.76 -40.84 0.25
N ILE E 152 -36.51 -41.12 0.64
CA ILE E 152 -35.70 -40.09 1.30
C ILE E 152 -35.50 -38.91 0.35
N VAL E 153 -35.18 -39.19 -0.91
CA VAL E 153 -35.04 -38.16 -1.92
C VAL E 153 -36.07 -38.48 -3.00
N ASN E 154 -37.26 -37.90 -2.87
CA ASN E 154 -38.33 -38.09 -3.86
C ASN E 154 -39.31 -36.94 -3.70
N ASP E 155 -39.48 -36.14 -4.74
CA ASP E 155 -40.38 -35.00 -4.72
C ASP E 155 -41.50 -35.10 -5.75
N THR E 156 -41.68 -36.27 -6.37
CA THR E 156 -42.67 -36.47 -7.41
C THR E 156 -43.79 -37.37 -6.91
N GLY E 157 -45.03 -37.02 -7.29
CA GLY E 157 -46.18 -37.79 -6.86
C GLY E 157 -46.67 -37.48 -5.47
N HIS E 158 -46.27 -36.34 -4.91
CA HIS E 158 -46.54 -35.98 -3.53
C HIS E 158 -47.97 -35.52 -3.28
N GLU E 159 -48.77 -35.31 -4.33
CA GLU E 159 -50.17 -34.96 -4.14
C GLU E 159 -51.04 -36.20 -4.04
N THR E 160 -50.79 -37.20 -4.88
CA THR E 160 -51.48 -38.47 -4.77
C THR E 160 -51.02 -39.22 -3.53
N ASP E 161 -49.71 -39.42 -3.39
CA ASP E 161 -49.14 -39.83 -2.11
C ASP E 161 -49.53 -38.80 -1.06
N GLU E 162 -50.20 -39.24 -0.01
CA GLU E 162 -50.34 -38.36 1.15
C GLU E 162 -49.11 -38.37 2.02
N ASN E 163 -47.98 -38.83 1.46
CA ASN E 163 -46.74 -38.93 2.20
C ASN E 163 -46.04 -37.57 2.30
N ARG E 164 -46.13 -36.75 1.26
CA ARG E 164 -45.34 -35.52 1.17
C ARG E 164 -46.24 -34.34 0.78
N ALA E 165 -46.44 -33.40 1.69
CA ALA E 165 -47.19 -32.19 1.41
C ALA E 165 -46.25 -31.00 1.23
N LYS E 166 -46.64 -30.07 0.37
CA LYS E 166 -45.93 -28.82 0.18
C LYS E 166 -46.80 -27.66 0.65
N VAL E 167 -46.19 -26.71 1.36
CA VAL E 167 -46.89 -25.61 1.99
C VAL E 167 -46.17 -24.31 1.68
N GLU E 168 -46.93 -23.23 1.54
CA GLU E 168 -46.40 -21.89 1.36
C GLU E 168 -46.88 -21.00 2.48
N ILE E 169 -45.95 -20.24 3.08
CA ILE E 169 -46.26 -19.26 4.12
C ILE E 169 -45.79 -17.90 3.64
N THR E 170 -46.66 -16.90 3.76
CA THR E 170 -46.38 -15.54 3.36
C THR E 170 -46.77 -14.57 4.46
N PRO E 171 -46.13 -13.40 4.53
CA PRO E 171 -46.70 -12.31 5.32
C PRO E 171 -48.10 -11.99 4.83
N ASN E 172 -48.98 -11.64 5.78
CA ASN E 172 -50.42 -11.46 5.62
C ASN E 172 -51.14 -12.81 5.55
N SER E 173 -50.42 -13.93 5.55
CA SER E 173 -51.01 -15.27 5.54
C SER E 173 -50.14 -16.21 6.36
N PRO E 174 -50.00 -15.96 7.66
CA PRO E 174 -49.11 -16.78 8.49
C PRO E 174 -49.64 -18.17 8.76
N ARG E 175 -50.95 -18.36 8.71
CA ARG E 175 -51.53 -19.67 8.96
C ARG E 175 -51.55 -20.49 7.69
N ALA E 176 -51.52 -21.81 7.86
CA ALA E 176 -51.62 -22.75 6.75
C ALA E 176 -51.97 -24.12 7.29
N GLU E 177 -52.45 -24.98 6.40
CA GLU E 177 -52.80 -26.35 6.78
C GLU E 177 -52.53 -27.27 5.61
N ALA E 178 -51.75 -28.32 5.86
CA ALA E 178 -51.37 -29.27 4.83
C ALA E 178 -52.33 -30.45 4.82
N THR E 179 -52.69 -30.91 3.62
CA THR E 179 -53.56 -32.07 3.46
C THR E 179 -52.71 -33.33 3.39
N LEU E 180 -52.95 -34.25 4.33
CA LEU E 180 -52.27 -35.54 4.35
C LEU E 180 -53.27 -36.68 4.21
N GLY E 181 -54.46 -36.40 3.69
CA GLY E 181 -55.46 -37.40 3.40
C GLY E 181 -55.77 -38.37 4.52
N GLY E 182 -55.54 -39.67 4.27
CA GLY E 182 -55.78 -40.69 5.27
C GLY E 182 -54.93 -40.52 6.52
N PHE E 183 -53.85 -39.75 6.44
CA PHE E 183 -53.11 -39.35 7.63
C PHE E 183 -53.76 -38.16 8.33
N GLY E 184 -54.82 -37.59 7.75
CA GLY E 184 -55.44 -36.41 8.32
C GLY E 184 -54.86 -35.13 7.75
N SER E 185 -54.74 -34.10 8.59
CA SER E 185 -54.19 -32.83 8.16
C SER E 185 -53.37 -32.22 9.28
N LEU E 186 -52.40 -31.39 8.91
CA LEU E 186 -51.48 -30.77 9.85
C LEU E 186 -51.53 -29.27 9.66
N GLY E 187 -51.83 -28.54 10.73
CA GLY E 187 -51.86 -27.09 10.71
C GLY E 187 -50.59 -26.50 11.29
N LEU E 188 -50.24 -25.30 10.82
CA LEU E 188 -49.01 -24.64 11.24
C LEU E 188 -49.15 -23.14 11.03
N ASP E 189 -48.81 -22.36 12.05
CA ASP E 189 -48.88 -20.90 12.00
C ASP E 189 -47.51 -20.36 12.39
N CYS E 190 -46.81 -19.77 11.42
CA CYS E 190 -45.37 -19.55 11.56
C CYS E 190 -44.97 -18.08 11.61
N GLU E 191 -45.31 -17.28 10.59
CA GLU E 191 -44.53 -16.12 10.15
C GLU E 191 -43.98 -15.30 11.32
N PRO E 192 -42.66 -15.18 11.42
CA PRO E 192 -42.06 -14.54 12.61
C PRO E 192 -42.10 -13.02 12.62
N ARG E 193 -42.06 -12.38 11.45
CA ARG E 193 -41.75 -10.96 11.35
C ARG E 193 -40.46 -10.66 12.12
N THR E 194 -39.39 -11.24 11.58
CA THR E 194 -38.21 -11.65 12.32
C THR E 194 -37.25 -10.52 12.69
N GLY E 195 -37.65 -9.26 12.62
CA GLY E 195 -36.69 -8.19 12.85
C GLY E 195 -35.57 -8.17 11.82
N LEU E 196 -35.69 -9.01 10.80
CA LEU E 196 -34.78 -9.03 9.66
C LEU E 196 -35.42 -8.06 8.66
N ASP E 197 -34.96 -6.80 8.73
CA ASP E 197 -35.68 -5.66 8.18
C ASP E 197 -35.55 -5.66 6.66
N PHE E 198 -36.36 -6.49 6.02
CA PHE E 198 -36.41 -6.51 4.56
C PHE E 198 -36.79 -5.14 4.01
N SER E 199 -37.56 -4.36 4.77
CA SER E 199 -37.84 -2.98 4.39
C SER E 199 -36.59 -2.12 4.32
N ASP E 200 -35.42 -2.64 4.74
CA ASP E 200 -34.17 -1.89 4.73
C ASP E 200 -33.05 -2.68 4.05
N LEU E 201 -33.39 -3.43 3.00
CA LEU E 201 -32.39 -4.15 2.23
C LEU E 201 -32.76 -4.10 0.76
N TYR E 202 -31.73 -4.15 -0.07
CA TYR E 202 -31.86 -4.23 -1.53
C TYR E 202 -31.32 -5.57 -2.00
N TYR E 203 -31.73 -5.95 -3.22
CA TYR E 203 -31.29 -7.18 -3.86
C TYR E 203 -30.31 -6.81 -4.96
N LEU E 204 -29.04 -7.13 -4.76
CA LEU E 204 -27.96 -6.70 -5.64
C LEU E 204 -27.56 -7.84 -6.56
N THR E 205 -27.64 -7.60 -7.86
CA THR E 205 -27.25 -8.55 -8.90
C THR E 205 -26.04 -8.01 -9.63
N MET E 206 -24.91 -8.71 -9.55
CA MET E 206 -23.69 -8.19 -10.15
C MET E 206 -23.46 -8.73 -11.56
N ASN E 207 -23.17 -10.03 -11.68
CA ASN E 207 -23.23 -10.73 -12.96
C ASN E 207 -23.31 -12.23 -12.63
N ASN E 208 -24.53 -12.77 -12.66
CA ASN E 208 -24.82 -14.12 -12.23
C ASN E 208 -24.42 -14.36 -10.77
N LYS E 209 -24.00 -13.30 -10.08
CA LYS E 209 -23.74 -13.33 -8.64
C LYS E 209 -24.74 -12.40 -7.96
N HIS E 210 -25.31 -12.86 -6.85
CA HIS E 210 -26.42 -12.14 -6.23
C HIS E 210 -26.22 -12.06 -4.73
N TRP E 211 -26.61 -10.93 -4.14
CA TRP E 211 -26.43 -10.67 -2.72
C TRP E 211 -27.62 -9.91 -2.17
N LEU E 212 -27.71 -9.88 -0.84
CA LEU E 212 -28.69 -9.07 -0.12
C LEU E 212 -27.94 -7.93 0.55
N VAL E 213 -28.37 -6.69 0.29
CA VAL E 213 -27.54 -5.52 0.53
C VAL E 213 -28.34 -4.47 1.30
N HIS E 214 -27.68 -3.84 2.27
CA HIS E 214 -28.28 -2.75 3.05
C HIS E 214 -28.36 -1.47 2.21
N LYS E 215 -29.35 -0.64 2.53
CA LYS E 215 -29.65 0.50 1.67
C LYS E 215 -28.65 1.64 1.81
N GLU E 216 -28.26 1.97 3.04
CA GLU E 216 -27.38 3.13 3.24
C GLU E 216 -26.01 2.91 2.60
N TRP E 217 -25.52 1.66 2.64
CA TRP E 217 -24.26 1.36 1.98
C TRP E 217 -24.40 1.38 0.46
N PHE E 218 -25.55 0.91 -0.05
CA PHE E 218 -25.76 0.88 -1.49
C PHE E 218 -25.92 2.28 -2.07
N HIS E 219 -26.45 3.21 -1.31
CA HIS E 219 -26.60 4.58 -1.80
C HIS E 219 -25.26 5.30 -1.91
N ASP E 220 -24.28 4.90 -1.09
CA ASP E 220 -22.99 5.58 -1.03
C ASP E 220 -21.90 4.80 -1.76
N ILE E 221 -22.26 4.05 -2.80
CA ILE E 221 -21.29 3.34 -3.62
C ILE E 221 -20.70 4.31 -4.63
N PRO E 222 -19.39 4.56 -4.60
CA PRO E 222 -18.76 5.57 -5.47
C PRO E 222 -18.48 5.05 -6.88
N LEU E 223 -19.54 4.76 -7.61
CA LEU E 223 -19.46 4.29 -9.00
C LEU E 223 -20.54 4.98 -9.80
N PRO E 224 -20.38 5.05 -11.14
CA PRO E 224 -21.43 5.66 -11.96
C PRO E 224 -22.75 4.92 -11.83
N TRP E 225 -23.85 5.67 -11.89
CA TRP E 225 -25.16 5.09 -11.64
C TRP E 225 -26.23 5.81 -12.45
N HIS E 226 -27.34 5.10 -12.66
CA HIS E 226 -28.59 5.68 -13.16
C HIS E 226 -29.74 4.98 -12.45
N ALA E 227 -30.80 5.74 -12.17
CA ALA E 227 -31.86 5.29 -11.27
C ALA E 227 -32.62 4.07 -11.77
N GLY E 228 -33.39 4.23 -12.84
CA GLY E 228 -34.37 3.24 -13.23
C GLY E 228 -33.84 2.19 -14.17
N ALA E 229 -34.76 1.57 -14.91
CA ALA E 229 -34.41 0.63 -15.95
C ALA E 229 -34.05 1.41 -17.22
N ASP E 230 -33.93 0.71 -18.34
CA ASP E 230 -33.51 1.32 -19.59
C ASP E 230 -34.68 1.51 -20.53
N THR E 231 -34.61 2.59 -21.32
CA THR E 231 -35.49 2.82 -22.46
C THR E 231 -34.69 3.42 -23.62
N GLY E 232 -33.39 3.15 -23.65
CA GLY E 232 -32.52 3.70 -24.66
C GLY E 232 -31.63 4.81 -24.13
N THR E 233 -30.31 4.56 -24.10
CA THR E 233 -29.31 5.51 -23.64
C THR E 233 -29.63 6.02 -22.24
N PRO E 234 -29.42 5.22 -21.20
CA PRO E 234 -29.55 5.75 -19.84
C PRO E 234 -28.50 6.80 -19.54
N HIS E 235 -28.87 7.76 -18.71
CA HIS E 235 -27.99 8.86 -18.35
C HIS E 235 -27.23 8.50 -17.08
N TRP E 236 -25.90 8.35 -17.19
CA TRP E 236 -25.06 8.01 -16.06
C TRP E 236 -24.65 9.27 -15.30
N ASN E 237 -24.53 9.13 -13.99
CA ASN E 237 -24.07 10.20 -13.11
C ASN E 237 -22.73 9.83 -12.48
N ASN E 238 -22.03 10.85 -12.00
CA ASN E 238 -20.67 10.77 -11.46
C ASN E 238 -19.81 9.80 -12.28
N LYS E 239 -19.83 10.01 -13.60
CA LYS E 239 -18.99 9.24 -14.50
C LYS E 239 -17.51 9.40 -14.18
N GLU E 240 -17.15 10.44 -13.42
CA GLU E 240 -15.78 10.61 -12.95
C GLU E 240 -15.29 9.45 -12.10
N ALA E 241 -16.20 8.63 -11.57
CA ALA E 241 -15.80 7.57 -10.66
C ALA E 241 -14.97 6.50 -11.35
N LEU E 242 -15.17 6.30 -12.65
CA LEU E 242 -14.47 5.25 -13.38
C LEU E 242 -13.60 5.79 -14.50
N VAL E 243 -13.36 7.10 -14.53
CA VAL E 243 -12.58 7.74 -15.57
C VAL E 243 -11.81 8.89 -14.95
N GLU E 244 -10.51 8.97 -15.23
CA GLU E 244 -9.65 9.98 -14.61
C GLU E 244 -8.76 10.64 -15.65
N PHE E 245 -8.62 11.95 -15.53
CA PHE E 245 -7.75 12.76 -16.38
C PHE E 245 -6.43 13.01 -15.66
N LYS E 246 -5.33 12.98 -16.39
CA LYS E 246 -4.01 13.12 -15.78
C LYS E 246 -3.06 13.90 -16.70
N ASP E 247 -2.24 14.74 -16.08
CA ASP E 247 -1.04 15.33 -16.69
C ASP E 247 -1.39 16.11 -17.97
N ALA E 248 -2.13 17.20 -17.76
CA ALA E 248 -2.43 18.11 -18.85
C ALA E 248 -1.20 18.94 -19.23
N HIS E 249 -0.85 18.94 -20.51
CA HIS E 249 0.27 19.74 -21.00
C HIS E 249 -0.21 20.66 -22.12
N ALA E 250 -0.84 21.77 -21.73
CA ALA E 250 -0.99 22.99 -22.50
C ALA E 250 -1.78 22.87 -23.80
N LYS E 251 -2.00 21.66 -24.29
CA LYS E 251 -2.94 21.48 -25.39
C LYS E 251 -3.66 20.14 -25.36
N ARG E 252 -3.44 19.31 -24.35
CA ARG E 252 -3.92 17.93 -24.35
C ARG E 252 -3.81 17.37 -22.95
N GLN E 253 -4.85 16.65 -22.52
CA GLN E 253 -4.85 15.95 -21.25
C GLN E 253 -5.27 14.51 -21.49
N THR E 254 -4.49 13.57 -20.97
CA THR E 254 -4.77 12.16 -21.15
C THR E 254 -5.88 11.72 -20.22
N VAL E 255 -6.70 10.79 -20.69
CA VAL E 255 -7.84 10.29 -19.93
C VAL E 255 -7.94 8.78 -20.15
N VAL E 256 -8.10 8.03 -19.05
CA VAL E 256 -8.14 6.58 -19.09
C VAL E 256 -9.27 6.08 -18.20
N VAL E 257 -9.80 4.91 -18.54
CA VAL E 257 -10.76 4.22 -17.69
C VAL E 257 -10.01 3.49 -16.58
N LEU E 258 -10.67 3.30 -15.43
CA LEU E 258 -10.02 2.71 -14.27
C LEU E 258 -9.92 1.18 -14.36
N GLY E 259 -10.78 0.55 -15.14
CA GLY E 259 -10.82 -0.90 -15.19
C GLY E 259 -11.95 -1.47 -14.37
N SER E 260 -12.02 -2.80 -14.38
CA SER E 260 -13.13 -3.49 -13.73
C SER E 260 -13.11 -3.30 -12.23
N GLN E 261 -14.28 -3.02 -11.65
CA GLN E 261 -14.46 -2.98 -10.20
C GLN E 261 -15.14 -4.23 -9.67
N GLU E 262 -14.98 -5.36 -10.36
CA GLU E 262 -15.54 -6.62 -9.88
C GLU E 262 -14.98 -6.99 -8.51
N GLY E 263 -13.65 -7.15 -8.43
CA GLY E 263 -13.03 -7.55 -7.18
C GLY E 263 -13.23 -6.55 -6.07
N ALA E 264 -13.35 -5.26 -6.41
CA ALA E 264 -13.53 -4.24 -5.38
C ALA E 264 -14.85 -4.43 -4.65
N VAL E 265 -15.94 -4.61 -5.39
CA VAL E 265 -17.26 -4.74 -4.76
C VAL E 265 -17.44 -6.14 -4.19
N HIS E 266 -16.89 -7.16 -4.86
CA HIS E 266 -16.96 -8.52 -4.31
C HIS E 266 -16.23 -8.60 -2.98
N THR E 267 -15.12 -7.87 -2.85
CA THR E 267 -14.44 -7.78 -1.56
C THR E 267 -15.26 -6.96 -0.57
N ALA E 268 -15.91 -5.90 -1.04
CA ALA E 268 -16.74 -5.08 -0.16
C ALA E 268 -17.96 -5.85 0.34
N LEU E 269 -18.45 -6.80 -0.45
CA LEU E 269 -19.62 -7.59 -0.09
C LEU E 269 -19.28 -8.80 0.76
N ALA E 270 -18.03 -8.91 1.22
CA ALA E 270 -17.61 -10.06 2.00
C ALA E 270 -18.37 -10.14 3.32
N GLY E 271 -19.05 -11.25 3.54
CA GLY E 271 -19.81 -11.46 4.76
C GLY E 271 -21.28 -11.14 4.65
N ALA E 272 -21.77 -10.77 3.48
CA ALA E 272 -23.17 -10.41 3.33
C ALA E 272 -24.03 -11.66 3.17
N LEU E 273 -25.35 -11.48 3.30
CA LEU E 273 -26.29 -12.56 3.08
C LEU E 273 -26.39 -12.84 1.59
N GLU E 274 -26.06 -14.06 1.20
CA GLU E 274 -26.00 -14.43 -0.21
C GLU E 274 -27.37 -14.87 -0.71
N ALA E 275 -27.50 -14.95 -2.03
CA ALA E 275 -28.74 -15.35 -2.67
C ALA E 275 -28.43 -15.76 -4.10
N GLU E 276 -29.44 -16.34 -4.76
CA GLU E 276 -29.39 -16.73 -6.15
C GLU E 276 -30.61 -16.17 -6.87
N MET E 277 -30.66 -16.36 -8.19
CA MET E 277 -31.86 -16.04 -8.94
C MET E 277 -31.90 -16.94 -10.18
N ASP E 278 -33.06 -17.55 -10.41
CA ASP E 278 -33.36 -18.25 -11.65
C ASP E 278 -34.85 -18.54 -11.68
N GLY E 279 -35.35 -18.84 -12.86
CA GLY E 279 -36.77 -18.83 -13.08
C GLY E 279 -37.41 -17.46 -13.03
N ALA E 280 -36.60 -16.40 -12.98
CA ALA E 280 -36.99 -15.00 -12.89
C ALA E 280 -37.51 -14.63 -11.50
N LYS E 281 -37.57 -15.56 -10.53
CA LYS E 281 -38.07 -15.24 -9.20
C LYS E 281 -37.38 -15.96 -8.05
N GLY E 282 -36.44 -16.87 -8.31
CA GLY E 282 -35.78 -17.59 -7.24
C GLY E 282 -34.85 -16.71 -6.42
N ARG E 283 -34.69 -17.07 -5.16
CA ARG E 283 -34.07 -16.17 -4.20
C ARG E 283 -33.52 -16.92 -2.99
N LEU E 284 -33.29 -16.16 -1.91
CA LEU E 284 -32.27 -16.38 -0.86
C LEU E 284 -32.20 -17.74 -0.20
N SER E 285 -31.04 -18.01 0.40
CA SER E 285 -30.77 -19.19 1.23
C SER E 285 -30.57 -18.72 2.67
N SER E 286 -31.68 -18.63 3.40
CA SER E 286 -31.66 -18.20 4.80
C SER E 286 -32.86 -18.83 5.51
N GLY E 287 -32.71 -19.07 6.81
CA GLY E 287 -33.73 -19.79 7.55
C GLY E 287 -34.33 -19.03 8.71
N HIS E 288 -34.29 -19.65 9.90
CA HIS E 288 -34.87 -19.08 11.13
C HIS E 288 -36.36 -18.80 10.95
N LEU E 289 -37.12 -19.89 10.80
CA LEU E 289 -38.57 -19.84 10.71
C LEU E 289 -39.16 -20.41 11.99
N LYS E 290 -39.73 -19.56 12.83
CA LYS E 290 -40.38 -19.98 14.06
C LYS E 290 -41.80 -20.42 13.75
N CYS E 291 -42.11 -21.68 14.03
CA CYS E 291 -43.44 -22.23 13.77
C CYS E 291 -44.04 -22.80 15.05
N ARG E 292 -45.37 -22.82 15.08
CA ARG E 292 -46.14 -23.51 16.12
C ARG E 292 -47.25 -24.28 15.42
N LEU E 293 -47.19 -25.61 15.50
CA LEU E 293 -48.03 -26.47 14.68
C LEU E 293 -48.89 -27.37 15.56
N LYS E 294 -50.12 -27.60 15.12
CA LYS E 294 -51.08 -28.46 15.80
C LYS E 294 -51.39 -29.68 14.95
N MET E 295 -51.43 -30.84 15.57
CA MET E 295 -51.67 -32.11 14.90
C MET E 295 -52.96 -32.77 15.38
N ASP E 296 -53.97 -31.95 15.67
CA ASP E 296 -55.24 -32.50 16.14
C ASP E 296 -55.94 -33.31 15.06
N LYS E 297 -55.98 -32.79 13.83
CA LYS E 297 -56.62 -33.48 12.72
C LYS E 297 -55.68 -34.48 12.04
N LEU E 298 -54.54 -34.78 12.64
CA LEU E 298 -53.57 -35.71 12.07
C LEU E 298 -53.79 -37.09 12.69
N ARG E 299 -54.30 -38.03 11.89
CA ARG E 299 -54.60 -39.37 12.38
C ARG E 299 -53.58 -40.36 11.85
N LEU E 300 -53.50 -41.51 12.52
CA LEU E 300 -52.64 -42.59 12.08
C LEU E 300 -53.38 -43.45 11.05
N LYS E 301 -52.61 -44.05 10.15
CA LYS E 301 -53.15 -44.80 9.02
C LYS E 301 -52.75 -46.25 9.16
N GLY E 302 -53.74 -47.14 9.20
CA GLY E 302 -53.50 -48.56 9.33
C GLY E 302 -53.55 -49.10 10.73
N VAL E 303 -54.11 -48.34 11.69
CA VAL E 303 -54.23 -48.85 13.05
C VAL E 303 -55.09 -50.10 13.09
N SER E 304 -56.06 -50.21 12.19
CA SER E 304 -56.92 -51.37 12.08
C SER E 304 -56.25 -52.55 11.38
N TYR E 305 -55.01 -52.39 10.93
CA TYR E 305 -54.29 -53.53 10.34
C TYR E 305 -53.89 -54.52 11.42
N SER E 306 -53.78 -55.78 11.01
CA SER E 306 -53.21 -56.80 11.87
C SER E 306 -51.71 -56.94 11.60
N LEU E 307 -51.05 -57.76 12.40
CA LEU E 307 -49.61 -57.94 12.22
C LEU E 307 -49.32 -58.81 11.01
N CYS E 308 -48.20 -58.53 10.35
CA CYS E 308 -47.80 -59.30 9.19
C CYS E 308 -47.25 -60.65 9.62
N THR E 309 -47.66 -61.71 8.92
CA THR E 309 -47.38 -63.08 9.34
C THR E 309 -46.16 -63.71 8.66
N ALA E 310 -45.89 -63.36 7.41
CA ALA E 310 -44.81 -64.00 6.68
C ALA E 310 -43.45 -63.50 7.16
N ALA E 311 -42.39 -63.98 6.52
CA ALA E 311 -41.03 -63.67 6.91
C ALA E 311 -40.53 -62.41 6.23
N PHE E 312 -39.66 -61.69 6.93
CA PHE E 312 -38.95 -60.54 6.37
C PHE E 312 -37.52 -60.93 6.02
N THR E 313 -36.82 -60.02 5.36
CA THR E 313 -35.40 -60.17 5.09
C THR E 313 -34.81 -58.78 4.89
N PHE E 314 -33.65 -58.54 5.51
CA PHE E 314 -32.94 -57.30 5.27
C PHE E 314 -32.59 -57.18 3.79
N THR E 315 -32.88 -56.03 3.21
CA THR E 315 -32.21 -55.62 1.98
C THR E 315 -31.14 -54.57 2.24
N LYS E 316 -31.14 -53.97 3.43
CA LYS E 316 -30.02 -53.20 3.92
C LYS E 316 -29.78 -53.56 5.38
N ILE E 317 -28.51 -53.64 5.75
CA ILE E 317 -28.14 -53.93 7.14
C ILE E 317 -28.34 -52.68 7.97
N PRO E 318 -28.80 -52.78 9.24
CA PRO E 318 -28.95 -51.58 10.09
C PRO E 318 -27.74 -50.66 10.07
N ALA E 319 -27.97 -49.40 9.69
CA ALA E 319 -26.92 -48.40 9.54
C ALA E 319 -27.16 -47.25 10.51
N GLU E 320 -26.12 -46.90 11.26
CA GLU E 320 -26.22 -45.82 12.23
C GLU E 320 -26.10 -44.47 11.54
N THR E 321 -26.92 -43.51 11.96
CA THR E 321 -26.90 -42.17 11.42
C THR E 321 -25.98 -41.29 12.26
N LEU E 322 -25.97 -39.98 11.96
CA LEU E 322 -25.11 -39.06 12.71
C LEU E 322 -25.54 -38.95 14.17
N HIS E 323 -26.85 -39.06 14.44
CA HIS E 323 -27.41 -38.80 15.76
C HIS E 323 -27.70 -40.08 16.53
N GLY E 324 -27.14 -41.21 16.12
CA GLY E 324 -27.30 -42.45 16.85
C GLY E 324 -28.54 -43.24 16.50
N THR E 325 -29.45 -42.68 15.71
CA THR E 325 -30.57 -43.47 15.22
C THR E 325 -30.11 -44.45 14.15
N VAL E 326 -30.92 -45.48 13.92
CA VAL E 326 -30.54 -46.58 13.04
C VAL E 326 -31.63 -46.76 12.00
N THR E 327 -31.23 -46.82 10.73
CA THR E 327 -32.14 -47.03 9.62
C THR E 327 -32.10 -48.49 9.19
N VAL E 328 -33.27 -49.03 8.85
CA VAL E 328 -33.42 -50.44 8.50
C VAL E 328 -34.35 -50.55 7.31
N GLU E 329 -33.98 -51.38 6.33
CA GLU E 329 -34.82 -51.72 5.18
C GLU E 329 -35.05 -53.22 5.15
N VAL E 330 -36.29 -53.63 4.89
CA VAL E 330 -36.63 -55.05 4.81
C VAL E 330 -37.58 -55.29 3.64
N GLN E 331 -37.46 -56.48 3.07
CA GLN E 331 -38.44 -57.01 2.12
C GLN E 331 -39.35 -57.99 2.85
N TYR E 332 -40.58 -58.10 2.37
CA TYR E 332 -41.61 -58.91 3.01
C TYR E 332 -42.16 -59.90 1.99
N ALA E 333 -42.11 -61.19 2.29
CA ALA E 333 -42.48 -62.23 1.35
C ALA E 333 -43.91 -62.71 1.51
N GLY E 334 -44.83 -61.82 1.91
CA GLY E 334 -46.19 -62.24 2.17
C GLY E 334 -47.25 -61.54 1.34
N THR E 335 -48.43 -62.16 1.28
CA THR E 335 -49.62 -61.57 0.69
C THR E 335 -50.51 -60.92 1.75
N ASP E 336 -50.18 -61.09 3.02
CA ASP E 336 -50.97 -60.55 4.12
C ASP E 336 -51.23 -59.05 3.97
N GLY E 337 -50.33 -58.34 3.29
CA GLY E 337 -50.42 -56.90 3.17
C GLY E 337 -51.72 -56.42 2.55
N PRO E 338 -52.16 -55.21 2.92
CA PRO E 338 -51.48 -54.31 3.87
C PRO E 338 -51.63 -54.76 5.33
N CYS E 339 -50.57 -54.62 6.11
CA CYS E 339 -50.56 -55.11 7.49
C CYS E 339 -49.56 -54.31 8.29
N LYS E 340 -49.55 -54.57 9.60
CA LYS E 340 -48.62 -53.90 10.52
C LYS E 340 -47.33 -54.68 10.64
N VAL E 341 -46.21 -53.99 10.55
CA VAL E 341 -44.89 -54.61 10.67
C VAL E 341 -44.55 -54.72 12.15
N PRO E 342 -44.26 -55.92 12.67
CA PRO E 342 -43.82 -56.06 14.06
C PRO E 342 -42.36 -55.66 14.21
N ALA E 343 -42.12 -54.51 14.81
CA ALA E 343 -40.78 -53.99 15.02
C ALA E 343 -40.60 -53.66 16.50
N GLN E 344 -39.41 -53.96 17.03
CA GLN E 344 -39.16 -53.77 18.44
C GLN E 344 -37.67 -53.90 18.70
N MET E 345 -37.22 -53.29 19.79
CA MET E 345 -35.88 -53.48 20.31
C MET E 345 -35.97 -54.06 21.72
N ALA E 346 -34.99 -54.90 22.06
CA ALA E 346 -35.02 -55.60 23.33
C ALA E 346 -33.65 -56.14 23.67
N VAL E 347 -33.19 -55.84 24.89
CA VAL E 347 -32.11 -56.63 25.50
C VAL E 347 -32.62 -57.98 25.98
N ASP E 348 -33.94 -58.14 26.06
CA ASP E 348 -34.56 -59.28 26.73
C ASP E 348 -34.44 -60.56 25.90
N MET E 349 -35.05 -60.56 24.72
CA MET E 349 -35.19 -61.71 23.81
C MET E 349 -36.20 -62.72 24.36
N GLN E 350 -36.60 -62.57 25.62
CA GLN E 350 -37.71 -63.34 26.19
C GLN E 350 -38.14 -62.75 27.52
N THR E 351 -39.38 -62.26 27.64
CA THR E 351 -40.35 -62.10 26.57
C THR E 351 -41.27 -60.93 26.94
N LEU E 352 -41.20 -59.81 26.23
CA LEU E 352 -40.22 -59.52 25.19
C LEU E 352 -39.84 -58.04 25.32
N THR E 353 -39.52 -57.63 26.56
CA THR E 353 -39.50 -56.25 27.06
C THR E 353 -38.94 -55.24 26.09
N PRO E 354 -39.72 -54.22 25.69
CA PRO E 354 -39.18 -53.15 24.86
C PRO E 354 -38.39 -52.14 25.67
N VAL E 355 -37.33 -51.61 25.08
CA VAL E 355 -36.42 -50.73 25.81
C VAL E 355 -36.42 -49.34 25.18
N GLY E 356 -36.09 -49.25 23.89
CA GLY E 356 -35.93 -48.00 23.22
C GLY E 356 -37.19 -47.50 22.54
N ARG E 357 -37.02 -46.59 21.59
CA ARG E 357 -38.11 -45.94 20.88
C ARG E 357 -38.07 -46.27 19.39
N LEU E 358 -39.22 -46.10 18.76
CA LEU E 358 -39.36 -46.21 17.31
C LEU E 358 -39.62 -44.83 16.74
N ILE E 359 -38.77 -44.39 15.81
CA ILE E 359 -39.00 -43.13 15.12
C ILE E 359 -40.13 -43.29 14.11
N THR E 360 -40.05 -44.32 13.28
CA THR E 360 -41.11 -44.66 12.32
C THR E 360 -42.26 -45.31 13.09
N ALA E 361 -43.05 -44.47 13.75
CA ALA E 361 -44.16 -44.96 14.56
C ALA E 361 -45.22 -45.60 13.67
N ASN E 362 -45.80 -46.70 14.16
CA ASN E 362 -46.79 -47.50 13.45
C ASN E 362 -46.26 -47.89 12.07
N PRO E 363 -45.28 -48.79 12.00
CA PRO E 363 -44.79 -49.23 10.69
C PRO E 363 -45.78 -50.18 10.01
N VAL E 364 -46.00 -49.94 8.72
CA VAL E 364 -46.92 -50.75 7.93
C VAL E 364 -46.32 -50.98 6.55
N ILE E 365 -46.91 -51.95 5.83
CA ILE E 365 -46.68 -52.11 4.40
C ILE E 365 -47.98 -51.79 3.68
N THR E 366 -47.85 -51.37 2.42
CA THR E 366 -49.00 -51.01 1.61
C THR E 366 -49.27 -51.99 0.48
N GLU E 367 -48.23 -52.37 -0.27
CA GLU E 367 -48.41 -53.30 -1.36
C GLU E 367 -48.73 -54.68 -0.84
N SER E 368 -49.62 -55.39 -1.53
CA SER E 368 -50.10 -56.68 -1.04
C SER E 368 -49.19 -57.82 -1.49
N THR E 369 -49.02 -58.00 -2.80
CA THR E 369 -48.40 -59.18 -3.36
C THR E 369 -47.24 -58.80 -4.27
N GLU E 370 -46.07 -59.39 -4.02
CA GLU E 370 -45.82 -60.16 -2.80
C GLU E 370 -44.60 -59.63 -2.02
N ASN E 371 -43.48 -59.40 -2.72
CA ASN E 371 -42.19 -59.12 -2.07
C ASN E 371 -41.94 -57.61 -2.01
N SER E 372 -42.77 -56.94 -1.23
CA SER E 372 -42.67 -55.49 -1.08
C SER E 372 -41.45 -55.12 -0.24
N LYS E 373 -40.98 -53.89 -0.43
CA LYS E 373 -39.91 -53.32 0.36
C LYS E 373 -40.47 -52.27 1.31
N MET E 374 -39.79 -52.11 2.45
CA MET E 374 -40.21 -51.14 3.46
C MET E 374 -39.01 -50.86 4.35
N MET E 375 -38.80 -49.58 4.66
CA MET E 375 -37.62 -49.15 5.40
C MET E 375 -38.03 -48.33 6.62
N LEU E 376 -37.31 -48.52 7.72
CA LEU E 376 -37.75 -48.10 9.04
C LEU E 376 -36.56 -47.61 9.85
N GLU E 377 -36.82 -46.72 10.81
CA GLU E 377 -35.80 -46.10 11.63
C GLU E 377 -36.13 -46.26 13.10
N LEU E 378 -35.11 -46.56 13.91
CA LEU E 378 -35.27 -46.80 15.33
C LEU E 378 -34.29 -45.94 16.12
N ASP E 379 -34.61 -45.75 17.41
CA ASP E 379 -33.76 -45.01 18.34
C ASP E 379 -33.43 -45.93 19.50
N PRO E 380 -32.36 -46.72 19.39
CA PRO E 380 -32.02 -47.69 20.44
C PRO E 380 -31.47 -47.02 21.68
N PRO E 381 -31.42 -47.72 22.81
CA PRO E 381 -30.86 -47.13 24.03
C PRO E 381 -29.35 -47.20 24.05
N PHE E 382 -28.76 -46.38 24.92
CA PHE E 382 -27.32 -46.39 25.13
C PHE E 382 -26.91 -47.72 25.75
N GLY E 383 -25.98 -48.42 25.10
CA GLY E 383 -25.57 -49.73 25.52
C GLY E 383 -25.80 -50.78 24.45
N ASP E 384 -26.35 -51.93 24.82
CA ASP E 384 -26.64 -53.00 23.88
C ASP E 384 -28.15 -53.19 23.77
N SER E 385 -28.55 -53.83 22.67
CA SER E 385 -29.95 -54.11 22.37
C SER E 385 -30.00 -54.95 21.10
N TYR E 386 -31.15 -55.57 20.88
CA TYR E 386 -31.39 -56.36 19.67
C TYR E 386 -32.50 -55.74 18.86
N ILE E 387 -32.33 -55.72 17.53
CA ILE E 387 -33.34 -55.25 16.61
C ILE E 387 -34.21 -56.45 16.20
N VAL E 388 -35.51 -56.37 16.44
CA VAL E 388 -36.41 -57.49 16.25
C VAL E 388 -37.51 -57.08 15.27
N ILE E 389 -37.50 -57.69 14.09
CA ILE E 389 -38.54 -57.49 13.08
C ILE E 389 -39.18 -58.84 12.81
N GLY E 390 -40.50 -58.91 12.96
CA GLY E 390 -41.25 -60.14 12.75
C GLY E 390 -41.75 -60.70 14.06
N VAL E 391 -42.47 -61.82 13.94
CA VAL E 391 -43.05 -62.51 15.08
C VAL E 391 -42.84 -64.01 14.93
N GLY E 392 -42.46 -64.65 16.03
CA GLY E 392 -42.38 -66.11 16.05
C GLY E 392 -41.28 -66.64 15.14
N GLU E 393 -41.59 -67.75 14.47
CA GLU E 393 -40.63 -68.36 13.58
C GLU E 393 -40.38 -67.48 12.36
N LYS E 394 -39.24 -67.70 11.70
CA LYS E 394 -38.79 -66.89 10.57
C LYS E 394 -38.65 -65.42 10.96
N LYS E 395 -38.40 -65.16 12.24
CA LYS E 395 -38.19 -63.81 12.74
C LYS E 395 -36.87 -63.26 12.20
N ILE E 396 -36.61 -61.99 12.50
CA ILE E 396 -35.34 -61.34 12.19
C ILE E 396 -34.77 -60.78 13.48
N THR E 397 -33.55 -61.17 13.80
CA THR E 397 -32.83 -60.68 14.98
C THR E 397 -31.49 -60.11 14.55
N HIS E 398 -31.17 -58.92 15.08
CA HIS E 398 -29.91 -58.25 14.76
C HIS E 398 -29.42 -57.54 16.02
N HIS E 399 -28.20 -57.86 16.44
CA HIS E 399 -27.61 -57.23 17.60
C HIS E 399 -27.13 -55.83 17.26
N TRP E 400 -27.18 -54.93 18.24
CA TRP E 400 -26.75 -53.56 18.04
C TRP E 400 -25.97 -53.07 19.24
N HIS E 401 -25.06 -52.12 18.99
CA HIS E 401 -24.32 -51.43 20.04
C HIS E 401 -24.20 -49.97 19.61
N ARG E 402 -25.00 -49.10 20.23
CA ARG E 402 -24.92 -47.67 19.98
C ARG E 402 -23.94 -47.04 20.97
N SER E 403 -22.99 -46.28 20.44
CA SER E 403 -21.96 -45.62 21.25
C SER E 403 -21.17 -46.63 22.08
N SER F 2 -11.60 32.53 -36.49
CA SER F 2 -12.57 31.52 -36.92
C SER F 2 -13.22 31.91 -38.23
N VAL F 3 -12.96 31.12 -39.28
CA VAL F 3 -13.49 31.37 -40.61
C VAL F 3 -14.04 30.06 -41.17
N LEU F 4 -15.30 30.11 -41.62
CA LEU F 4 -15.91 29.01 -42.36
C LEU F 4 -15.92 29.36 -43.84
N THR F 5 -15.38 28.47 -44.66
CA THR F 5 -15.23 28.71 -46.09
C THR F 5 -16.07 27.70 -46.86
N GLN F 6 -16.95 28.22 -47.70
CA GLN F 6 -17.75 27.43 -48.62
C GLN F 6 -17.57 27.97 -50.04
N PRO F 7 -17.71 27.12 -51.04
CA PRO F 7 -17.70 27.61 -52.43
C PRO F 7 -18.95 28.45 -52.69
N PRO F 8 -18.81 29.55 -53.44
CA PRO F 8 -19.98 30.41 -53.67
C PRO F 8 -21.14 29.69 -54.34
N SER F 9 -20.87 28.79 -55.29
CA SER F 9 -21.95 28.15 -56.04
C SER F 9 -21.52 26.78 -56.51
N LEU F 10 -22.50 25.89 -56.62
CA LEU F 10 -22.31 24.54 -57.14
C LEU F 10 -23.54 24.14 -57.93
N SER F 11 -23.39 23.12 -58.77
CA SER F 11 -24.48 22.70 -59.63
C SER F 11 -24.38 21.21 -59.92
N ALA F 12 -25.53 20.61 -60.23
CA ALA F 12 -25.62 19.19 -60.55
C ALA F 12 -27.00 18.92 -61.14
N SER F 13 -27.16 17.71 -61.68
CA SER F 13 -28.39 17.25 -62.31
C SER F 13 -29.19 16.39 -61.34
N PRO F 14 -30.50 16.22 -61.59
CA PRO F 14 -31.29 15.34 -60.72
C PRO F 14 -30.76 13.91 -60.72
N GLY F 15 -31.00 13.22 -59.60
CA GLY F 15 -30.45 11.90 -59.39
C GLY F 15 -29.01 11.88 -58.91
N ALA F 16 -28.40 13.03 -58.67
CA ALA F 16 -27.00 13.10 -58.31
C ALA F 16 -26.81 12.98 -56.80
N SER F 17 -25.59 12.61 -56.42
CA SER F 17 -25.18 12.64 -55.02
C SER F 17 -24.48 13.98 -54.80
N ALA F 18 -25.21 14.95 -54.26
CA ALA F 18 -24.65 16.28 -54.03
C ALA F 18 -23.65 16.24 -52.89
N ARG F 19 -22.61 17.07 -53.00
CA ARG F 19 -21.52 17.09 -52.02
C ARG F 19 -21.09 18.54 -51.84
N LEU F 20 -21.44 19.13 -50.70
CA LEU F 20 -21.19 20.55 -50.45
C LEU F 20 -20.18 20.70 -49.31
N PRO F 21 -18.99 21.23 -49.58
CA PRO F 21 -17.95 21.32 -48.54
C PRO F 21 -18.05 22.59 -47.71
N CYS F 22 -17.39 22.53 -46.56
CA CYS F 22 -17.33 23.67 -45.64
C CYS F 22 -16.01 23.56 -44.88
N THR F 23 -15.02 24.32 -45.34
CA THR F 23 -13.68 24.23 -44.75
C THR F 23 -13.62 24.98 -43.43
N LEU F 24 -13.16 24.29 -42.40
CA LEU F 24 -12.89 24.90 -41.11
C LEU F 24 -11.46 25.39 -41.07
N SER F 25 -11.27 26.64 -40.66
CA SER F 25 -9.92 27.14 -40.42
C SER F 25 -9.28 26.34 -39.29
N SER F 26 -7.94 26.35 -39.28
CA SER F 26 -7.20 25.62 -38.25
C SER F 26 -7.50 26.11 -36.84
N ASP F 27 -8.22 27.23 -36.71
CA ASP F 27 -8.71 27.69 -35.42
C ASP F 27 -9.39 26.56 -34.66
N LEU F 28 -10.34 25.90 -35.30
CA LEU F 28 -11.05 24.76 -34.74
C LEU F 28 -10.65 23.50 -35.49
N ASN F 29 -11.15 22.36 -35.00
CA ASN F 29 -10.94 21.07 -35.64
C ASN F 29 -12.28 20.43 -35.93
N VAL F 30 -12.48 20.03 -37.19
CA VAL F 30 -13.81 19.61 -37.65
C VAL F 30 -14.31 18.41 -36.86
N GLY F 31 -13.40 17.52 -36.44
CA GLY F 31 -13.82 16.31 -35.76
C GLY F 31 -14.55 16.56 -34.45
N THR F 32 -14.28 17.70 -33.81
CA THR F 32 -14.84 18.01 -32.52
C THR F 32 -15.99 19.01 -32.57
N LYS F 33 -16.48 19.32 -33.77
CA LYS F 33 -17.46 20.38 -33.97
C LYS F 33 -18.84 19.82 -34.22
N ASN F 34 -19.84 20.50 -33.67
CA ASN F 34 -21.22 20.31 -34.10
C ASN F 34 -21.48 21.11 -35.37
N MET F 35 -22.02 20.45 -36.39
CA MET F 35 -22.26 21.07 -37.69
C MET F 35 -23.75 21.28 -37.89
N TYR F 36 -24.15 22.52 -38.14
CA TYR F 36 -25.55 22.87 -38.36
C TYR F 36 -25.67 23.47 -39.77
N TRP F 37 -26.40 22.77 -40.63
CA TRP F 37 -26.63 23.23 -41.99
C TRP F 37 -28.03 23.83 -42.09
N TYR F 38 -28.13 24.96 -42.78
CA TYR F 38 -29.38 25.68 -42.94
C TYR F 38 -29.69 25.85 -44.42
N GLN F 39 -30.92 25.54 -44.81
CA GLN F 39 -31.38 25.68 -46.18
C GLN F 39 -32.26 26.90 -46.32
N GLN F 40 -31.99 27.73 -47.33
CA GLN F 40 -32.78 28.91 -47.59
C GLN F 40 -33.07 29.00 -49.09
N LYS F 41 -34.34 28.91 -49.45
CA LYS F 41 -34.82 29.07 -50.81
C LYS F 41 -35.28 30.50 -51.04
N PRO F 42 -35.15 31.02 -52.26
CA PRO F 42 -35.45 32.44 -52.51
C PRO F 42 -36.87 32.81 -52.07
N GLY F 43 -36.96 33.91 -51.32
CA GLY F 43 -38.23 34.39 -50.83
C GLY F 43 -38.68 33.79 -49.52
N SER F 44 -37.84 33.00 -48.86
CA SER F 44 -38.19 32.33 -47.61
C SER F 44 -37.05 32.49 -46.61
N ALA F 45 -37.37 32.19 -45.36
CA ALA F 45 -36.38 32.23 -44.28
C ALA F 45 -35.55 30.95 -44.28
N PRO F 46 -34.37 30.98 -43.65
CA PRO F 46 -33.60 29.75 -43.49
C PRO F 46 -34.32 28.76 -42.57
N ARG F 47 -34.09 27.49 -42.84
CA ARG F 47 -34.61 26.40 -42.01
C ARG F 47 -33.49 25.44 -41.67
N LEU F 48 -33.51 24.91 -40.45
CA LEU F 48 -32.47 23.98 -40.00
C LEU F 48 -32.53 22.70 -40.82
N PHE F 49 -31.46 22.41 -41.55
CA PHE F 49 -31.46 21.32 -42.52
C PHE F 49 -30.86 20.04 -41.93
N LEU F 50 -29.73 20.16 -41.24
CA LEU F 50 -29.07 18.99 -40.68
C LEU F 50 -28.19 19.39 -39.51
N TYR F 51 -28.30 18.64 -38.41
CA TYR F 51 -27.32 18.67 -37.34
C TYR F 51 -26.43 17.44 -37.47
N TYR F 52 -25.13 17.64 -37.42
CA TYR F 52 -24.20 16.53 -37.63
C TYR F 52 -22.96 16.70 -36.77
N TYR F 53 -22.74 15.75 -35.88
CA TYR F 53 -21.46 15.56 -35.22
C TYR F 53 -20.72 14.34 -35.71
N SER F 54 -21.45 13.26 -35.98
CA SER F 54 -20.90 12.04 -36.56
C SER F 54 -22.06 11.25 -37.14
N ASP F 55 -21.74 10.09 -37.73
CA ASP F 55 -22.79 9.21 -38.23
C ASP F 55 -23.65 8.64 -37.11
N SER F 56 -23.15 8.64 -35.88
CA SER F 56 -23.88 8.17 -34.71
C SER F 56 -24.49 9.30 -33.89
N ASP F 57 -24.25 10.55 -34.29
CA ASP F 57 -24.78 11.72 -33.58
C ASP F 57 -25.24 12.71 -34.65
N LYS F 58 -26.52 12.62 -35.01
CA LYS F 58 -27.06 13.40 -36.11
C LYS F 58 -28.57 13.52 -35.92
N GLN F 59 -29.15 14.46 -36.68
CA GLN F 59 -30.60 14.59 -36.76
C GLN F 59 -31.00 15.41 -37.98
N LEU F 60 -31.89 14.87 -38.81
CA LEU F 60 -32.38 15.62 -39.96
C LEU F 60 -33.43 16.63 -39.52
N GLY F 61 -33.52 17.73 -40.26
CA GLY F 61 -34.50 18.75 -40.00
C GLY F 61 -35.91 18.25 -40.20
N PRO F 62 -36.89 18.95 -39.64
CA PRO F 62 -38.29 18.58 -39.87
C PRO F 62 -38.65 18.64 -41.34
N GLY F 63 -39.14 17.52 -41.86
CA GLY F 63 -39.51 17.42 -43.26
C GLY F 63 -38.36 17.25 -44.22
N VAL F 64 -37.17 16.92 -43.72
CA VAL F 64 -35.98 16.74 -44.56
C VAL F 64 -35.83 15.25 -44.86
N PRO F 65 -35.75 14.85 -46.12
CA PRO F 65 -35.80 13.42 -46.45
C PRO F 65 -34.56 12.67 -45.97
N ASN F 66 -34.64 11.34 -46.11
CA ASN F 66 -33.52 10.48 -45.74
C ASN F 66 -32.30 10.69 -46.64
N ARG F 67 -32.50 11.22 -47.84
CA ARG F 67 -31.39 11.38 -48.79
C ARG F 67 -30.34 12.36 -48.29
N VAL F 68 -30.65 13.16 -47.29
CA VAL F 68 -29.72 14.15 -46.77
C VAL F 68 -28.83 13.50 -45.72
N SER F 69 -27.51 13.70 -45.84
CA SER F 69 -26.57 13.12 -44.91
C SER F 69 -25.41 14.10 -44.71
N GLY F 70 -24.52 13.75 -43.77
CA GLY F 70 -23.35 14.55 -43.51
C GLY F 70 -22.13 13.68 -43.27
N SER F 71 -20.98 14.33 -43.22
CA SER F 71 -19.71 13.65 -43.00
C SER F 71 -18.66 14.69 -42.66
N LYS F 72 -17.46 14.19 -42.33
CA LYS F 72 -16.31 15.03 -42.04
C LYS F 72 -15.06 14.35 -42.59
N GLU F 73 -14.01 15.15 -42.78
CA GLU F 73 -12.67 14.64 -43.04
C GLU F 73 -11.68 15.50 -42.29
N THR F 74 -10.93 14.88 -41.38
CA THR F 74 -10.03 15.62 -40.50
C THR F 74 -8.79 16.11 -41.24
N SER F 75 -8.34 15.38 -42.26
CA SER F 75 -7.12 15.76 -42.98
C SER F 75 -7.22 17.16 -43.56
N SER F 76 -8.36 17.48 -44.18
CA SER F 76 -8.59 18.79 -44.76
C SER F 76 -9.40 19.71 -43.86
N ASN F 77 -9.76 19.25 -42.66
CA ASN F 77 -10.57 20.04 -41.72
C ASN F 77 -11.86 20.52 -42.36
N THR F 78 -12.53 19.61 -43.07
CA THR F 78 -13.70 19.93 -43.87
C THR F 78 -14.92 19.16 -43.38
N ALA F 79 -16.07 19.81 -43.46
CA ALA F 79 -17.37 19.18 -43.25
C ALA F 79 -18.10 19.11 -44.59
N PHE F 80 -19.00 18.14 -44.72
CA PHE F 80 -19.70 17.91 -45.97
C PHE F 80 -21.19 17.74 -45.73
N LEU F 81 -21.98 18.33 -46.64
CA LEU F 81 -23.41 18.07 -46.73
C LEU F 81 -23.67 17.22 -47.96
N LEU F 82 -24.39 16.12 -47.78
CA LEU F 82 -24.61 15.15 -48.85
C LEU F 82 -26.10 15.00 -49.12
N ILE F 83 -26.47 15.02 -50.40
CA ILE F 83 -27.86 14.88 -50.83
C ILE F 83 -27.89 13.80 -51.91
N SER F 84 -28.30 12.60 -51.54
CA SER F 84 -28.45 11.53 -52.52
C SER F 84 -29.65 11.79 -53.40
N GLY F 85 -29.57 11.30 -54.64
CA GLY F 85 -30.68 11.40 -55.58
C GLY F 85 -31.26 12.79 -55.68
N LEU F 86 -30.51 13.71 -56.27
CA LEU F 86 -30.91 15.11 -56.31
C LEU F 86 -32.27 15.28 -56.98
N GLN F 87 -32.99 16.33 -56.57
CA GLN F 87 -34.29 16.68 -57.08
C GLN F 87 -34.37 18.19 -57.21
N PRO F 88 -35.23 18.69 -58.11
CA PRO F 88 -35.33 20.15 -58.28
C PRO F 88 -35.62 20.90 -56.98
N GLU F 89 -36.44 20.33 -56.09
CA GLU F 89 -36.77 21.03 -54.85
C GLU F 89 -35.56 21.26 -53.96
N ASP F 90 -34.50 20.46 -54.13
CA ASP F 90 -33.29 20.63 -53.32
C ASP F 90 -32.45 21.83 -53.74
N GLU F 91 -32.76 22.46 -54.88
CA GLU F 91 -32.04 23.65 -55.31
C GLU F 91 -32.33 24.79 -54.35
N ALA F 92 -31.30 25.23 -53.62
CA ALA F 92 -31.46 26.29 -52.62
C ALA F 92 -30.08 26.80 -52.24
N ASP F 93 -30.06 27.73 -51.29
CA ASP F 93 -28.83 28.18 -50.66
C ASP F 93 -28.60 27.40 -49.36
N TYR F 94 -27.35 27.03 -49.11
CA TYR F 94 -27.01 26.22 -47.97
C TYR F 94 -25.83 26.83 -47.22
N TYR F 95 -25.97 26.95 -45.90
CA TYR F 95 -24.97 27.58 -45.05
C TYR F 95 -24.56 26.61 -43.95
N CYS F 96 -23.26 26.40 -43.78
CA CYS F 96 -22.79 25.69 -42.61
C CYS F 96 -22.64 26.67 -41.45
N GLN F 97 -22.66 26.12 -40.24
CA GLN F 97 -22.61 26.96 -39.05
C GLN F 97 -22.05 26.17 -37.89
N VAL F 98 -21.29 26.85 -37.04
CA VAL F 98 -20.69 26.26 -35.85
C VAL F 98 -20.90 27.20 -34.68
N TYR F 99 -20.87 26.61 -33.48
CA TYR F 99 -20.88 27.36 -32.22
C TYR F 99 -19.46 27.39 -31.67
N ASP F 100 -19.04 28.54 -31.16
CA ASP F 100 -17.73 28.64 -30.52
C ASP F 100 -17.78 29.70 -29.44
N ASN F 101 -18.10 29.27 -28.22
CA ASN F 101 -17.99 30.09 -27.00
C ASN F 101 -18.62 31.48 -27.20
N SER F 102 -19.94 31.46 -27.36
CA SER F 102 -20.82 32.61 -27.56
C SER F 102 -20.78 33.14 -28.99
N ALA F 103 -19.95 32.57 -29.86
CA ALA F 103 -19.86 33.01 -31.25
C ALA F 103 -20.54 31.99 -32.14
N ARG F 104 -21.50 32.46 -32.94
CA ARG F 104 -22.15 31.65 -33.96
C ARG F 104 -21.56 32.07 -35.31
N VAL F 105 -20.81 31.18 -35.93
CA VAL F 105 -20.07 31.50 -37.15
C VAL F 105 -20.77 30.81 -38.32
N PHE F 106 -21.20 31.61 -39.30
CA PHE F 106 -21.80 31.10 -40.52
C PHE F 106 -20.76 31.08 -41.64
N GLY F 107 -20.89 30.08 -42.52
CA GLY F 107 -20.09 30.05 -43.71
C GLY F 107 -20.60 31.04 -44.75
N GLY F 108 -19.80 31.21 -45.81
CA GLY F 108 -20.21 32.11 -46.88
C GLY F 108 -21.51 31.71 -47.53
N GLY F 109 -21.78 30.41 -47.62
CA GLY F 109 -23.01 29.92 -48.21
C GLY F 109 -22.80 29.41 -49.61
N THR F 110 -23.25 28.19 -49.88
CA THR F 110 -23.18 27.60 -51.20
C THR F 110 -24.56 27.68 -51.86
N ARG F 111 -24.60 28.20 -53.08
CA ARG F 111 -25.84 28.25 -53.86
C ARG F 111 -25.87 27.02 -54.75
N LEU F 112 -26.68 26.04 -54.37
CA LEU F 112 -26.80 24.79 -55.13
C LEU F 112 -27.82 24.97 -56.23
N THR F 113 -27.46 24.52 -57.44
CA THR F 113 -28.32 24.65 -58.62
C THR F 113 -28.57 23.26 -59.17
N VAL F 114 -29.81 22.80 -59.13
CA VAL F 114 -30.21 21.60 -59.86
C VAL F 114 -30.45 22.00 -61.31
N LEU F 115 -29.69 21.38 -62.22
CA LEU F 115 -29.78 21.73 -63.63
C LEU F 115 -31.05 21.16 -64.24
N GLY F 116 -31.73 21.97 -65.03
CA GLY F 116 -32.89 21.52 -65.78
C GLY F 116 -32.95 22.17 -67.14
N GLN F 117 -31.84 22.78 -67.53
CA GLN F 117 -31.74 23.65 -68.70
C GLN F 117 -30.28 23.72 -69.13
N PRO F 118 -29.87 22.91 -70.11
CA PRO F 118 -28.44 22.62 -70.32
C PRO F 118 -27.54 23.85 -70.27
N LYS F 119 -26.30 23.63 -69.84
CA LYS F 119 -25.34 24.69 -69.55
C LYS F 119 -25.25 25.71 -70.68
N ALA F 120 -25.33 26.99 -70.31
CA ALA F 120 -25.32 28.09 -71.26
C ALA F 120 -24.24 29.11 -70.86
N ALA F 121 -23.51 29.60 -71.87
CA ALA F 121 -22.42 30.54 -71.64
C ALA F 121 -22.96 31.96 -71.49
N PRO F 122 -22.28 32.80 -70.72
CA PRO F 122 -22.77 34.17 -70.49
C PRO F 122 -22.51 35.08 -71.68
N SER F 123 -23.47 35.98 -71.91
CA SER F 123 -23.42 36.95 -73.02
C SER F 123 -23.20 38.33 -72.45
N VAL F 124 -22.07 38.96 -72.81
CA VAL F 124 -21.60 40.18 -72.17
C VAL F 124 -21.51 41.30 -73.20
N THR F 125 -21.77 42.52 -72.74
CA THR F 125 -21.50 43.73 -73.51
C THR F 125 -21.11 44.83 -72.53
N LEU F 126 -20.07 45.58 -72.88
CA LEU F 126 -19.45 46.56 -71.99
C LEU F 126 -19.55 47.95 -72.59
N PHE F 127 -19.90 48.94 -71.76
CA PHE F 127 -20.19 50.27 -72.26
C PHE F 127 -19.21 51.28 -71.71
N PRO F 128 -18.81 52.25 -72.52
CA PRO F 128 -17.94 53.34 -72.06
C PRO F 128 -18.75 54.51 -71.56
N PRO F 129 -18.09 55.59 -71.12
CA PRO F 129 -18.81 56.83 -70.83
C PRO F 129 -19.22 57.54 -72.12
N SER F 130 -20.42 58.10 -72.10
CA SER F 130 -20.95 58.86 -73.23
C SER F 130 -20.36 60.27 -73.20
N SER F 131 -20.93 61.17 -74.01
CA SER F 131 -20.48 62.55 -74.04
C SER F 131 -21.18 63.43 -73.02
N GLU F 132 -22.45 63.13 -72.70
CA GLU F 132 -23.21 64.00 -71.80
C GLU F 132 -22.65 63.97 -70.38
N GLU F 133 -22.22 62.80 -69.91
CA GLU F 133 -21.69 62.67 -68.55
C GLU F 133 -20.24 63.11 -68.47
N LEU F 134 -19.45 62.87 -69.51
CA LEU F 134 -18.08 63.40 -69.54
C LEU F 134 -18.10 64.92 -69.43
N GLN F 135 -19.06 65.57 -70.08
CA GLN F 135 -19.42 66.93 -69.70
C GLN F 135 -19.98 66.90 -68.29
N ALA F 136 -19.48 67.79 -67.43
CA ALA F 136 -19.69 67.82 -65.98
C ALA F 136 -18.83 66.79 -65.25
N ASN F 137 -17.79 66.27 -65.91
CA ASN F 137 -16.60 65.66 -65.29
C ASN F 137 -16.75 64.23 -64.79
N LYS F 138 -17.83 63.52 -65.11
CA LYS F 138 -17.99 62.14 -64.66
C LYS F 138 -17.87 61.17 -65.83
N ALA F 139 -17.52 59.93 -65.51
CA ALA F 139 -17.30 58.92 -66.54
C ALA F 139 -17.46 57.55 -65.89
N THR F 140 -18.57 56.87 -66.19
CA THR F 140 -18.89 55.58 -65.59
C THR F 140 -19.12 54.55 -66.67
N LEU F 141 -18.41 53.43 -66.59
CA LEU F 141 -18.52 52.33 -67.54
C LEU F 141 -19.42 51.25 -66.94
N VAL F 142 -20.36 50.74 -67.73
CA VAL F 142 -21.28 49.71 -67.29
C VAL F 142 -21.01 48.43 -68.08
N CYS F 143 -20.94 47.31 -67.37
CA CYS F 143 -20.78 46.00 -67.96
C CYS F 143 -22.03 45.20 -67.64
N LEU F 144 -22.68 44.68 -68.68
CA LEU F 144 -23.96 43.98 -68.53
C LEU F 144 -23.81 42.56 -69.03
N ILE F 145 -24.31 41.61 -68.24
CA ILE F 145 -24.17 40.19 -68.54
C ILE F 145 -25.55 39.55 -68.47
N SER F 146 -25.85 38.69 -69.44
CA SER F 146 -27.18 38.11 -69.54
C SER F 146 -27.11 36.73 -70.16
N ASP F 147 -28.19 35.97 -69.97
CA ASP F 147 -28.37 34.64 -70.57
C ASP F 147 -27.23 33.71 -70.20
N PHE F 148 -27.04 33.49 -68.91
CA PHE F 148 -26.08 32.51 -68.45
C PHE F 148 -26.73 31.55 -67.46
N TYR F 149 -26.40 30.27 -67.60
CA TYR F 149 -26.80 29.23 -66.68
C TYR F 149 -25.93 29.38 -65.44
N PRO F 150 -25.93 28.44 -64.47
CA PRO F 150 -26.26 28.78 -63.09
C PRO F 150 -25.79 30.15 -62.60
N GLY F 151 -26.67 30.80 -61.86
CA GLY F 151 -26.57 32.22 -61.61
C GLY F 151 -25.44 32.60 -60.68
N ALA F 152 -24.22 32.46 -61.17
CA ALA F 152 -23.03 32.86 -60.42
C ALA F 152 -21.92 33.19 -61.41
N VAL F 153 -21.56 34.46 -61.48
CA VAL F 153 -20.49 34.93 -62.35
C VAL F 153 -19.61 35.89 -61.56
N GLU F 154 -18.30 35.77 -61.73
CA GLU F 154 -17.34 36.69 -61.14
C GLU F 154 -16.87 37.68 -62.20
N VAL F 155 -16.88 38.96 -61.86
CA VAL F 155 -16.49 40.03 -62.77
C VAL F 155 -15.20 40.65 -62.27
N ALA F 156 -14.27 40.89 -63.19
CA ALA F 156 -12.99 41.50 -62.87
C ALA F 156 -12.77 42.68 -63.80
N TRP F 157 -12.41 43.83 -63.24
CA TRP F 157 -12.19 45.05 -64.00
C TRP F 157 -10.70 45.28 -64.19
N LYS F 158 -10.33 45.75 -65.40
CA LYS F 158 -8.95 45.97 -65.73
C LYS F 158 -8.80 47.25 -66.55
N ALA F 159 -7.62 47.84 -66.46
CA ALA F 159 -7.30 49.08 -67.18
C ALA F 159 -5.79 49.09 -67.43
N ASP F 160 -5.39 49.03 -68.70
CA ASP F 160 -3.99 48.99 -69.10
C ASP F 160 -3.25 47.80 -68.48
N GLY F 161 -3.95 46.71 -68.20
CA GLY F 161 -3.34 45.45 -67.82
C GLY F 161 -3.31 45.16 -66.34
N SER F 162 -3.39 46.18 -65.49
CA SER F 162 -3.32 46.02 -64.04
C SER F 162 -4.72 46.08 -63.44
N ALA F 163 -5.03 45.11 -62.57
CA ALA F 163 -6.37 44.97 -62.03
C ALA F 163 -6.81 46.21 -61.28
N VAL F 164 -8.05 46.65 -61.53
CA VAL F 164 -8.63 47.82 -60.89
C VAL F 164 -9.34 47.38 -59.62
N ASN F 165 -9.28 48.20 -58.58
CA ASN F 165 -9.88 47.89 -57.30
C ASN F 165 -10.55 49.12 -56.70
N ALA F 166 -11.30 49.86 -57.51
CA ALA F 166 -11.95 51.07 -57.04
C ALA F 166 -13.17 51.37 -57.90
N GLY F 167 -14.24 51.84 -57.25
CA GLY F 167 -15.42 52.29 -57.96
C GLY F 167 -16.21 51.19 -58.63
N VAL F 168 -16.13 49.97 -58.12
CA VAL F 168 -16.75 48.79 -58.73
C VAL F 168 -17.94 48.37 -57.88
N GLU F 169 -19.09 48.19 -58.54
CA GLU F 169 -20.28 47.63 -57.91
C GLU F 169 -21.00 46.77 -58.93
N THR F 170 -21.29 45.53 -58.56
CA THR F 170 -21.91 44.55 -59.44
C THR F 170 -23.22 44.08 -58.85
N THR F 171 -24.25 44.01 -59.68
CA THR F 171 -25.53 43.48 -59.23
C THR F 171 -25.44 41.99 -58.97
N LYS F 172 -26.29 41.50 -58.06
CA LYS F 172 -26.39 40.07 -57.85
C LYS F 172 -27.07 39.41 -59.05
N PRO F 173 -26.80 38.13 -59.29
CA PRO F 173 -27.53 37.43 -60.36
C PRO F 173 -29.02 37.47 -60.09
N SER F 174 -29.80 37.53 -61.18
CA SER F 174 -31.23 37.68 -61.07
C SER F 174 -31.91 36.87 -62.17
N LYS F 175 -32.88 36.05 -61.78
CA LYS F 175 -33.57 35.19 -62.73
C LYS F 175 -34.39 36.03 -63.70
N GLN F 176 -34.14 35.85 -65.00
CA GLN F 176 -34.73 36.66 -66.05
C GLN F 176 -35.80 35.85 -66.79
N SER F 177 -36.29 36.44 -67.89
CA SER F 177 -37.46 35.94 -68.61
C SER F 177 -37.38 34.45 -68.89
N ASN F 178 -36.36 34.03 -69.60
CA ASN F 178 -36.23 32.67 -70.12
C ASN F 178 -35.57 31.67 -69.22
N ASN F 179 -35.83 31.88 -67.93
CA ASN F 179 -35.31 31.15 -66.77
C ASN F 179 -33.81 31.02 -66.73
N LYS F 180 -33.20 32.14 -67.09
CA LYS F 180 -31.76 32.24 -67.03
C LYS F 180 -31.44 33.41 -66.10
N TYR F 181 -30.15 33.76 -66.01
CA TYR F 181 -29.74 34.77 -65.05
C TYR F 181 -29.01 35.91 -65.73
N ALA F 182 -29.05 37.07 -65.09
CA ALA F 182 -28.46 38.30 -65.59
C ALA F 182 -27.90 39.10 -64.43
N ALA F 183 -26.91 39.94 -64.74
CA ALA F 183 -26.28 40.80 -63.76
C ALA F 183 -25.63 41.98 -64.48
N SER F 184 -25.09 42.90 -63.71
CA SER F 184 -24.41 44.07 -64.28
C SER F 184 -23.35 44.57 -63.31
N SER F 185 -22.18 44.89 -63.85
CA SER F 185 -21.08 45.44 -63.10
C SER F 185 -20.81 46.87 -63.57
N TYR F 186 -20.47 47.74 -62.63
CA TYR F 186 -20.31 49.16 -62.90
C TYR F 186 -18.93 49.63 -62.45
N LEU F 187 -18.29 50.44 -63.29
CA LEU F 187 -17.00 51.04 -62.97
C LEU F 187 -17.16 52.56 -63.05
N SER F 188 -17.05 53.22 -61.90
CA SER F 188 -17.27 54.65 -61.79
C SER F 188 -15.93 55.35 -61.68
N LEU F 189 -15.64 56.24 -62.63
CA LEU F 189 -14.40 57.00 -62.64
C LEU F 189 -14.70 58.46 -62.94
N THR F 190 -13.66 59.28 -62.94
CA THR F 190 -13.77 60.67 -63.35
C THR F 190 -13.44 60.78 -64.84
N SER F 191 -13.51 62.01 -65.38
CA SER F 191 -13.19 62.20 -66.79
C SER F 191 -11.70 62.04 -67.04
N ASP F 192 -10.86 62.57 -66.15
CA ASP F 192 -9.41 62.44 -66.32
C ASP F 192 -8.95 61.02 -66.02
N GLN F 193 -9.56 60.37 -65.03
CA GLN F 193 -9.28 58.94 -64.82
C GLN F 193 -9.62 58.13 -66.05
N TRP F 194 -10.73 58.45 -66.70
CA TRP F 194 -11.16 57.71 -67.89
C TRP F 194 -10.18 57.91 -69.04
N LYS F 195 -9.68 59.13 -69.23
CA LYS F 195 -8.72 59.41 -70.29
C LYS F 195 -7.32 58.91 -69.97
N SER F 196 -7.01 58.71 -68.68
CA SER F 196 -5.64 58.39 -68.29
C SER F 196 -5.19 57.05 -68.88
N HIS F 197 -6.09 56.08 -68.96
CA HIS F 197 -5.76 54.75 -69.44
C HIS F 197 -6.13 54.60 -70.90
N LYS F 198 -5.33 53.81 -71.63
CA LYS F 198 -5.56 53.61 -73.05
C LYS F 198 -6.72 52.67 -73.30
N SER F 199 -7.02 51.76 -72.38
CA SER F 199 -8.04 50.75 -72.60
C SER F 199 -8.52 50.18 -71.28
N TYR F 200 -9.83 49.96 -71.20
CA TYR F 200 -10.47 49.29 -70.07
C TYR F 200 -11.11 48.00 -70.55
N SER F 201 -11.26 47.04 -69.64
CA SER F 201 -11.76 45.72 -70.02
C SER F 201 -12.60 45.14 -68.90
N CYS F 202 -13.73 44.53 -69.27
CA CYS F 202 -14.58 43.80 -68.35
C CYS F 202 -14.35 42.30 -68.56
N GLN F 203 -14.08 41.59 -67.46
CA GLN F 203 -13.78 40.17 -67.51
C GLN F 203 -14.80 39.41 -66.67
N VAL F 204 -15.74 38.75 -67.34
CA VAL F 204 -16.75 37.93 -66.67
C VAL F 204 -16.32 36.47 -66.75
N THR F 205 -16.25 35.81 -65.59
CA THR F 205 -15.82 34.43 -65.51
C THR F 205 -16.98 33.57 -65.03
N HIS F 206 -17.24 32.47 -65.74
CA HIS F 206 -18.31 31.55 -65.40
C HIS F 206 -17.82 30.14 -65.66
N GLU F 207 -17.93 29.29 -64.64
CA GLU F 207 -17.47 27.89 -64.64
C GLU F 207 -16.13 27.74 -65.39
N GLY F 208 -15.12 28.42 -64.85
CA GLY F 208 -13.77 28.28 -65.33
C GLY F 208 -13.53 28.73 -66.76
N SER F 209 -14.47 29.48 -67.31
CA SER F 209 -14.37 30.03 -68.66
C SER F 209 -14.64 31.52 -68.60
N THR F 210 -13.66 32.31 -69.05
CA THR F 210 -13.72 33.76 -68.94
C THR F 210 -14.05 34.38 -70.30
N VAL F 211 -15.01 35.30 -70.31
CA VAL F 211 -15.32 36.13 -71.46
C VAL F 211 -14.80 37.54 -71.18
N GLU F 212 -14.24 38.18 -72.21
CA GLU F 212 -13.51 39.43 -72.02
C GLU F 212 -13.89 40.42 -73.10
N LYS F 213 -14.39 41.59 -72.70
CA LYS F 213 -14.73 42.67 -73.60
C LYS F 213 -13.93 43.91 -73.24
N THR F 214 -13.52 44.66 -74.26
CA THR F 214 -12.64 45.81 -74.10
C THR F 214 -13.29 47.04 -74.71
N VAL F 215 -12.92 48.21 -74.19
CA VAL F 215 -13.39 49.48 -74.72
C VAL F 215 -12.21 50.46 -74.73
N ALA F 216 -12.26 51.40 -75.68
CA ALA F 216 -11.21 52.39 -75.83
C ALA F 216 -11.81 53.79 -75.87
N PRO F 217 -11.15 54.77 -75.27
CA PRO F 217 -11.63 56.16 -75.36
C PRO F 217 -11.58 56.72 -76.77
N ALA F 218 -10.86 56.07 -77.68
CA ALA F 218 -10.77 56.54 -79.06
C ALA F 218 -12.11 56.41 -79.77
N ILE G 1 16.65 28.46 -27.60
CA ILE G 1 16.61 29.02 -26.27
C ILE G 1 15.40 28.46 -25.50
N ARG G 2 15.66 27.41 -24.72
CA ARG G 2 14.60 26.73 -23.99
C ARG G 2 14.41 27.37 -22.62
N CYS G 3 13.47 26.81 -21.86
CA CYS G 3 13.24 27.00 -20.42
C CYS G 3 12.58 28.33 -20.07
N ILE G 4 12.41 29.25 -21.02
CA ILE G 4 11.78 30.53 -20.69
C ILE G 4 10.28 30.33 -20.54
N GLY G 5 9.76 30.57 -19.35
CA GLY G 5 8.38 30.30 -19.01
C GLY G 5 8.17 29.12 -18.11
N VAL G 6 9.22 28.35 -17.83
CA VAL G 6 9.11 27.19 -16.95
C VAL G 6 8.93 27.66 -15.51
N SER G 7 7.99 27.02 -14.81
CA SER G 7 7.69 27.41 -13.44
C SER G 7 8.86 27.11 -12.50
N ASN G 8 9.45 25.92 -12.63
CA ASN G 8 10.55 25.51 -11.77
C ASN G 8 11.88 25.89 -12.41
N ARG G 9 12.17 27.19 -12.40
CA ARG G 9 13.39 27.71 -12.99
C ARG G 9 14.39 28.11 -11.92
N ASP G 10 15.66 27.92 -12.23
CA ASP G 10 16.77 28.18 -11.31
C ASP G 10 17.75 29.11 -11.98
N PHE G 11 17.81 30.36 -11.51
CA PHE G 11 18.75 31.35 -12.03
C PHE G 11 19.98 31.41 -11.12
N VAL G 12 20.81 30.37 -11.22
CA VAL G 12 22.04 30.33 -10.43
C VAL G 12 23.13 31.10 -11.17
N GLU G 13 23.80 32.00 -10.47
CA GLU G 13 24.90 32.77 -11.05
C GLU G 13 26.21 32.02 -10.87
N GLY G 14 27.04 32.05 -11.91
CA GLY G 14 28.31 31.35 -11.87
C GLY G 14 29.41 32.19 -11.26
N MET G 15 30.32 31.53 -10.54
CA MET G 15 31.43 32.22 -9.90
C MET G 15 32.32 32.84 -10.96
N SER G 16 32.62 34.13 -10.79
CA SER G 16 33.40 34.88 -11.77
C SER G 16 34.88 34.55 -11.62
N GLY G 17 35.46 33.99 -12.68
CA GLY G 17 36.86 33.63 -12.70
C GLY G 17 37.04 32.13 -12.65
N GLY G 18 37.25 31.51 -13.81
CA GLY G 18 37.29 30.07 -13.89
C GLY G 18 35.90 29.48 -13.80
N THR G 19 35.65 28.41 -14.54
CA THR G 19 34.32 27.82 -14.62
C THR G 19 34.21 26.71 -13.56
N TRP G 20 33.69 27.08 -12.39
CA TRP G 20 33.45 26.15 -11.29
C TRP G 20 32.00 26.35 -10.85
N VAL G 21 31.11 25.46 -11.27
CA VAL G 21 29.69 25.57 -10.94
C VAL G 21 29.14 24.18 -10.67
N ASP G 22 28.31 24.09 -9.63
CA ASP G 22 27.54 22.90 -9.32
C ASP G 22 26.06 23.26 -9.43
N VAL G 23 25.27 22.35 -9.97
CA VAL G 23 23.84 22.57 -10.14
C VAL G 23 23.10 21.28 -9.81
N VAL G 24 21.96 21.43 -9.15
CA VAL G 24 21.05 20.31 -8.95
C VAL G 24 20.01 20.32 -10.08
N LEU G 25 19.88 19.19 -10.75
CA LEU G 25 19.03 19.08 -11.93
C LEU G 25 17.76 18.34 -11.54
N GLU G 26 16.63 19.04 -11.54
CA GLU G 26 15.33 18.46 -11.26
C GLU G 26 14.65 18.07 -12.56
N HIS G 27 13.76 17.08 -12.47
CA HIS G 27 13.15 16.54 -13.68
C HIS G 27 12.08 17.47 -14.24
N GLY G 28 11.36 18.18 -13.38
CA GLY G 28 10.37 19.15 -13.81
C GLY G 28 10.88 20.58 -13.88
N GLY G 29 12.17 20.80 -13.74
CA GLY G 29 12.70 22.15 -13.66
C GLY G 29 14.03 22.28 -14.38
N CYS G 30 14.21 23.45 -14.98
CA CYS G 30 15.41 23.79 -15.74
C CYS G 30 16.19 24.88 -15.03
N VAL G 31 17.47 24.99 -15.37
CA VAL G 31 18.40 25.87 -14.68
C VAL G 31 19.12 26.74 -15.70
N THR G 32 19.13 28.04 -15.46
CA THR G 32 19.89 29.00 -16.27
C THR G 32 21.21 29.30 -15.56
N VAL G 33 22.32 28.90 -16.17
CA VAL G 33 23.64 29.18 -15.64
C VAL G 33 24.16 30.46 -16.28
N MET G 34 24.61 31.37 -15.47
CA MET G 34 25.14 32.56 -16.06
C MET G 34 26.57 32.82 -15.65
N ALA G 35 27.40 32.93 -16.69
CA ALA G 35 28.84 33.16 -16.60
C ALA G 35 29.30 34.59 -16.83
N GLN G 36 30.39 34.96 -16.20
CA GLN G 36 30.96 36.27 -16.30
C GLN G 36 31.37 36.60 -17.71
N ASP G 37 31.91 35.66 -18.44
CA ASP G 37 32.32 35.96 -19.79
C ASP G 37 31.51 35.23 -20.82
N LYS G 38 30.87 34.15 -20.40
CA LYS G 38 30.13 33.27 -21.31
C LYS G 38 28.70 33.65 -21.72
N PRO G 39 28.12 32.86 -22.62
CA PRO G 39 26.82 32.85 -23.28
C PRO G 39 25.60 32.55 -22.38
N THR G 40 25.84 32.13 -21.15
CA THR G 40 24.70 31.88 -20.26
C THR G 40 23.76 30.80 -20.81
N VAL G 41 24.27 29.56 -20.81
CA VAL G 41 23.53 28.41 -21.35
C VAL G 41 22.28 28.11 -20.50
N ASP G 42 21.25 27.56 -21.16
CA ASP G 42 20.12 26.92 -20.51
C ASP G 42 20.27 25.41 -20.63
N ILE G 43 20.01 24.69 -19.54
CA ILE G 43 20.25 23.25 -19.48
C ILE G 43 19.12 22.57 -18.71
N GLU G 44 18.66 21.43 -19.24
CA GLU G 44 17.48 20.75 -18.72
C GLU G 44 17.62 19.24 -18.90
N LEU G 45 17.16 18.48 -17.91
CA LEU G 45 17.12 17.02 -17.98
C LEU G 45 15.73 16.62 -18.48
N VAL G 46 15.68 16.01 -19.67
CA VAL G 46 14.41 15.75 -20.32
C VAL G 46 13.98 14.31 -20.14
N THR G 47 14.94 13.38 -20.09
CA THR G 47 14.61 11.96 -20.07
C THR G 47 15.64 11.19 -19.28
N THR G 48 15.16 10.33 -18.37
CA THR G 48 15.99 9.34 -17.68
C THR G 48 15.39 7.97 -17.95
N THR G 49 16.13 7.12 -18.66
CA THR G 49 15.62 5.83 -19.12
C THR G 49 16.45 4.68 -18.53
N VAL G 50 15.74 3.64 -18.08
CA VAL G 50 16.38 2.40 -17.64
C VAL G 50 16.41 1.44 -18.81
N SER G 51 17.51 0.69 -18.93
CA SER G 51 17.76 -0.13 -20.10
C SER G 51 17.93 -1.59 -19.72
N ASN G 52 17.35 -2.48 -20.54
CA ASN G 52 17.59 -3.93 -20.47
C ASN G 52 17.28 -4.48 -19.09
N MET G 53 16.00 -4.38 -18.70
CA MET G 53 15.54 -4.87 -17.41
C MET G 53 15.15 -6.34 -17.53
N ALA G 54 15.58 -7.14 -16.55
CA ALA G 54 15.31 -8.57 -16.54
C ALA G 54 14.05 -8.88 -15.74
N GLU G 55 13.26 -9.81 -16.24
CA GLU G 55 11.99 -10.16 -15.60
C GLU G 55 12.24 -10.92 -14.30
N VAL G 56 11.60 -10.47 -13.22
CA VAL G 56 11.77 -11.05 -11.89
C VAL G 56 10.68 -12.06 -11.57
N ARG G 57 9.43 -11.65 -11.70
CA ARG G 57 8.29 -12.52 -11.41
C ARG G 57 7.05 -11.93 -12.08
N SER G 58 6.18 -12.83 -12.54
CA SER G 58 4.94 -12.45 -13.20
C SER G 58 3.75 -12.93 -12.36
N TYR G 59 2.70 -12.11 -12.31
CA TYR G 59 1.48 -12.44 -11.61
C TYR G 59 0.30 -12.42 -12.58
N CYS G 60 -0.65 -13.32 -12.37
CA CYS G 60 -1.88 -13.33 -13.14
C CYS G 60 -2.98 -12.64 -12.34
N TYR G 61 -3.71 -11.73 -12.99
CA TYR G 61 -4.77 -10.99 -12.33
C TYR G 61 -6.17 -11.25 -12.88
N GLU G 62 -6.29 -12.01 -13.97
CA GLU G 62 -7.59 -12.49 -14.43
C GLU G 62 -7.36 -13.76 -15.23
N ALA G 63 -8.18 -14.78 -14.98
CA ALA G 63 -7.95 -16.10 -15.51
C ALA G 63 -9.26 -16.70 -16.01
N SER G 64 -9.17 -17.90 -16.57
CA SER G 64 -10.32 -18.62 -17.09
C SER G 64 -10.22 -20.09 -16.69
N ILE G 65 -11.37 -20.74 -16.61
CA ILE G 65 -11.48 -22.12 -16.16
C ILE G 65 -11.94 -23.00 -17.31
N SER G 66 -11.48 -24.26 -17.31
CA SER G 66 -11.90 -25.23 -18.30
C SER G 66 -11.76 -26.63 -17.70
N ASP G 67 -12.55 -27.55 -18.25
CA ASP G 67 -12.53 -28.97 -17.86
C ASP G 67 -12.77 -29.14 -16.36
N MET G 68 -13.95 -28.72 -15.93
CA MET G 68 -14.36 -28.88 -14.53
C MET G 68 -14.90 -30.29 -14.33
N ALA G 69 -14.26 -31.04 -13.42
CA ALA G 69 -14.63 -32.43 -13.20
C ALA G 69 -14.48 -32.77 -11.72
N SER G 70 -15.29 -33.71 -11.26
CA SER G 70 -15.30 -34.12 -9.87
C SER G 70 -15.36 -35.64 -9.77
N ASP G 71 -14.75 -36.17 -8.72
CA ASP G 71 -14.84 -37.59 -8.39
C ASP G 71 -15.17 -37.73 -6.91
N SER G 72 -16.08 -38.65 -6.60
CA SER G 72 -16.55 -38.86 -5.24
C SER G 72 -16.39 -40.32 -4.86
N ARG G 73 -16.31 -40.56 -3.55
CA ARG G 73 -16.25 -41.91 -3.03
C ARG G 73 -17.07 -41.99 -1.76
N CYS G 74 -17.66 -43.16 -1.54
CA CYS G 74 -18.50 -43.39 -0.37
C CYS G 74 -17.62 -43.53 0.87
N PRO G 75 -18.22 -43.41 2.06
CA PRO G 75 -17.43 -43.56 3.29
C PRO G 75 -16.77 -44.93 3.39
N THR G 76 -15.54 -44.93 3.91
CA THR G 76 -14.75 -46.15 4.14
C THR G 76 -14.47 -46.90 2.84
N GLN G 77 -14.47 -46.19 1.71
CA GLN G 77 -14.00 -46.74 0.45
C GLN G 77 -12.80 -45.96 -0.08
N GLY G 78 -12.05 -45.34 0.81
CA GLY G 78 -10.81 -44.70 0.45
C GLY G 78 -10.98 -43.27 -0.05
N GLU G 79 -9.93 -42.79 -0.69
CA GLU G 79 -9.83 -41.41 -1.15
C GLU G 79 -10.27 -41.30 -2.60
N ALA G 80 -11.01 -40.24 -2.90
CA ALA G 80 -11.39 -39.96 -4.27
C ALA G 80 -10.15 -39.68 -5.13
N TYR G 81 -10.32 -39.77 -6.44
CA TYR G 81 -9.19 -39.63 -7.34
C TYR G 81 -9.65 -39.16 -8.71
N LEU G 82 -8.93 -38.17 -9.26
CA LEU G 82 -9.03 -37.80 -10.66
C LEU G 82 -7.65 -37.88 -11.28
N ASP G 83 -7.61 -38.21 -12.57
CA ASP G 83 -6.32 -38.39 -13.24
C ASP G 83 -5.54 -37.08 -13.38
N LYS G 84 -6.22 -35.94 -13.30
CA LYS G 84 -5.59 -34.64 -13.45
C LYS G 84 -5.39 -33.92 -12.11
N GLN G 85 -5.52 -34.63 -10.98
CA GLN G 85 -5.35 -33.98 -9.68
C GLN G 85 -3.90 -33.67 -9.38
N SER G 86 -2.96 -34.30 -10.09
CA SER G 86 -1.53 -34.00 -9.96
C SER G 86 -0.99 -33.23 -11.15
N ASP G 87 -1.88 -32.76 -12.04
CA ASP G 87 -1.46 -31.98 -13.19
C ASP G 87 -1.06 -30.59 -12.76
N THR G 88 0.05 -30.10 -13.33
CA THR G 88 0.56 -28.79 -12.96
C THR G 88 -0.38 -27.66 -13.37
N GLN G 89 -1.16 -27.87 -14.43
CA GLN G 89 -2.03 -26.83 -14.96
C GLN G 89 -3.40 -26.79 -14.30
N TYR G 90 -3.77 -27.80 -13.52
CA TYR G 90 -5.09 -27.88 -12.92
C TYR G 90 -5.07 -27.44 -11.47
N VAL G 91 -6.17 -26.84 -11.03
CA VAL G 91 -6.39 -26.49 -9.63
C VAL G 91 -7.40 -27.47 -9.07
N CYS G 92 -7.17 -27.91 -7.84
CA CYS G 92 -8.01 -28.96 -7.25
C CYS G 92 -8.32 -28.61 -5.80
N LYS G 93 -9.15 -29.45 -5.19
CA LYS G 93 -9.51 -29.34 -3.78
C LYS G 93 -10.21 -30.62 -3.33
N ARG G 94 -9.76 -31.18 -2.21
CA ARG G 94 -10.35 -32.40 -1.65
C ARG G 94 -11.07 -32.06 -0.35
N THR G 95 -12.28 -32.61 -0.18
CA THR G 95 -13.11 -32.29 0.96
C THR G 95 -13.81 -33.57 1.44
N LEU G 96 -14.55 -33.42 2.54
CA LEU G 96 -15.34 -34.50 3.14
C LEU G 96 -16.80 -34.07 3.14
N VAL G 97 -17.63 -34.74 2.35
CA VAL G 97 -19.04 -34.42 2.21
C VAL G 97 -19.89 -35.44 2.96
N ASP G 98 -21.07 -35.00 3.37
CA ASP G 98 -21.99 -35.89 4.07
C ASP G 98 -22.59 -36.89 3.08
N ARG G 99 -22.60 -38.16 3.48
CA ARG G 99 -23.09 -39.23 2.61
C ARG G 99 -23.99 -40.16 3.38
N GLY G 100 -25.03 -40.63 2.72
CA GLY G 100 -25.98 -41.53 3.35
C GLY G 100 -26.91 -42.15 2.34
N TRP G 101 -27.88 -42.91 2.83
CA TRP G 101 -28.78 -43.64 1.94
C TRP G 101 -29.58 -42.74 1.02
N GLY G 102 -29.65 -41.43 1.32
CA GLY G 102 -30.20 -40.51 0.35
C GLY G 102 -29.28 -40.20 -0.80
N ASN G 103 -27.97 -40.36 -0.62
CA ASN G 103 -26.97 -40.10 -1.65
C ASN G 103 -26.52 -41.38 -2.35
N GLY G 104 -27.17 -42.52 -2.09
CA GLY G 104 -26.82 -43.76 -2.73
C GLY G 104 -25.55 -44.39 -2.21
N CYS G 105 -25.46 -44.55 -0.89
CA CYS G 105 -24.31 -45.19 -0.28
C CYS G 105 -24.76 -45.93 0.98
N GLY G 106 -24.01 -46.98 1.32
CA GLY G 106 -24.46 -47.89 2.36
C GLY G 106 -24.44 -47.30 3.75
N LEU G 107 -23.39 -46.52 4.07
CA LEU G 107 -23.19 -46.00 5.42
C LEU G 107 -23.47 -44.51 5.46
N PHE G 108 -23.64 -44.01 6.69
CA PHE G 108 -23.85 -42.59 6.95
C PHE G 108 -22.55 -42.02 7.51
N GLY G 109 -21.85 -41.24 6.69
CA GLY G 109 -20.60 -40.66 7.14
C GLY G 109 -20.05 -39.66 6.14
N LYS G 110 -18.78 -39.31 6.33
CA LYS G 110 -18.09 -38.34 5.50
C LYS G 110 -17.44 -39.06 4.32
N GLY G 111 -17.91 -38.76 3.11
CA GLY G 111 -17.31 -39.31 1.91
C GLY G 111 -16.29 -38.37 1.31
N SER G 112 -15.30 -38.95 0.62
CA SER G 112 -14.26 -38.17 -0.01
C SER G 112 -14.73 -37.64 -1.35
N LEU G 113 -14.41 -36.38 -1.63
CA LEU G 113 -14.78 -35.72 -2.87
C LEU G 113 -13.62 -34.86 -3.34
N VAL G 114 -13.23 -35.03 -4.60
CA VAL G 114 -12.20 -34.20 -5.21
C VAL G 114 -12.79 -33.54 -6.45
N THR G 115 -12.30 -32.33 -6.74
CA THR G 115 -12.75 -31.57 -7.90
C THR G 115 -11.57 -30.80 -8.46
N CYS G 116 -11.41 -30.84 -9.78
CA CYS G 116 -10.30 -30.19 -10.45
C CYS G 116 -10.81 -29.38 -11.63
N ALA G 117 -9.94 -28.50 -12.13
CA ALA G 117 -10.29 -27.60 -13.23
C ALA G 117 -9.01 -27.01 -13.80
N LYS G 118 -8.92 -26.96 -15.12
CA LYS G 118 -7.71 -26.51 -15.79
C LYS G 118 -7.59 -24.99 -15.70
N PHE G 119 -6.44 -24.53 -15.20
CA PHE G 119 -6.19 -23.11 -15.00
C PHE G 119 -5.53 -22.51 -16.23
N ALA G 120 -6.01 -21.35 -16.65
CA ALA G 120 -5.46 -20.64 -17.80
C ALA G 120 -5.49 -19.15 -17.51
N CYS G 121 -4.33 -18.50 -17.61
CA CYS G 121 -4.25 -17.07 -17.36
C CYS G 121 -4.64 -16.29 -18.61
N SER G 122 -5.45 -15.25 -18.41
CA SER G 122 -5.91 -14.40 -19.50
C SER G 122 -5.12 -13.11 -19.62
N LYS G 123 -4.82 -12.45 -18.51
CA LYS G 123 -4.02 -11.24 -18.50
C LYS G 123 -3.07 -11.28 -17.31
N LYS G 124 -1.82 -10.85 -17.54
CA LYS G 124 -0.75 -11.04 -16.59
C LYS G 124 0.07 -9.76 -16.43
N MET G 125 0.56 -9.54 -15.21
CA MET G 125 1.48 -8.46 -14.90
C MET G 125 2.89 -9.03 -14.76
N THR G 126 3.88 -8.15 -14.91
CA THR G 126 5.27 -8.55 -14.88
C THR G 126 6.11 -7.51 -14.17
N GLY G 127 6.89 -7.95 -13.18
CA GLY G 127 7.81 -7.10 -12.46
C GLY G 127 9.25 -7.43 -12.86
N LYS G 128 10.04 -6.38 -13.09
CA LYS G 128 11.39 -6.53 -13.61
C LYS G 128 12.38 -5.78 -12.72
N SER G 129 13.65 -6.15 -12.84
CA SER G 129 14.72 -5.53 -12.07
C SER G 129 15.19 -4.23 -12.72
N ILE G 130 16.06 -3.50 -12.03
CA ILE G 130 16.51 -2.19 -12.47
C ILE G 130 18.04 -2.11 -12.58
N GLN G 131 18.76 -2.54 -11.53
CA GLN G 131 20.23 -2.59 -11.57
C GLN G 131 20.85 -1.22 -11.84
N PRO G 132 20.99 -0.36 -10.80
CA PRO G 132 21.37 1.05 -10.99
C PRO G 132 22.43 1.34 -12.04
N GLU G 133 23.34 0.40 -12.29
CA GLU G 133 24.42 0.59 -13.25
C GLU G 133 23.92 0.74 -14.69
N ASN G 134 22.63 0.55 -14.96
CA ASN G 134 22.15 0.53 -16.34
C ASN G 134 21.15 1.65 -16.61
N LEU G 135 21.47 2.86 -16.18
CA LEU G 135 20.64 4.03 -16.41
C LEU G 135 21.13 4.82 -17.62
N GLU G 136 20.30 5.78 -18.06
CA GLU G 136 20.64 6.61 -19.21
C GLU G 136 19.87 7.92 -19.08
N TYR G 137 20.58 8.99 -18.72
CA TYR G 137 20.01 10.33 -18.64
C TYR G 137 20.24 11.09 -19.94
N ARG G 138 19.26 11.90 -20.33
CA ARG G 138 19.34 12.69 -21.55
C ARG G 138 19.15 14.16 -21.20
N ILE G 139 20.10 15.00 -21.60
CA ILE G 139 20.15 16.39 -21.20
C ILE G 139 20.18 17.28 -22.43
N MET G 140 19.38 18.35 -22.40
CA MET G 140 19.34 19.34 -23.47
C MET G 140 20.01 20.62 -23.01
N LEU G 141 20.77 21.25 -23.92
CA LEU G 141 21.49 22.48 -23.62
C LEU G 141 21.23 23.48 -24.73
N SER G 142 20.91 24.72 -24.36
CA SER G 142 20.68 25.79 -25.30
C SER G 142 21.22 27.09 -24.72
N VAL G 143 21.92 27.87 -25.54
CA VAL G 143 22.59 29.08 -25.06
C VAL G 143 21.81 30.31 -25.50
N HIS G 144 21.98 31.39 -24.73
CA HIS G 144 21.31 32.66 -24.97
C HIS G 144 22.06 33.51 -25.97
N GLY G 145 21.72 34.80 -26.02
CA GLY G 145 22.43 35.77 -26.84
C GLY G 145 21.80 36.11 -28.17
N SER G 146 21.51 35.11 -29.00
CA SER G 146 21.13 35.38 -30.39
C SER G 146 20.07 34.40 -30.85
N GLN G 147 19.06 34.15 -30.02
CA GLN G 147 18.03 33.17 -30.35
C GLN G 147 16.66 33.80 -30.19
N HIS G 148 15.86 33.70 -31.25
CA HIS G 148 14.53 34.28 -31.34
C HIS G 148 13.51 33.38 -30.63
N SER G 149 12.26 33.85 -30.63
CA SER G 149 11.19 33.16 -29.89
C SER G 149 10.96 31.75 -30.43
N GLY G 150 11.07 31.57 -31.75
CA GLY G 150 10.87 30.26 -32.36
C GLY G 150 11.82 29.19 -31.85
N MET G 151 12.89 29.57 -31.16
CA MET G 151 13.84 28.63 -30.60
C MET G 151 13.54 28.27 -29.15
N ILE G 152 12.30 28.42 -28.70
CA ILE G 152 11.96 28.01 -27.34
C ILE G 152 11.42 26.57 -27.31
N VAL G 153 10.81 26.11 -28.39
CA VAL G 153 10.45 24.70 -28.56
C VAL G 153 10.94 24.28 -29.94
N ASN G 154 12.09 23.63 -29.98
CA ASN G 154 12.74 23.18 -31.21
C ASN G 154 13.87 22.23 -30.85
N ASP G 155 13.93 21.07 -31.50
CA ASP G 155 15.00 20.11 -31.23
C ASP G 155 15.59 19.52 -32.51
N THR G 156 15.30 20.10 -33.67
CA THR G 156 15.70 19.56 -34.97
C THR G 156 16.82 20.40 -35.54
N GLY G 157 17.97 19.77 -35.83
CA GLY G 157 19.10 20.47 -36.38
C GLY G 157 20.04 21.06 -35.36
N HIS G 158 20.14 20.45 -34.18
CA HIS G 158 20.95 21.01 -33.11
C HIS G 158 22.43 20.64 -33.23
N GLU G 159 22.75 19.58 -33.97
CA GLU G 159 24.15 19.27 -34.23
C GLU G 159 24.83 20.39 -35.00
N THR G 160 24.07 21.07 -35.87
CA THR G 160 24.59 22.19 -36.63
C THR G 160 24.41 23.54 -35.94
N ASP G 161 23.45 23.64 -35.02
CA ASP G 161 23.23 24.88 -34.29
C ASP G 161 24.23 24.97 -33.15
N GLU G 162 25.08 26.00 -33.20
CA GLU G 162 26.06 26.20 -32.14
C GLU G 162 25.41 26.54 -30.82
N ASN G 163 24.26 27.23 -30.84
CA ASN G 163 23.57 27.62 -29.62
C ASN G 163 23.14 26.41 -28.81
N ARG G 164 21.80 24.12 -30.39
CA ARG G 164 21.57 23.56 -29.07
C ARG G 164 22.23 22.18 -28.99
N ALA G 165 22.40 21.65 -27.78
CA ALA G 165 23.19 20.45 -27.56
C ALA G 165 22.38 19.36 -26.88
N LYS G 166 22.58 18.12 -27.31
CA LYS G 166 22.01 16.94 -26.67
C LYS G 166 23.12 16.08 -26.09
N VAL G 167 22.94 15.64 -24.85
CA VAL G 167 23.96 14.91 -24.11
C VAL G 167 23.32 13.69 -23.46
N GLU G 168 24.06 12.58 -23.43
CA GLU G 168 23.64 11.35 -22.77
C GLU G 168 24.65 11.00 -21.69
N ILE G 169 24.15 10.66 -20.50
CA ILE G 169 24.99 10.31 -19.35
C ILE G 169 24.61 8.91 -18.87
N THR G 170 25.61 8.10 -18.58
CA THR G 170 25.44 6.75 -18.08
C THR G 170 26.27 6.57 -16.82
N PRO G 171 25.90 5.61 -15.96
CA PRO G 171 26.77 5.31 -14.82
C PRO G 171 28.17 4.88 -15.23
N ASN G 172 28.31 4.16 -16.34
CA ASN G 172 29.63 3.77 -16.84
C ASN G 172 30.38 4.92 -17.48
N SER G 173 29.73 6.05 -17.74
CA SER G 173 30.36 7.23 -18.32
C SER G 173 29.77 8.47 -17.69
N PRO G 174 30.16 8.79 -16.45
CA PRO G 174 29.63 9.98 -15.79
C PRO G 174 30.07 11.28 -16.43
N ARG G 175 31.19 11.28 -17.16
CA ARG G 175 31.70 12.48 -17.79
C ARG G 175 31.19 12.58 -19.22
N ALA G 176 30.90 13.81 -19.64
CA ALA G 176 30.44 14.08 -21.00
C ALA G 176 30.78 15.51 -21.36
N GLU G 177 30.80 15.79 -22.66
CA GLU G 177 31.11 17.13 -23.15
C GLU G 177 30.37 17.35 -24.46
N ALA G 178 29.65 18.45 -24.55
CA ALA G 178 28.80 18.75 -25.70
C ALA G 178 29.53 19.67 -26.68
N THR G 179 29.25 19.47 -27.96
CA THR G 179 29.76 20.33 -29.01
C THR G 179 28.78 21.48 -29.25
N LEU G 180 29.30 22.70 -29.23
CA LEU G 180 28.48 23.89 -29.41
C LEU G 180 29.01 24.75 -30.54
N GLY G 181 29.50 24.10 -31.60
CA GLY G 181 29.96 24.78 -32.80
C GLY G 181 30.87 25.95 -32.56
N GLY G 182 30.42 27.15 -32.92
CA GLY G 182 31.19 28.36 -32.72
C GLY G 182 31.19 28.90 -31.31
N PHE G 183 30.33 28.37 -30.44
CA PHE G 183 30.40 28.69 -29.01
C PHE G 183 31.45 27.89 -28.28
N GLY G 184 32.10 26.94 -28.93
CA GLY G 184 33.11 26.12 -28.29
C GLY G 184 32.54 24.81 -27.76
N SER G 185 32.93 24.44 -26.55
CA SER G 185 32.49 23.17 -25.96
C SER G 185 32.19 23.39 -24.49
N LEU G 186 31.30 22.56 -23.96
CA LEU G 186 30.91 22.60 -22.55
C LEU G 186 31.03 21.19 -21.97
N GLY G 187 31.87 21.03 -20.96
CA GLY G 187 32.01 19.76 -20.29
C GLY G 187 31.00 19.58 -19.17
N LEU G 188 30.72 18.32 -18.84
CA LEU G 188 29.70 18.01 -17.84
C LEU G 188 30.04 16.67 -17.18
N ASP G 189 30.26 16.69 -15.88
CA ASP G 189 30.50 15.50 -15.07
C ASP G 189 29.44 15.45 -13.99
N CYS G 190 28.84 14.27 -13.79
CA CYS G 190 27.59 14.20 -13.05
C CYS G 190 27.32 12.76 -12.63
N GLU G 191 26.90 12.58 -11.36
CA GLU G 191 26.45 11.27 -10.88
C GLU G 191 25.65 11.40 -9.59
N PRO G 192 24.40 10.93 -9.59
CA PRO G 192 23.67 10.77 -8.32
C PRO G 192 23.86 9.39 -7.72
N ARG G 193 23.14 9.10 -6.64
CA ARG G 193 23.02 7.76 -6.10
C ARG G 193 21.57 7.45 -5.72
N THR G 194 20.62 8.20 -6.30
CA THR G 194 19.21 7.97 -6.06
C THR G 194 18.44 7.69 -7.36
N GLY G 195 19.13 7.17 -8.38
CA GLY G 195 18.50 6.71 -9.60
C GLY G 195 17.20 6.00 -9.28
N LEU G 196 17.29 5.05 -8.36
CA LEU G 196 16.20 4.72 -7.45
C LEU G 196 16.83 4.34 -6.12
N ASP G 197 16.00 4.10 -5.11
CA ASP G 197 16.46 4.10 -3.72
C ASP G 197 17.14 2.78 -3.37
N PHE G 198 18.40 2.66 -3.78
CA PHE G 198 19.39 1.79 -3.13
C PHE G 198 18.96 0.32 -3.09
N SER G 199 19.02 -0.32 -4.26
CA SER G 199 18.98 -1.79 -4.36
C SER G 199 17.58 -2.35 -4.15
N ASP G 200 16.57 -1.65 -4.65
CA ASP G 200 15.17 -2.01 -4.42
C ASP G 200 14.39 -1.79 -5.72
N LEU G 201 13.07 -1.69 -5.61
CA LEU G 201 12.23 -1.07 -6.65
C LEU G 201 12.17 -1.77 -8.00
N TYR G 202 11.48 -2.92 -8.06
CA TYR G 202 11.13 -3.55 -9.32
C TYR G 202 10.35 -2.61 -10.23
N TYR G 203 10.29 -2.98 -11.52
CA TYR G 203 9.52 -2.26 -12.54
C TYR G 203 8.34 -3.12 -12.95
N LEU G 204 7.13 -2.60 -12.77
CA LEU G 204 5.91 -3.38 -12.88
C LEU G 204 5.12 -2.96 -14.11
N THR G 205 4.79 -3.92 -14.97
CA THR G 205 4.05 -3.69 -16.20
C THR G 205 2.73 -4.45 -16.16
N MET G 206 1.63 -3.74 -16.39
CA MET G 206 0.30 -4.35 -16.39
C MET G 206 -0.69 -3.42 -17.07
N ASN G 207 -1.68 -4.01 -17.72
CA ASN G 207 -2.82 -3.28 -18.29
C ASN G 207 -2.35 -2.09 -19.13
N ASN G 208 -1.42 -2.35 -20.03
CA ASN G 208 -0.90 -1.31 -20.93
C ASN G 208 -0.46 -0.07 -20.16
N LYS G 209 -0.04 -0.25 -18.91
CA LYS G 209 0.56 0.82 -18.12
C LYS G 209 1.75 0.24 -17.37
N HIS G 210 2.65 1.13 -16.96
CA HIS G 210 3.92 0.71 -16.39
C HIS G 210 4.21 1.58 -15.18
N TRP G 211 4.29 0.95 -14.00
CA TRP G 211 4.50 1.66 -12.75
C TRP G 211 5.70 1.05 -12.03
N LEU G 212 6.06 1.65 -10.89
CA LEU G 212 7.29 1.30 -10.16
C LEU G 212 6.91 0.86 -8.75
N VAL G 213 7.48 -0.26 -8.31
CA VAL G 213 6.96 -0.99 -7.16
C VAL G 213 8.10 -1.44 -6.26
N HIS G 214 7.87 -1.39 -4.94
CA HIS G 214 8.84 -1.82 -3.96
C HIS G 214 8.93 -3.35 -3.92
N LYS G 215 10.02 -3.85 -3.31
CA LYS G 215 10.31 -5.29 -3.35
C LYS G 215 9.35 -6.08 -2.46
N GLU G 216 9.33 -5.76 -1.16
CA GLU G 216 8.61 -6.61 -0.20
C GLU G 216 7.13 -6.71 -0.53
N TRP G 217 6.51 -5.59 -0.90
CA TRP G 217 5.10 -5.61 -1.25
C TRP G 217 4.85 -6.45 -2.51
N PHE G 218 5.77 -6.38 -3.48
CA PHE G 218 5.62 -7.17 -4.69
C PHE G 218 5.79 -8.66 -4.42
N HIS G 219 6.64 -9.02 -3.45
CA HIS G 219 6.84 -10.43 -3.12
C HIS G 219 5.61 -11.03 -2.46
N ASP G 220 4.87 -10.23 -1.68
CA ASP G 220 3.72 -10.70 -0.94
C ASP G 220 2.39 -10.39 -1.63
N ILE G 221 2.39 -10.40 -2.96
CA ILE G 221 1.16 -10.22 -3.73
C ILE G 221 0.42 -11.56 -3.78
N PRO G 222 -0.76 -11.68 -3.18
CA PRO G 222 -1.47 -12.98 -3.12
C PRO G 222 -2.23 -13.29 -4.40
N LEU G 223 -1.49 -13.48 -5.48
CA LEU G 223 -2.03 -13.81 -6.79
C LEU G 223 -1.18 -14.91 -7.41
N PRO G 224 -1.74 -15.68 -8.35
CA PRO G 224 -0.96 -16.74 -9.00
C PRO G 224 0.27 -16.18 -9.70
N TRP G 225 1.37 -16.93 -9.62
CA TRP G 225 2.66 -16.42 -10.07
C TRP G 225 3.56 -17.55 -10.54
N HIS G 226 4.50 -17.20 -11.43
CA HIS G 226 5.62 -18.06 -11.78
C HIS G 226 6.85 -17.17 -11.94
N ALA G 227 8.01 -17.74 -11.61
CA ALA G 227 9.17 -16.91 -11.33
C ALA G 227 9.71 -16.25 -12.59
N GLY G 228 10.20 -17.05 -13.52
CA GLY G 228 11.03 -16.54 -14.60
C GLY G 228 10.26 -15.79 -15.67
N ALA G 229 10.88 -15.75 -16.85
CA ALA G 229 10.29 -15.09 -18.01
C ALA G 229 9.26 -16.04 -18.61
N ASP G 230 8.81 -15.73 -19.82
CA ASP G 230 7.80 -16.56 -20.47
C ASP G 230 8.43 -17.80 -21.10
N THR G 231 7.77 -18.94 -20.92
CA THR G 231 8.06 -20.16 -21.65
C THR G 231 6.71 -20.81 -21.97
N GLY G 232 6.71 -21.72 -22.95
CA GLY G 232 5.48 -22.31 -23.41
C GLY G 232 4.59 -22.85 -22.31
N THR G 233 3.47 -22.18 -22.06
CA THR G 233 2.53 -22.50 -20.99
C THR G 233 3.27 -22.57 -19.65
N PRO G 234 3.63 -21.44 -19.06
CA PRO G 234 4.37 -21.47 -17.79
C PRO G 234 3.53 -22.07 -16.67
N HIS G 235 4.24 -22.59 -15.67
CA HIS G 235 3.61 -23.30 -14.55
C HIS G 235 3.30 -22.31 -13.43
N TRP G 236 2.01 -22.09 -13.17
CA TRP G 236 1.59 -21.14 -12.16
C TRP G 236 1.60 -21.76 -10.77
N ASN G 237 1.88 -20.92 -9.77
CA ASN G 237 1.87 -21.32 -8.37
C ASN G 237 0.81 -20.53 -7.62
N ASN G 238 0.24 -21.17 -6.60
CA ASN G 238 -0.84 -20.58 -5.79
C ASN G 238 -2.01 -20.16 -6.68
N LYS G 239 -2.41 -21.06 -7.58
CA LYS G 239 -3.53 -20.79 -8.49
C LYS G 239 -4.85 -20.64 -7.75
N GLU G 240 -4.95 -21.16 -6.52
CA GLU G 240 -6.16 -21.01 -5.73
C GLU G 240 -6.45 -19.55 -5.37
N ALA G 241 -5.50 -18.65 -5.56
CA ALA G 241 -5.73 -17.25 -5.25
C ALA G 241 -6.79 -16.60 -6.13
N LEU G 242 -7.02 -17.14 -7.33
CA LEU G 242 -8.00 -16.58 -8.25
C LEU G 242 -9.13 -17.54 -8.60
N VAL G 243 -9.15 -18.74 -8.03
CA VAL G 243 -10.28 -19.66 -8.19
C VAL G 243 -10.69 -20.16 -6.81
N GLU G 244 -12.00 -20.38 -6.64
CA GLU G 244 -12.55 -20.78 -5.36
C GLU G 244 -13.57 -21.88 -5.55
N PHE G 245 -13.49 -22.91 -4.72
CA PHE G 245 -14.42 -24.04 -4.75
C PHE G 245 -15.45 -23.85 -3.63
N LYS G 246 -16.73 -24.01 -3.97
CA LYS G 246 -17.80 -23.71 -3.03
C LYS G 246 -18.93 -24.72 -3.15
N ASP G 247 -19.68 -24.87 -2.06
CA ASP G 247 -20.95 -25.59 -2.01
C ASP G 247 -20.83 -26.99 -2.62
N ALA G 248 -20.03 -27.81 -1.95
CA ALA G 248 -19.78 -29.18 -2.39
C ALA G 248 -20.93 -30.08 -1.94
N HIS G 249 -21.77 -30.48 -2.89
CA HIS G 249 -22.70 -31.57 -2.64
C HIS G 249 -21.90 -32.88 -2.64
N ALA G 250 -22.61 -34.00 -2.55
CA ALA G 250 -21.99 -35.26 -2.88
C ALA G 250 -21.85 -35.39 -4.39
N LYS G 251 -20.67 -35.83 -4.83
CA LYS G 251 -20.28 -36.15 -6.20
C LYS G 251 -20.01 -34.93 -7.07
N ARG G 252 -20.29 -33.71 -6.63
CA ARG G 252 -20.07 -32.52 -7.45
C ARG G 252 -19.80 -31.32 -6.58
N GLN G 253 -18.90 -30.45 -7.02
CA GLN G 253 -18.59 -29.22 -6.33
C GLN G 253 -18.34 -28.11 -7.34
N THR G 254 -18.86 -26.92 -7.06
CA THR G 254 -18.75 -25.80 -7.98
C THR G 254 -17.44 -25.05 -7.78
N VAL G 255 -16.94 -24.49 -8.88
CA VAL G 255 -15.69 -23.72 -8.89
C VAL G 255 -15.88 -22.52 -9.80
N VAL G 256 -15.31 -21.38 -9.39
CA VAL G 256 -15.49 -20.13 -10.11
C VAL G 256 -14.20 -19.31 -10.01
N VAL G 257 -13.99 -18.43 -10.99
CA VAL G 257 -12.90 -17.46 -10.93
C VAL G 257 -13.36 -16.25 -10.15
N LEU G 258 -12.41 -15.55 -9.52
CA LEU G 258 -12.75 -14.40 -8.71
C LEU G 258 -13.08 -13.17 -9.55
N GLY G 259 -12.54 -13.09 -10.76
CA GLY G 259 -12.67 -11.92 -11.59
C GLY G 259 -11.38 -11.11 -11.62
N SER G 260 -11.37 -10.11 -12.49
CA SER G 260 -10.17 -9.31 -12.68
C SER G 260 -9.84 -8.53 -11.41
N GLN G 261 -8.55 -8.49 -11.07
CA GLN G 261 -8.05 -7.73 -9.93
C GLN G 261 -7.38 -6.43 -10.37
N GLU G 262 -7.72 -5.92 -11.55
CA GLU G 262 -7.17 -4.66 -12.02
C GLU G 262 -7.43 -3.54 -11.04
N GLY G 263 -8.70 -3.30 -10.72
CA GLY G 263 -9.04 -2.25 -9.77
C GLY G 263 -8.44 -2.47 -8.40
N ALA G 264 -8.24 -3.73 -8.02
CA ALA G 264 -7.65 -4.03 -6.72
C ALA G 264 -6.20 -3.57 -6.65
N VAL G 265 -5.41 -3.90 -7.67
CA VAL G 265 -4.00 -3.52 -7.66
C VAL G 265 -3.85 -2.01 -7.93
N HIS G 266 -4.64 -1.47 -8.86
CA HIS G 266 -4.54 -0.05 -9.17
C HIS G 266 -4.78 0.80 -7.93
N THR G 267 -5.75 0.42 -7.10
CA THR G 267 -5.95 1.12 -5.83
C THR G 267 -4.81 0.83 -4.86
N ALA G 268 -4.18 -0.34 -4.98
CA ALA G 268 -3.10 -0.70 -4.06
C ALA G 268 -1.82 0.09 -4.35
N LEU G 269 -1.58 0.42 -5.62
CA LEU G 269 -0.39 1.18 -6.01
C LEU G 269 -0.57 2.69 -5.85
N ALA G 270 -1.65 3.13 -5.21
CA ALA G 270 -1.93 4.56 -5.11
C ALA G 270 -0.98 5.19 -4.10
N GLY G 271 -0.03 5.98 -4.59
CA GLY G 271 0.84 6.73 -3.71
C GLY G 271 2.30 6.82 -4.11
N ALA G 272 2.78 5.84 -4.88
CA ALA G 272 4.20 5.76 -5.21
C ALA G 272 4.53 6.61 -6.44
N LEU G 273 5.82 6.71 -6.71
CA LEU G 273 6.32 7.40 -7.91
C LEU G 273 6.38 6.41 -9.06
N GLU G 274 5.76 6.75 -10.18
CA GLU G 274 5.65 5.85 -11.32
C GLU G 274 5.78 6.64 -12.61
N ALA G 275 6.12 5.94 -13.70
CA ALA G 275 6.29 6.58 -15.00
C ALA G 275 6.25 5.53 -16.10
N GLU G 276 6.07 6.02 -17.33
CA GLU G 276 5.60 5.27 -18.49
C GLU G 276 6.76 4.97 -19.45
N MET G 277 6.49 4.13 -20.45
CA MET G 277 7.49 3.73 -21.43
C MET G 277 6.85 3.54 -22.81
N ASP G 278 7.57 3.99 -23.85
CA ASP G 278 7.32 3.55 -25.22
C ASP G 278 8.49 3.96 -26.11
N GLY G 279 9.18 2.99 -26.72
CA GLY G 279 8.93 1.59 -26.49
C GLY G 279 10.18 0.81 -26.12
N ALA G 280 10.01 -0.18 -25.24
CA ALA G 280 11.10 -1.02 -24.74
C ALA G 280 12.18 -0.20 -24.03
N LYS G 281 11.85 1.02 -23.60
CA LYS G 281 12.78 1.88 -22.87
C LYS G 281 12.01 2.51 -21.71
N GLY G 282 12.38 2.15 -20.49
CA GLY G 282 11.64 2.62 -19.33
C GLY G 282 11.94 4.05 -18.96
N ARG G 283 11.01 4.95 -19.28
CA ARG G 283 11.18 6.37 -19.02
C ARG G 283 10.63 6.70 -17.63
N LEU G 284 11.50 7.17 -16.74
CA LEU G 284 11.12 7.54 -15.38
C LEU G 284 11.05 9.06 -15.27
N SER G 285 10.27 9.53 -14.29
CA SER G 285 10.12 10.95 -14.02
C SER G 285 10.54 11.22 -12.58
N SER G 286 11.85 11.44 -12.40
CA SER G 286 12.41 11.80 -11.10
C SER G 286 13.78 12.43 -11.35
N GLY G 287 14.20 13.29 -10.43
CA GLY G 287 15.40 14.09 -10.64
C GLY G 287 16.57 13.78 -9.73
N HIS G 288 17.07 14.82 -9.05
CA HIS G 288 18.27 14.76 -8.22
C HIS G 288 19.48 14.28 -9.05
N LEU G 289 19.88 15.15 -9.96
CA LEU G 289 21.08 14.97 -10.77
C LEU G 289 22.11 16.01 -10.34
N LYS G 290 23.14 15.57 -9.61
CA LYS G 290 24.15 16.46 -9.06
C LYS G 290 25.29 16.59 -10.06
N CYS G 291 25.36 17.72 -10.76
CA CYS G 291 26.27 17.93 -11.86
C CYS G 291 27.36 18.94 -11.50
N ARG G 292 28.46 18.88 -12.25
CA ARG G 292 29.58 19.81 -12.13
C ARG G 292 30.14 20.03 -13.53
N LEU G 293 30.06 21.25 -14.03
CA LEU G 293 30.35 21.54 -15.42
C LEU G 293 31.41 22.62 -15.55
N LYS G 294 32.23 22.50 -16.60
CA LYS G 294 33.30 23.45 -16.91
C LYS G 294 33.05 24.04 -18.28
N MET G 295 32.96 25.36 -18.35
CA MET G 295 32.80 26.10 -19.60
C MET G 295 34.09 26.74 -20.06
N ASP G 296 35.23 26.08 -19.83
CA ASP G 296 36.53 26.69 -20.14
C ASP G 296 36.67 26.98 -21.62
N LYS G 297 36.35 26.00 -22.47
CA LYS G 297 36.41 26.17 -23.92
C LYS G 297 35.10 26.68 -24.50
N LEU G 298 34.21 27.20 -23.66
CA LEU G 298 32.94 27.77 -24.13
C LEU G 298 33.18 29.22 -24.52
N ARG G 299 33.46 29.46 -25.80
CA ARG G 299 33.76 30.79 -26.30
C ARG G 299 32.50 31.51 -26.75
N LEU G 300 32.67 32.78 -27.11
CA LEU G 300 31.58 33.68 -27.44
C LEU G 300 31.34 33.69 -28.94
N LYS G 301 30.54 34.63 -29.42
CA LYS G 301 30.27 34.77 -30.84
C LYS G 301 30.32 36.21 -31.34
N GLY G 302 30.15 37.21 -30.48
CA GLY G 302 29.89 38.56 -30.95
C GLY G 302 30.59 39.73 -30.29
N VAL G 303 31.83 39.54 -29.79
CA VAL G 303 32.50 40.67 -29.15
C VAL G 303 32.81 41.77 -30.16
N SER G 304 33.03 41.42 -31.43
CA SER G 304 33.54 42.35 -32.41
C SER G 304 32.45 43.09 -33.18
N TYR G 305 31.20 43.03 -32.72
CA TYR G 305 30.12 43.76 -33.37
C TYR G 305 30.05 45.19 -32.86
N SER G 306 29.49 46.06 -33.70
CA SER G 306 29.28 47.45 -33.33
C SER G 306 27.87 47.64 -32.76
N LEU G 307 27.63 48.83 -32.23
CA LEU G 307 26.34 49.13 -31.62
C LEU G 307 25.28 49.35 -32.69
N CYS G 308 24.02 49.25 -32.25
CA CYS G 308 22.90 49.51 -33.14
C CYS G 308 22.79 51.00 -33.44
N THR G 309 22.19 51.31 -34.59
CA THR G 309 21.94 52.68 -34.99
C THR G 309 20.47 53.01 -35.21
N ALA G 310 19.65 52.02 -35.59
CA ALA G 310 18.26 52.27 -35.93
C ALA G 310 17.36 52.17 -34.71
N ALA G 311 16.06 52.28 -34.94
CA ALA G 311 15.08 52.36 -33.87
C ALA G 311 14.51 50.98 -33.55
N PHE G 312 14.07 50.84 -32.30
CA PHE G 312 13.39 49.64 -31.82
C PHE G 312 11.93 49.97 -31.53
N THR G 313 11.13 48.92 -31.35
CA THR G 313 9.73 49.10 -30.95
C THR G 313 9.23 47.81 -30.32
N PHE G 314 8.57 47.92 -29.17
CA PHE G 314 8.02 46.76 -28.49
C PHE G 314 6.99 46.06 -29.35
N THR G 315 7.09 44.73 -29.43
CA THR G 315 5.98 43.90 -29.89
C THR G 315 5.28 43.20 -28.73
N LYS G 316 5.92 43.11 -27.57
CA LYS G 316 5.30 42.64 -26.35
C LYS G 316 5.84 43.47 -25.19
N ILE G 317 4.95 43.92 -24.31
CA ILE G 317 5.33 44.71 -23.14
C ILE G 317 6.14 43.84 -22.20
N PRO G 318 7.04 44.40 -21.40
CA PRO G 318 7.79 43.59 -20.43
C PRO G 318 6.85 42.84 -19.48
N ALA G 319 6.98 41.52 -19.48
CA ALA G 319 6.12 40.63 -18.71
C ALA G 319 6.94 39.95 -17.63
N GLU G 320 6.46 40.05 -16.38
CA GLU G 320 7.16 39.45 -15.25
C GLU G 320 6.90 37.95 -15.18
N THR G 321 7.93 37.20 -14.81
CA THR G 321 7.80 35.77 -14.57
C THR G 321 7.53 35.52 -13.10
N LEU G 322 7.42 34.24 -12.72
CA LEU G 322 7.18 33.88 -11.34
C LEU G 322 8.31 34.34 -10.43
N HIS G 323 9.54 34.34 -10.93
CA HIS G 323 10.73 34.58 -10.12
C HIS G 323 11.17 36.05 -10.16
N GLY G 324 10.30 36.95 -10.58
CA GLY G 324 10.64 38.36 -10.66
C GLY G 324 11.41 38.77 -11.88
N THR G 325 11.90 37.82 -12.67
CA THR G 325 12.62 38.11 -13.90
C THR G 325 11.62 38.43 -15.02
N VAL G 326 12.05 39.27 -15.95
CA VAL G 326 11.16 39.83 -16.97
C VAL G 326 11.76 39.56 -18.36
N THR G 327 10.89 39.22 -19.31
CA THR G 327 11.26 39.03 -20.69
C THR G 327 10.74 40.18 -21.54
N VAL G 328 11.50 40.54 -22.58
CA VAL G 328 11.15 41.62 -23.48
C VAL G 328 11.50 41.20 -24.90
N GLU G 329 10.61 41.53 -25.84
CA GLU G 329 10.80 41.23 -27.26
C GLU G 329 10.50 42.49 -28.07
N VAL G 330 11.39 42.81 -29.01
CA VAL G 330 11.37 44.09 -29.70
C VAL G 330 11.56 43.85 -31.19
N GLN G 331 11.11 44.82 -32.00
CA GLN G 331 11.43 44.84 -33.41
C GLN G 331 12.64 45.75 -33.66
N TYR G 332 13.30 45.51 -34.79
CA TYR G 332 14.58 46.15 -35.11
C TYR G 332 14.49 46.66 -36.55
N ALA G 333 14.39 47.98 -36.71
CA ALA G 333 14.14 48.59 -38.02
C ALA G 333 15.41 48.96 -38.77
N GLY G 334 16.50 48.23 -38.58
CA GLY G 334 17.77 48.58 -39.17
C GLY G 334 18.39 47.46 -39.99
N THR G 335 19.14 47.86 -41.01
CA THR G 335 20.01 46.96 -41.76
C THR G 335 21.42 46.92 -41.21
N ASP G 336 21.68 47.63 -40.10
CA ASP G 336 22.99 47.64 -39.47
C ASP G 336 23.47 46.24 -39.15
N GLY G 337 22.55 45.30 -38.97
CA GLY G 337 22.89 43.93 -38.63
C GLY G 337 23.85 43.27 -39.60
N PRO G 338 24.66 42.34 -39.10
CA PRO G 338 24.69 41.93 -37.69
C PRO G 338 25.42 42.92 -36.78
N CYS G 339 24.91 43.12 -35.57
CA CYS G 339 25.48 44.09 -34.64
C CYS G 339 25.02 43.73 -33.23
N LYS G 340 25.50 44.49 -32.25
CA LYS G 340 25.14 44.28 -30.86
C LYS G 340 23.97 45.17 -30.48
N VAL G 341 23.09 44.63 -29.64
CA VAL G 341 21.87 45.33 -29.21
C VAL G 341 22.20 46.08 -27.93
N PRO G 342 22.03 47.41 -27.90
CA PRO G 342 22.33 48.18 -26.67
C PRO G 342 21.22 48.04 -25.64
N ALA G 343 21.51 47.31 -24.56
CA ALA G 343 20.57 47.11 -23.47
C ALA G 343 21.19 47.60 -22.17
N GLN G 344 20.39 48.31 -21.37
CA GLN G 344 20.92 48.93 -20.17
C GLN G 344 19.82 49.10 -19.13
N MET G 345 20.26 49.40 -17.91
CA MET G 345 19.47 49.37 -16.69
C MET G 345 18.91 50.77 -16.34
N ALA G 346 18.53 50.93 -15.07
CA ALA G 346 17.48 51.81 -14.52
C ALA G 346 17.71 53.32 -14.58
N VAL G 347 18.94 53.78 -14.79
CA VAL G 347 19.33 55.05 -14.21
C VAL G 347 18.92 56.25 -15.10
N ASP G 348 19.25 56.21 -16.39
CA ASP G 348 18.62 57.02 -17.47
C ASP G 348 18.58 58.53 -17.22
N MET G 349 19.75 59.14 -17.07
CA MET G 349 19.88 60.60 -17.22
C MET G 349 21.36 60.89 -17.49
N GLN G 350 21.77 62.15 -17.27
CA GLN G 350 23.18 62.51 -17.35
C GLN G 350 24.05 61.69 -16.39
N THR G 351 25.07 61.02 -16.93
CA THR G 351 26.09 60.33 -16.14
C THR G 351 25.49 59.26 -15.24
N LEU G 352 24.90 58.24 -15.84
CA LEU G 352 24.17 57.26 -15.05
C LEU G 352 24.75 55.84 -15.18
N THR G 353 24.58 55.07 -14.12
CA THR G 353 25.33 53.83 -13.87
C THR G 353 24.39 52.64 -13.74
N PRO G 354 24.46 51.65 -14.63
CA PRO G 354 23.44 50.59 -14.65
C PRO G 354 23.46 49.75 -13.38
N VAL G 355 22.28 49.54 -12.82
CA VAL G 355 22.09 48.71 -11.63
C VAL G 355 21.18 47.54 -12.00
N GLY G 356 21.67 46.33 -11.83
CA GLY G 356 20.96 45.14 -12.21
C GLY G 356 21.70 44.36 -13.27
N ARG G 357 21.42 43.05 -13.33
CA ARG G 357 22.14 42.14 -14.21
C ARG G 357 21.23 41.63 -15.32
N LEU G 358 21.83 41.34 -16.46
CA LEU G 358 21.15 40.86 -17.66
C LEU G 358 21.43 39.38 -17.84
N ILE G 359 20.39 38.60 -18.10
CA ILE G 359 20.57 37.15 -18.22
C ILE G 359 20.96 36.75 -19.64
N THR G 360 20.42 37.42 -20.65
CA THR G 360 20.77 37.15 -22.05
C THR G 360 21.97 38.01 -22.40
N ALA G 361 23.13 37.57 -21.92
CA ALA G 361 24.36 38.37 -22.05
C ALA G 361 24.76 38.52 -23.51
N ASN G 362 25.27 39.72 -23.83
CA ASN G 362 25.69 40.10 -25.18
C ASN G 362 24.58 39.84 -26.20
N PRO G 363 23.49 40.61 -26.16
CA PRO G 363 22.43 40.42 -27.16
C PRO G 363 22.87 40.97 -28.51
N VAL G 364 22.65 40.17 -29.56
CA VAL G 364 23.00 40.54 -30.93
C VAL G 364 21.87 40.11 -31.85
N ILE G 365 21.94 40.58 -33.10
CA ILE G 365 21.07 40.11 -34.16
C ILE G 365 21.93 39.46 -35.23
N THR G 366 21.38 38.42 -35.87
CA THR G 366 22.03 37.78 -36.99
C THR G 366 21.41 38.16 -38.33
N GLU G 367 20.14 38.56 -38.34
CA GLU G 367 19.48 38.98 -39.56
C GLU G 367 19.80 40.44 -39.86
N SER G 368 20.20 40.72 -41.09
CA SER G 368 20.57 42.08 -41.47
C SER G 368 19.34 42.91 -41.83
N THR G 369 18.59 42.47 -42.84
CA THR G 369 17.49 43.26 -43.40
C THR G 369 16.17 42.52 -43.27
N GLU G 370 15.13 43.24 -42.87
CA GLU G 370 15.29 44.59 -42.32
C GLU G 370 14.71 44.73 -40.92
N ASN G 371 13.46 44.31 -40.75
CA ASN G 371 12.75 44.49 -39.47
C ASN G 371 12.73 43.16 -38.73
N SER G 372 13.83 42.87 -38.06
CA SER G 372 13.98 41.63 -37.32
C SER G 372 13.45 41.77 -35.89
N LYS G 373 13.13 40.62 -35.29
CA LYS G 373 12.70 40.55 -33.91
C LYS G 373 13.75 39.79 -33.09
N MET G 374 13.81 40.10 -31.79
CA MET G 374 14.80 39.48 -30.92
C MET G 374 14.28 39.47 -29.49
N MET G 375 14.66 38.43 -28.74
CA MET G 375 14.23 38.24 -27.38
C MET G 375 15.40 38.45 -26.43
N LEU G 376 15.15 39.14 -25.31
CA LEU G 376 16.14 39.31 -24.27
C LEU G 376 15.45 39.28 -22.93
N GLU G 377 16.21 38.90 -21.90
CA GLU G 377 15.68 38.67 -20.57
C GLU G 377 16.56 39.38 -19.55
N LEU G 378 15.92 40.07 -18.60
CA LEU G 378 16.65 40.84 -17.60
C LEU G 378 16.16 40.48 -16.20
N ASP G 379 17.08 40.51 -15.24
CA ASP G 379 16.77 40.40 -13.82
C ASP G 379 16.98 41.77 -13.19
N PRO G 380 15.94 42.60 -13.10
CA PRO G 380 16.12 43.92 -12.51
C PRO G 380 16.42 43.82 -11.03
N PRO G 381 17.08 44.82 -10.45
CA PRO G 381 17.53 44.69 -9.07
C PRO G 381 16.37 44.68 -8.09
N PHE G 382 16.66 44.19 -6.88
CA PHE G 382 15.76 44.42 -5.76
C PHE G 382 15.59 45.92 -5.66
N GLY G 383 14.42 46.41 -6.06
CA GLY G 383 14.26 47.83 -6.26
C GLY G 383 13.27 48.09 -7.36
N ASP G 384 13.64 48.95 -8.29
CA ASP G 384 12.79 49.27 -9.42
C ASP G 384 13.70 49.93 -10.45
N SER G 385 13.30 49.83 -11.71
CA SER G 385 14.23 50.12 -12.77
C SER G 385 13.50 50.61 -14.00
N TYR G 386 14.25 51.30 -14.85
CA TYR G 386 13.87 51.60 -16.22
C TYR G 386 14.71 50.72 -17.14
N ILE G 387 14.06 50.08 -18.11
CA ILE G 387 14.78 49.34 -19.14
C ILE G 387 14.98 50.27 -20.33
N VAL G 388 16.23 50.56 -20.65
CA VAL G 388 16.58 51.41 -21.77
C VAL G 388 17.26 50.55 -22.83
N ILE G 389 16.66 50.49 -24.01
CA ILE G 389 17.23 49.78 -25.15
C ILE G 389 17.38 50.79 -26.29
N GLY G 390 18.54 50.77 -26.94
CA GLY G 390 18.91 51.79 -27.91
C GLY G 390 19.94 52.74 -27.33
N VAL G 391 20.40 53.66 -28.17
CA VAL G 391 21.43 54.62 -27.80
C VAL G 391 21.09 55.98 -28.42
N GLY G 392 21.25 57.03 -27.62
CA GLY G 392 21.04 58.39 -28.12
C GLY G 392 19.62 58.58 -28.57
N GLU G 393 19.47 59.12 -29.78
CA GLU G 393 18.15 59.29 -30.38
C GLU G 393 17.46 57.94 -30.54
N LYS G 394 16.16 58.01 -30.85
CA LYS G 394 15.29 56.86 -31.12
C LYS G 394 15.51 55.70 -30.15
N LYS G 395 15.84 56.02 -28.90
CA LYS G 395 15.94 55.02 -27.85
C LYS G 395 14.53 54.51 -27.48
N ILE G 396 14.49 53.47 -26.65
CA ILE G 396 13.25 52.98 -26.09
C ILE G 396 13.42 52.85 -24.59
N THR G 397 12.57 53.52 -23.83
CA THR G 397 12.62 53.53 -22.37
C THR G 397 11.30 53.01 -21.81
N HIS G 398 11.39 52.19 -20.77
CA HIS G 398 10.21 51.63 -20.13
C HIS G 398 10.47 51.52 -18.64
N HIS G 399 9.52 52.03 -17.84
CA HIS G 399 9.62 51.88 -16.39
C HIS G 399 9.09 50.51 -15.98
N TRP G 400 9.70 49.95 -14.95
CA TRP G 400 9.31 48.63 -14.50
C TRP G 400 8.92 48.68 -13.02
N HIS G 401 8.56 47.52 -12.49
CA HIS G 401 8.11 47.37 -11.11
C HIS G 401 8.50 45.96 -10.66
N ARG G 402 9.68 45.84 -10.04
CA ARG G 402 9.98 44.64 -9.25
C ARG G 402 9.15 44.77 -7.98
N SER G 403 7.84 44.63 -8.19
CA SER G 403 6.78 45.30 -7.45
C SER G 403 7.23 46.00 -6.17
N VAL H 2 -45.08 25.33 -34.71
CA VAL H 2 -44.21 26.38 -34.21
C VAL H 2 -44.37 27.62 -35.08
N GLN H 3 -44.55 28.78 -34.44
CA GLN H 3 -44.80 30.02 -35.16
C GLN H 3 -43.92 31.12 -34.60
N LEU H 4 -43.16 31.78 -35.48
CA LEU H 4 -42.32 32.92 -35.11
C LEU H 4 -42.67 34.09 -36.01
N VAL H 5 -43.38 35.08 -35.46
CA VAL H 5 -43.86 36.22 -36.22
C VAL H 5 -43.17 37.48 -35.74
N GLU H 6 -42.37 38.08 -36.61
CA GLU H 6 -41.66 39.31 -36.28
C GLU H 6 -42.47 40.53 -36.72
N SER H 7 -42.14 41.66 -36.11
CA SER H 7 -42.74 42.95 -36.44
C SER H 7 -41.85 44.04 -35.85
N GLY H 8 -42.21 45.29 -36.11
CA GLY H 8 -41.50 46.42 -35.55
C GLY H 8 -40.42 47.04 -36.42
N GLY H 9 -40.33 46.66 -37.70
CA GLY H 9 -39.35 47.18 -38.61
C GLY H 9 -39.87 48.32 -39.48
N GLY H 10 -39.03 48.75 -40.40
CA GLY H 10 -39.40 49.80 -41.33
C GLY H 10 -38.18 50.64 -41.68
N LEU H 11 -38.43 51.85 -42.18
CA LEU H 11 -37.37 52.74 -42.62
C LEU H 11 -36.90 53.62 -41.47
N VAL H 12 -35.61 53.56 -41.16
CA VAL H 12 -34.99 54.42 -40.16
C VAL H 12 -33.79 55.10 -40.79
N GLN H 13 -33.39 56.21 -40.18
CA GLN H 13 -32.32 57.05 -40.71
C GLN H 13 -31.09 56.98 -39.81
N PRO H 14 -29.89 57.26 -40.37
CA PRO H 14 -28.65 56.89 -39.68
C PRO H 14 -28.46 57.63 -38.36
N GLY H 15 -28.16 56.88 -37.31
CA GLY H 15 -28.18 57.39 -35.96
C GLY H 15 -29.50 57.24 -35.24
N GLY H 16 -30.52 56.69 -35.89
CA GLY H 16 -31.79 56.41 -35.26
C GLY H 16 -31.80 55.07 -34.55
N SER H 17 -33.00 54.66 -34.15
CA SER H 17 -33.15 53.44 -33.39
C SER H 17 -34.45 52.75 -33.79
N LEU H 18 -34.41 51.43 -33.85
CA LEU H 18 -35.59 50.60 -34.06
C LEU H 18 -35.65 49.54 -32.97
N ARG H 19 -36.84 48.99 -32.77
CA ARG H 19 -37.07 48.01 -31.71
C ARG H 19 -37.95 46.89 -32.27
N LEU H 20 -37.37 45.72 -32.48
CA LEU H 20 -38.04 44.61 -33.12
C LEU H 20 -38.72 43.70 -32.10
N SER H 21 -39.88 43.17 -32.46
CA SER H 21 -40.65 42.31 -31.57
C SER H 21 -41.07 41.04 -32.31
N CYS H 22 -41.05 39.91 -31.60
CA CYS H 22 -41.44 38.62 -32.17
C CYS H 22 -42.34 37.88 -31.20
N ALA H 23 -43.55 37.55 -31.64
CA ALA H 23 -44.47 36.73 -30.88
C ALA H 23 -44.27 35.25 -31.23
N ALA H 24 -44.15 34.42 -30.20
CA ALA H 24 -43.85 33.00 -30.37
C ALA H 24 -45.00 32.15 -29.86
N SER H 25 -45.26 31.03 -30.55
CA SER H 25 -46.30 30.10 -30.17
C SER H 25 -45.95 28.71 -30.69
N GLY H 26 -46.71 27.71 -30.26
CA GLY H 26 -46.50 26.35 -30.67
C GLY H 26 -45.46 25.58 -29.88
N PHE H 27 -44.88 26.19 -28.84
CA PHE H 27 -43.88 25.53 -28.02
C PHE H 27 -43.76 26.30 -26.71
N THR H 28 -43.11 25.68 -25.73
CA THR H 28 -42.88 26.32 -24.44
C THR H 28 -41.78 27.36 -24.61
N PHE H 29 -42.18 28.62 -24.77
CA PHE H 29 -41.24 29.69 -25.09
C PHE H 29 -40.25 29.93 -23.95
N SER H 30 -40.72 29.86 -22.72
CA SER H 30 -39.89 30.20 -21.57
C SER H 30 -38.78 29.19 -21.30
N SER H 31 -38.71 28.08 -22.04
CA SER H 31 -37.74 27.04 -21.79
C SER H 31 -36.63 26.98 -22.84
N ASP H 32 -36.65 27.88 -23.82
CA ASP H 32 -35.69 27.84 -24.91
C ASP H 32 -34.96 29.17 -25.03
N GLY H 33 -33.68 29.11 -25.40
CA GLY H 33 -32.97 30.30 -25.79
C GLY H 33 -33.36 30.77 -27.18
N MET H 34 -33.17 32.07 -27.42
CA MET H 34 -33.57 32.69 -28.67
C MET H 34 -32.42 33.55 -29.20
N SER H 35 -32.42 33.75 -30.52
CA SER H 35 -31.38 34.53 -31.16
C SER H 35 -31.95 35.31 -32.33
N TRP H 36 -31.32 36.45 -32.61
CA TRP H 36 -31.63 37.24 -33.79
C TRP H 36 -30.52 37.03 -34.82
N VAL H 37 -30.91 36.91 -36.09
CA VAL H 37 -29.97 36.74 -37.18
C VAL H 37 -30.37 37.67 -38.32
N ARG H 38 -29.38 38.34 -38.90
CA ARG H 38 -29.60 39.32 -39.95
C ARG H 38 -29.06 38.78 -41.27
N GLN H 39 -29.59 39.32 -42.38
CA GLN H 39 -29.11 38.98 -43.72
C GLN H 39 -29.24 40.20 -44.60
N ALA H 40 -28.13 40.84 -44.91
CA ALA H 40 -28.13 42.01 -45.78
C ALA H 40 -28.59 41.62 -47.19
N PRO H 41 -29.14 42.57 -47.95
CA PRO H 41 -29.65 42.24 -49.29
C PRO H 41 -28.57 41.67 -50.21
N GLY H 42 -28.77 40.41 -50.60
CA GLY H 42 -27.87 39.72 -51.51
C GLY H 42 -26.68 39.04 -50.88
N LYS H 43 -26.51 39.15 -49.56
CA LYS H 43 -25.36 38.55 -48.88
C LYS H 43 -25.85 37.46 -47.93
N GLY H 44 -24.90 36.83 -47.23
CA GLY H 44 -25.20 35.70 -46.38
C GLY H 44 -25.71 36.07 -45.00
N LEU H 45 -25.74 35.08 -44.12
CA LEU H 45 -26.26 35.21 -42.76
C LEU H 45 -25.14 35.53 -41.78
N GLU H 46 -25.47 36.31 -40.76
CA GLU H 46 -24.55 36.59 -39.67
C GLU H 46 -25.35 36.77 -38.39
N TRP H 47 -24.91 36.12 -37.32
CA TRP H 47 -25.61 36.15 -36.04
C TRP H 47 -25.50 37.52 -35.38
N VAL H 48 -26.60 37.95 -34.75
CA VAL H 48 -26.67 39.27 -34.12
C VAL H 48 -26.51 39.16 -32.61
N SER H 49 -27.44 38.47 -31.95
CA SER H 49 -27.42 38.40 -30.50
C SER H 49 -28.20 37.19 -30.00
N TYR H 50 -27.84 36.71 -28.82
CA TYR H 50 -28.46 35.56 -28.19
C TYR H 50 -28.88 35.90 -26.76
N ILE H 51 -29.97 35.28 -26.31
CA ILE H 51 -30.42 35.41 -24.93
C ILE H 51 -30.88 34.03 -24.46
N SER H 52 -30.56 33.70 -23.21
CA SER H 52 -30.90 32.39 -22.67
C SER H 52 -32.39 32.34 -22.34
N SER H 53 -32.84 31.15 -21.91
CA SER H 53 -34.25 30.94 -21.61
C SER H 53 -34.73 31.87 -20.50
N GLY H 54 -33.99 31.93 -19.39
CA GLY H 54 -34.35 32.79 -18.28
C GLY H 54 -33.94 34.24 -18.42
N GLY H 55 -33.07 34.55 -19.37
CA GLY H 55 -32.63 35.91 -19.60
C GLY H 55 -31.39 36.33 -18.86
N ALA H 56 -30.78 35.43 -18.08
CA ALA H 56 -29.62 35.81 -17.28
C ALA H 56 -28.39 36.06 -18.16
N THR H 57 -28.27 35.36 -19.28
CA THR H 57 -27.09 35.44 -20.13
C THR H 57 -27.47 36.01 -21.49
N THR H 58 -26.75 37.05 -21.92
CA THR H 58 -26.91 37.63 -23.25
C THR H 58 -25.56 37.75 -23.92
N TYR H 59 -25.55 37.56 -25.24
CA TYR H 59 -24.34 37.64 -26.06
C TYR H 59 -24.60 38.50 -27.28
N TYR H 60 -23.56 39.18 -27.75
CA TYR H 60 -23.67 40.10 -28.87
C TYR H 60 -22.48 39.96 -29.80
N ALA H 61 -22.74 40.10 -31.10
CA ALA H 61 -21.68 40.15 -32.11
C ALA H 61 -20.89 41.45 -31.98
N ASP H 62 -19.61 41.37 -32.33
CA ASP H 62 -18.70 42.51 -32.16
C ASP H 62 -19.16 43.73 -32.95
N SER H 63 -19.79 43.52 -34.11
CA SER H 63 -20.34 44.61 -34.91
C SER H 63 -21.59 45.25 -34.30
N VAL H 64 -22.10 44.70 -33.20
CA VAL H 64 -23.39 45.12 -32.65
C VAL H 64 -23.26 45.44 -31.16
N LYS H 65 -22.12 45.09 -30.57
CA LYS H 65 -21.94 45.24 -29.14
C LYS H 65 -22.00 46.70 -28.72
N GLY H 66 -22.64 46.97 -27.58
CA GLY H 66 -22.80 48.31 -27.09
C GLY H 66 -23.90 49.11 -27.75
N ARG H 67 -24.41 48.67 -28.89
CA ARG H 67 -25.46 49.36 -29.63
C ARG H 67 -26.81 48.66 -29.57
N PHE H 68 -26.82 47.34 -29.54
CA PHE H 68 -28.06 46.56 -29.49
C PHE H 68 -28.28 45.98 -28.10
N THR H 69 -29.53 45.62 -27.83
CA THR H 69 -29.91 44.99 -26.58
C THR H 69 -31.07 44.03 -26.83
N ILE H 70 -30.95 42.82 -26.31
CA ILE H 70 -31.95 41.76 -26.52
C ILE H 70 -32.72 41.56 -25.22
N SER H 71 -34.03 41.34 -25.33
CA SER H 71 -34.90 41.24 -24.17
C SER H 71 -35.89 40.10 -24.35
N ARG H 72 -36.51 39.69 -23.23
CA ARG H 72 -37.50 38.63 -23.21
C ARG H 72 -38.64 39.01 -22.27
N ASP H 73 -39.83 38.48 -22.58
CA ASP H 73 -40.99 38.55 -21.68
C ASP H 73 -41.64 37.17 -21.74
N ASN H 74 -41.20 36.29 -20.84
CA ASN H 74 -41.65 34.90 -20.89
C ASN H 74 -43.12 34.76 -20.53
N SER H 75 -43.70 35.76 -19.85
CA SER H 75 -45.14 35.74 -19.58
C SER H 75 -45.93 36.05 -20.85
N LYS H 76 -45.41 36.94 -21.69
CA LYS H 76 -46.07 37.30 -22.93
C LYS H 76 -45.56 36.54 -24.15
N ASN H 77 -44.49 35.75 -24.00
CA ASN H 77 -43.92 34.97 -25.09
C ASN H 77 -43.51 35.89 -26.25
N THR H 78 -42.69 36.90 -25.94
CA THR H 78 -42.25 37.88 -26.90
C THR H 78 -40.75 38.08 -26.79
N LEU H 79 -40.07 38.10 -27.93
CA LEU H 79 -38.64 38.40 -27.98
C LEU H 79 -38.44 39.78 -28.56
N SER H 80 -37.55 40.55 -27.94
CA SER H 80 -37.30 41.93 -28.32
C SER H 80 -35.83 42.08 -28.67
N LEU H 81 -35.57 42.98 -29.62
CA LEU H 81 -34.23 43.38 -30.03
C LEU H 81 -34.21 44.90 -30.19
N GLN H 82 -33.54 45.57 -29.27
CA GLN H 82 -33.39 47.02 -29.28
C GLN H 82 -32.12 47.39 -30.05
N MET H 83 -32.30 48.21 -31.09
CA MET H 83 -31.20 48.62 -31.95
C MET H 83 -31.01 50.12 -31.79
N ASN H 84 -29.85 50.54 -31.31
CA ASN H 84 -29.53 51.96 -31.18
C ASN H 84 -28.38 52.32 -32.10
N SER H 85 -28.29 53.62 -32.40
CA SER H 85 -27.20 54.19 -33.21
C SER H 85 -27.04 53.43 -34.52
N LEU H 86 -28.15 53.29 -35.24
CA LEU H 86 -28.15 52.50 -36.46
C LEU H 86 -27.34 53.16 -37.56
N ARG H 87 -26.56 52.35 -38.27
CA ARG H 87 -25.76 52.78 -39.41
C ARG H 87 -26.23 52.06 -40.67
N GLY H 88 -25.65 52.43 -41.81
CA GLY H 88 -26.04 51.82 -43.06
C GLY H 88 -25.70 50.34 -43.17
N GLU H 89 -24.75 49.86 -42.36
CA GLU H 89 -24.45 48.43 -42.34
C GLU H 89 -25.63 47.62 -41.82
N ASP H 90 -26.46 48.22 -40.97
CA ASP H 90 -27.54 47.50 -40.30
C ASP H 90 -28.75 47.27 -41.18
N THR H 91 -28.72 47.68 -42.45
CA THR H 91 -29.83 47.42 -43.37
C THR H 91 -29.82 45.94 -43.74
N ALA H 92 -30.84 45.21 -43.33
CA ALA H 92 -30.92 43.77 -43.57
C ALA H 92 -32.30 43.28 -43.17
N VAL H 93 -32.56 42.01 -43.47
CA VAL H 93 -33.70 41.29 -42.92
C VAL H 93 -33.26 40.62 -41.63
N TYR H 94 -34.06 40.78 -40.58
CA TYR H 94 -33.71 40.29 -39.24
C TYR H 94 -34.59 39.10 -38.91
N TYR H 95 -33.97 37.95 -38.68
CA TYR H 95 -34.68 36.72 -38.40
C TYR H 95 -34.65 36.44 -36.90
N CYS H 96 -35.80 36.03 -36.36
CA CYS H 96 -35.88 35.54 -34.99
C CYS H 96 -35.86 34.02 -35.02
N ALA H 97 -35.04 33.41 -34.16
CA ALA H 97 -34.83 31.97 -34.23
C ALA H 97 -34.70 31.37 -32.84
N LYS H 98 -35.25 30.17 -32.68
CA LYS H 98 -35.02 29.39 -31.47
C LYS H 98 -33.57 28.92 -31.44
N ASP H 99 -32.83 29.32 -30.40
CA ASP H 99 -31.44 28.89 -30.22
C ASP H 99 -31.44 27.93 -29.02
N ILE H 100 -31.66 26.66 -29.31
CA ILE H 100 -31.98 25.67 -28.26
C ILE H 100 -30.73 25.15 -27.58
N THR H 101 -30.94 24.49 -26.44
CA THR H 101 -29.92 23.74 -25.73
C THR H 101 -30.48 22.36 -25.45
N ALA H 102 -29.74 21.33 -25.83
CA ALA H 102 -30.16 19.94 -25.69
C ALA H 102 -28.98 19.14 -25.13
N PRO H 103 -29.13 17.85 -24.82
CA PRO H 103 -27.96 17.10 -24.36
C PRO H 103 -26.90 16.97 -25.45
N GLY H 104 -25.86 17.80 -25.34
CA GLY H 104 -24.78 17.78 -26.30
C GLY H 104 -25.17 18.32 -27.67
N ARG H 105 -26.22 19.12 -27.74
CA ARG H 105 -26.72 19.59 -29.03
C ARG H 105 -27.32 20.98 -28.89
N ASN H 106 -27.14 21.79 -29.94
CA ASN H 106 -27.62 23.17 -29.97
C ASN H 106 -28.30 23.34 -31.32
N GLY H 107 -28.53 24.59 -31.71
CA GLY H 107 -28.94 24.86 -33.07
C GLY H 107 -30.09 25.84 -33.21
N LEU H 108 -30.25 26.38 -34.42
CA LEU H 108 -31.35 27.30 -34.73
C LEU H 108 -32.49 26.49 -35.36
N ASP H 109 -33.29 25.87 -34.48
CA ASP H 109 -34.29 24.89 -34.92
C ASP H 109 -35.37 25.53 -35.78
N SER H 110 -35.94 26.64 -35.32
CA SER H 110 -37.03 27.29 -36.03
C SER H 110 -36.72 28.75 -36.22
N TRP H 111 -37.12 29.29 -37.37
CA TRP H 111 -36.88 30.68 -37.72
C TRP H 111 -38.20 31.38 -38.03
N GLY H 112 -38.25 32.67 -37.77
CA GLY H 112 -39.32 33.48 -38.31
C GLY H 112 -38.99 33.91 -39.73
N GLN H 113 -39.99 34.45 -40.41
CA GLN H 113 -39.75 34.86 -41.80
C GLN H 113 -39.04 36.19 -41.91
N GLY H 114 -38.90 36.95 -40.82
CA GLY H 114 -38.08 38.13 -40.81
C GLY H 114 -38.82 39.42 -41.15
N VAL H 115 -38.21 40.53 -40.76
CA VAL H 115 -38.74 41.87 -41.00
C VAL H 115 -37.63 42.72 -41.60
N VAL H 116 -38.01 43.63 -42.48
CA VAL H 116 -37.05 44.45 -43.22
C VAL H 116 -36.68 45.66 -42.38
N VAL H 117 -35.39 45.95 -42.30
CA VAL H 117 -34.86 47.13 -41.63
C VAL H 117 -33.99 47.87 -42.64
N THR H 118 -34.34 49.12 -42.93
CA THR H 118 -33.64 49.91 -43.93
C THR H 118 -33.12 51.18 -43.27
N VAL H 119 -31.81 51.32 -43.24
CA VAL H 119 -31.14 52.53 -42.72
C VAL H 119 -30.64 53.33 -43.91
N SER H 120 -31.09 54.57 -44.02
CA SER H 120 -30.72 55.43 -45.15
C SER H 120 -30.92 56.88 -44.76
N SER H 121 -30.10 57.76 -45.34
CA SER H 121 -30.16 59.17 -44.97
C SER H 121 -31.24 59.90 -45.74
N ALA H 122 -31.43 59.54 -47.01
CA ALA H 122 -32.48 60.17 -47.82
C ALA H 122 -33.85 59.61 -47.42
N SER H 123 -34.89 60.33 -47.82
CA SER H 123 -36.26 59.84 -47.67
C SER H 123 -36.94 59.91 -49.02
N THR H 124 -36.60 60.93 -49.80
CA THR H 124 -37.04 61.05 -51.19
C THR H 124 -35.99 61.84 -51.95
N LYS H 125 -35.52 61.26 -53.05
CA LYS H 125 -34.43 61.84 -53.81
C LYS H 125 -34.64 61.44 -55.25
N GLY H 126 -34.44 62.39 -56.16
CA GLY H 126 -34.57 62.11 -57.57
C GLY H 126 -33.26 61.60 -58.12
N PRO H 127 -33.31 60.93 -59.26
CA PRO H 127 -32.09 60.36 -59.82
C PRO H 127 -31.39 61.36 -60.74
N SER H 128 -30.14 61.06 -61.02
CA SER H 128 -29.36 61.80 -62.00
C SER H 128 -29.02 60.84 -63.12
N VAL H 129 -29.46 61.15 -64.32
CA VAL H 129 -29.37 60.23 -65.44
C VAL H 129 -28.18 60.60 -66.29
N PHE H 130 -27.42 59.58 -66.69
CA PHE H 130 -26.27 59.77 -67.56
C PHE H 130 -26.34 58.73 -68.66
N PRO H 131 -25.97 59.09 -69.87
CA PRO H 131 -26.08 58.15 -71.00
C PRO H 131 -24.91 57.17 -71.00
N LEU H 132 -25.08 56.12 -71.81
CA LEU H 132 -24.08 55.08 -72.00
C LEU H 132 -23.94 54.89 -73.51
N ALA H 133 -23.05 55.67 -74.13
CA ALA H 133 -22.87 55.66 -75.58
C ALA H 133 -22.04 54.46 -75.99
N PRO H 134 -22.15 54.01 -77.26
CA PRO H 134 -21.39 52.82 -77.67
C PRO H 134 -19.89 53.05 -77.67
N SER H 135 -19.40 53.92 -78.55
CA SER H 135 -17.99 54.33 -78.60
C SER H 135 -17.02 53.17 -78.82
N SER H 136 -17.54 51.95 -78.90
CA SER H 136 -16.79 50.77 -79.31
C SER H 136 -17.69 49.92 -80.22
N ARG H 137 -17.09 49.28 -81.21
CA ARG H 137 -17.88 48.67 -82.27
C ARG H 137 -18.42 47.30 -81.87
N SER H 138 -17.55 46.45 -81.32
CA SER H 138 -17.80 45.11 -80.78
C SER H 138 -17.95 44.03 -81.87
N THR H 139 -18.00 44.41 -83.16
CA THR H 139 -17.81 43.51 -84.31
C THR H 139 -18.57 42.18 -84.21
N SER H 140 -19.69 42.13 -83.50
CA SER H 140 -20.53 40.93 -83.51
C SER H 140 -21.73 41.15 -84.43
N GLU H 141 -21.42 41.31 -85.71
CA GLU H 141 -22.41 41.56 -86.76
C GLU H 141 -23.32 42.74 -86.38
N SER H 142 -22.69 43.87 -86.07
CA SER H 142 -23.36 45.16 -85.89
C SER H 142 -24.27 45.20 -84.66
N THR H 143 -23.72 44.90 -83.48
CA THR H 143 -24.48 44.79 -82.24
C THR H 143 -24.29 46.00 -81.34
N ALA H 144 -24.25 47.21 -81.90
CA ALA H 144 -24.02 48.40 -81.08
C ALA H 144 -25.00 48.45 -79.93
N ALA H 145 -24.48 48.68 -78.73
CA ALA H 145 -25.26 48.63 -77.50
C ALA H 145 -25.09 49.93 -76.72
N LEU H 146 -26.21 50.59 -76.42
CA LEU H 146 -26.20 51.85 -75.70
C LEU H 146 -27.23 51.81 -74.57
N GLY H 147 -27.04 52.68 -73.59
CA GLY H 147 -27.92 52.71 -72.45
C GLY H 147 -27.87 54.01 -71.69
N CYS H 148 -28.42 53.99 -70.47
CA CYS H 148 -28.44 55.13 -69.59
C CYS H 148 -28.33 54.66 -68.16
N LEU H 149 -27.57 55.40 -67.34
CA LEU H 149 -27.39 55.07 -65.94
C LEU H 149 -28.31 55.94 -65.09
N VAL H 150 -29.01 55.32 -64.15
CA VAL H 150 -29.91 55.99 -63.23
C VAL H 150 -29.27 55.91 -61.85
N LYS H 151 -28.72 57.02 -61.38
CA LYS H 151 -27.83 57.03 -60.23
C LYS H 151 -28.51 57.68 -59.03
N ASP H 152 -28.39 57.03 -57.87
CA ASP H 152 -28.64 57.62 -56.55
C ASP H 152 -30.07 58.18 -56.44
N TYR H 153 -31.04 57.26 -56.46
CA TYR H 153 -32.41 57.63 -56.15
C TYR H 153 -32.96 56.81 -54.99
N PHE H 154 -33.72 57.44 -54.09
CA PHE H 154 -34.31 56.77 -52.86
C PHE H 154 -35.48 55.73 -52.79
N PRO H 155 -36.60 56.03 -53.42
CA PRO H 155 -37.75 55.10 -53.42
C PRO H 155 -37.64 54.14 -54.60
N GLU H 156 -37.70 52.87 -54.25
CA GLU H 156 -37.27 51.94 -55.29
C GLU H 156 -37.97 52.02 -56.65
N PRO H 157 -39.31 52.21 -56.75
CA PRO H 157 -39.95 52.20 -58.07
C PRO H 157 -39.35 53.19 -59.07
N VAL H 158 -38.74 52.65 -60.13
CA VAL H 158 -38.25 53.44 -61.26
C VAL H 158 -38.51 52.67 -62.54
N THR H 159 -39.28 53.26 -63.46
CA THR H 159 -39.61 52.68 -64.75
C THR H 159 -38.83 53.39 -65.86
N VAL H 160 -38.25 52.60 -66.77
CA VAL H 160 -37.44 53.12 -67.86
C VAL H 160 -38.07 52.71 -69.18
N SER H 161 -38.24 53.68 -70.08
CA SER H 161 -38.68 53.45 -71.45
C SER H 161 -37.60 53.94 -72.42
N TRP H 162 -37.82 53.68 -73.70
CA TRP H 162 -36.91 54.12 -74.76
C TRP H 162 -37.70 54.62 -75.95
N ASN H 163 -37.42 55.85 -76.37
CA ASN H 163 -38.07 56.48 -77.51
C ASN H 163 -39.59 56.44 -77.37
N SER H 164 -40.05 56.77 -76.16
CA SER H 164 -41.48 56.85 -75.83
C SER H 164 -42.21 55.55 -76.15
N GLY H 165 -41.60 54.42 -75.78
CA GLY H 165 -42.22 53.13 -75.97
C GLY H 165 -42.12 52.55 -77.36
N SER H 166 -41.59 53.30 -78.32
CA SER H 166 -41.43 52.79 -79.68
C SER H 166 -40.41 51.66 -79.73
N LEU H 167 -39.33 51.76 -78.96
CA LEU H 167 -38.22 50.80 -79.02
C LEU H 167 -38.39 49.79 -77.88
N THR H 168 -38.72 48.55 -78.24
CA THR H 168 -38.90 47.48 -77.28
C THR H 168 -38.01 46.26 -77.51
N SER H 169 -37.61 45.97 -78.74
CA SER H 169 -36.79 44.81 -79.01
C SER H 169 -35.34 45.08 -78.59
N GLY H 170 -34.76 44.15 -77.86
CA GLY H 170 -33.40 44.30 -77.38
C GLY H 170 -33.24 45.16 -76.17
N VAL H 171 -34.33 45.47 -75.46
CA VAL H 171 -34.26 46.28 -74.26
C VAL H 171 -33.96 45.37 -73.09
N HIS H 172 -33.07 45.81 -72.21
CA HIS H 172 -32.71 45.03 -71.03
C HIS H 172 -32.52 46.02 -69.89
N THR H 173 -33.53 46.14 -69.04
CA THR H 173 -33.45 46.98 -67.86
C THR H 173 -33.11 46.10 -66.67
N PHE H 174 -32.13 46.48 -65.94
CA PHE H 174 -31.61 45.58 -64.94
C PHE H 174 -32.11 45.96 -63.55
N PRO H 175 -32.20 44.99 -62.65
CA PRO H 175 -32.59 45.30 -61.27
C PRO H 175 -31.62 46.27 -60.62
N ALA H 176 -32.15 47.06 -59.70
CA ALA H 176 -31.34 48.13 -59.12
C ALA H 176 -30.44 47.55 -58.03
N VAL H 177 -29.40 48.31 -57.70
CA VAL H 177 -28.49 47.98 -56.62
C VAL H 177 -28.85 48.79 -55.38
N LEU H 178 -28.41 48.30 -54.23
CA LEU H 178 -28.50 49.03 -52.97
C LEU H 178 -27.09 49.25 -52.45
N GLN H 179 -26.63 50.50 -52.48
CA GLN H 179 -25.29 50.78 -52.01
C GLN H 179 -25.35 51.11 -50.53
N SER H 180 -24.17 51.12 -49.89
CA SER H 180 -24.08 51.38 -48.46
C SER H 180 -24.53 52.79 -48.08
N SER H 181 -24.61 53.71 -49.06
CA SER H 181 -25.12 55.05 -48.79
C SER H 181 -26.63 55.09 -48.58
N GLY H 182 -27.35 54.01 -48.89
CA GLY H 182 -28.78 53.98 -48.73
C GLY H 182 -29.57 54.30 -49.99
N LEU H 183 -28.89 54.57 -51.10
CA LEU H 183 -29.55 54.95 -52.35
C LEU H 183 -29.48 53.79 -53.35
N TYR H 184 -30.31 53.88 -54.38
CA TYR H 184 -30.38 52.87 -55.43
C TYR H 184 -29.77 53.40 -56.72
N SER H 185 -29.23 52.48 -57.51
CA SER H 185 -28.71 52.82 -58.84
C SER H 185 -29.18 51.77 -59.83
N LEU H 186 -29.46 52.21 -61.06
CA LEU H 186 -30.11 51.37 -62.06
C LEU H 186 -29.66 51.80 -63.45
N SER H 187 -29.68 50.85 -64.38
CA SER H 187 -29.39 51.15 -65.78
C SER H 187 -30.33 50.36 -66.67
N SER H 188 -30.48 50.85 -67.90
CA SER H 188 -31.29 50.19 -68.92
C SER H 188 -30.59 50.34 -70.26
N VAL H 189 -30.59 49.26 -71.03
CA VAL H 189 -29.74 49.11 -72.20
C VAL H 189 -30.53 48.52 -73.37
N VAL H 190 -30.14 48.93 -74.59
CA VAL H 190 -30.76 48.45 -75.81
C VAL H 190 -29.66 48.02 -76.77
N THR H 191 -29.92 46.94 -77.51
CA THR H 191 -29.05 46.49 -78.60
C THR H 191 -29.64 47.01 -79.90
N VAL H 192 -28.83 47.74 -80.67
CA VAL H 192 -29.31 48.50 -81.82
C VAL H 192 -28.38 48.25 -83.00
N PRO H 193 -28.87 48.16 -84.23
CA PRO H 193 -27.96 48.06 -85.38
C PRO H 193 -26.98 49.23 -85.43
N SER H 194 -25.73 48.91 -85.73
CA SER H 194 -24.70 49.94 -85.78
C SER H 194 -24.88 50.89 -86.95
N SER H 195 -25.58 50.47 -88.00
CA SER H 195 -25.82 51.33 -89.14
C SER H 195 -26.83 52.43 -88.85
N SER H 196 -27.55 52.35 -87.73
CA SER H 196 -28.57 53.34 -87.39
C SER H 196 -28.10 54.34 -86.36
N LEU H 197 -26.86 54.22 -85.88
CA LEU H 197 -26.32 55.17 -84.91
C LEU H 197 -26.29 56.58 -85.47
N GLY H 198 -26.03 56.71 -86.77
CA GLY H 198 -26.00 58.01 -87.42
C GLY H 198 -27.32 58.48 -87.96
N THR H 199 -28.35 57.64 -87.89
CA THR H 199 -29.70 57.97 -88.33
C THR H 199 -30.70 58.04 -87.18
N GLN H 200 -30.61 57.10 -86.22
CA GLN H 200 -31.57 56.98 -85.14
C GLN H 200 -31.06 57.69 -83.88
N THR H 201 -31.89 58.57 -83.33
CA THR H 201 -31.59 59.27 -82.08
C THR H 201 -32.09 58.46 -80.90
N TYR H 202 -31.18 58.16 -79.97
CA TYR H 202 -31.51 57.35 -78.80
C TYR H 202 -31.96 58.26 -77.66
N VAL H 203 -33.13 57.95 -77.09
CA VAL H 203 -33.73 58.75 -76.02
C VAL H 203 -34.24 57.77 -74.96
N CYS H 204 -33.86 58.02 -73.71
CA CYS H 204 -34.26 57.17 -72.59
C CYS H 204 -35.23 57.95 -71.71
N ASN H 205 -36.32 57.29 -71.31
CA ASN H 205 -37.39 57.93 -70.55
C ASN H 205 -37.40 57.32 -69.14
N VAL H 206 -36.91 58.08 -68.17
CA VAL H 206 -36.84 57.66 -66.78
C VAL H 206 -37.99 58.30 -66.03
N ASN H 207 -38.72 57.49 -65.27
CA ASN H 207 -39.83 57.97 -64.46
C ASN H 207 -39.61 57.55 -63.01
N HIS H 208 -39.52 58.53 -62.12
CA HIS H 208 -39.39 58.29 -60.68
C HIS H 208 -40.54 59.02 -60.00
N LYS H 209 -41.70 58.35 -59.91
CA LYS H 209 -42.86 58.98 -59.30
C LYS H 209 -42.68 59.38 -57.83
N PRO H 210 -42.02 58.57 -56.95
CA PRO H 210 -41.93 58.96 -55.53
C PRO H 210 -41.39 60.36 -55.31
N SER H 211 -40.63 60.88 -56.26
CA SER H 211 -40.17 62.26 -56.21
C SER H 211 -40.76 63.08 -57.35
N ASN H 212 -41.68 62.50 -58.13
CA ASN H 212 -42.41 63.20 -59.20
C ASN H 212 -41.42 63.85 -60.18
N THR H 213 -40.46 63.06 -60.63
CA THR H 213 -39.43 63.51 -61.55
C THR H 213 -39.46 62.67 -62.83
N LYS H 214 -39.35 63.35 -63.98
CA LYS H 214 -39.27 62.71 -65.29
C LYS H 214 -38.09 63.25 -66.09
N VAL H 215 -37.18 62.34 -66.47
CA VAL H 215 -35.98 62.69 -67.22
C VAL H 215 -36.02 61.97 -68.57
N ASP H 216 -35.83 62.73 -69.64
CA ASP H 216 -35.62 62.18 -70.98
C ASP H 216 -34.18 62.49 -71.35
N LYS H 217 -33.36 61.45 -71.43
CA LYS H 217 -31.93 61.62 -71.68
C LYS H 217 -31.64 61.24 -73.12
N ARG H 218 -30.95 62.12 -73.82
CA ARG H 218 -30.49 61.83 -75.18
C ARG H 218 -29.34 60.85 -75.16
#